data_2QU9
# 
_entry.id   2QU9 
# 
_audit_conform.dict_name       mmcif_pdbx.dic 
_audit_conform.dict_version    5.397 
_audit_conform.dict_location   http://mmcif.pdb.org/dictionaries/ascii/mmcif_pdbx.dic 
# 
loop_
_database_2.database_id 
_database_2.database_code 
_database_2.pdbx_database_accession 
_database_2.pdbx_DOI 
PDB   2QU9         pdb_00002qu9 10.2210/pdb2qu9/pdb 
RCSB  RCSB044062   ?            ?                   
WWPDB D_1000044062 ?            ?                   
# 
loop_
_pdbx_audit_revision_history.ordinal 
_pdbx_audit_revision_history.data_content_type 
_pdbx_audit_revision_history.major_revision 
_pdbx_audit_revision_history.minor_revision 
_pdbx_audit_revision_history.revision_date 
1 'Structure model' 1 0 2007-08-14 
2 'Structure model' 1 1 2011-07-13 
3 'Structure model' 1 2 2023-10-25 
4 'Structure model' 1 3 2024-10-30 
# 
_pdbx_audit_revision_details.ordinal             1 
_pdbx_audit_revision_details.revision_ordinal    1 
_pdbx_audit_revision_details.data_content_type   'Structure model' 
_pdbx_audit_revision_details.provider            repository 
_pdbx_audit_revision_details.type                'Initial release' 
_pdbx_audit_revision_details.description         ? 
_pdbx_audit_revision_details.details             ? 
# 
loop_
_pdbx_audit_revision_group.ordinal 
_pdbx_audit_revision_group.revision_ordinal 
_pdbx_audit_revision_group.data_content_type 
_pdbx_audit_revision_group.group 
1 2 'Structure model' 'Version format compliance' 
2 3 'Structure model' 'Data collection'           
3 3 'Structure model' 'Database references'       
4 3 'Structure model' 'Derived calculations'      
5 3 'Structure model' 'Refinement description'    
6 4 'Structure model' 'Structure summary'         
# 
loop_
_pdbx_audit_revision_category.ordinal 
_pdbx_audit_revision_category.revision_ordinal 
_pdbx_audit_revision_category.data_content_type 
_pdbx_audit_revision_category.category 
1 3 'Structure model' chem_comp_atom                
2 3 'Structure model' chem_comp_bond                
3 3 'Structure model' database_2                    
4 3 'Structure model' pdbx_initial_refinement_model 
5 3 'Structure model' struct_site                   
6 4 'Structure model' pdbx_entry_details            
7 4 'Structure model' pdbx_modification_feature     
# 
loop_
_pdbx_audit_revision_item.ordinal 
_pdbx_audit_revision_item.revision_ordinal 
_pdbx_audit_revision_item.data_content_type 
_pdbx_audit_revision_item.item 
1 3 'Structure model' '_database_2.pdbx_DOI'                
2 3 'Structure model' '_database_2.pdbx_database_accession' 
3 3 'Structure model' '_struct_site.pdbx_auth_asym_id'      
4 3 'Structure model' '_struct_site.pdbx_auth_comp_id'      
5 3 'Structure model' '_struct_site.pdbx_auth_seq_id'       
# 
_pdbx_database_status.status_code                     REL 
_pdbx_database_status.entry_id                        2QU9 
_pdbx_database_status.recvd_initial_deposition_date   2007-08-04 
_pdbx_database_status.deposit_site                    RCSB 
_pdbx_database_status.process_site                    PDBJ 
_pdbx_database_status.status_code_sf                  ? 
_pdbx_database_status.status_code_mr                  ? 
_pdbx_database_status.SG_entry                        ? 
_pdbx_database_status.pdb_format_compatible           Y 
_pdbx_database_status.status_code_cs                  ? 
_pdbx_database_status.status_code_nmr_data            ? 
_pdbx_database_status.methods_development_category    ? 
# 
_pdbx_database_related.db_name        PDB 
_pdbx_database_related.db_id          1ZR8 
_pdbx_database_related.details        'pla2 complexed with ajmaline' 
_pdbx_database_related.content_type   unspecified 
# 
loop_
_audit_author.name 
_audit_author.pdbx_ordinal 
'Kumar, S.'      1 
'Vikram, G.'     2 
'Singh, N.'      3 
'Sinha, M.'      4 
'Sharma, S.'     5 
'Kaur, P.'       6 
'Srinivasan, A.' 7 
'Singh, T.P.'    8 
# 
_citation.id                        primary 
_citation.title                     'Crystal structure of the complex of group II phospholipase A2 with Eugenol' 
_citation.journal_abbrev            'To be Published' 
_citation.journal_volume            ? 
_citation.page_first                ? 
_citation.page_last                 ? 
_citation.year                      ? 
_citation.journal_id_ASTM           ? 
_citation.country                   ? 
_citation.journal_id_ISSN           ? 
_citation.journal_id_CSD            0353 
_citation.book_publisher            ? 
_citation.pdbx_database_id_PubMed   ? 
_citation.pdbx_database_id_DOI      ? 
# 
loop_
_citation_author.citation_id 
_citation_author.name 
_citation_author.ordinal 
_citation_author.identifier_ORCID 
primary 'Kumar, S.'      1 ? 
primary 'Vikram, G.'     2 ? 
primary 'Singh, N.'      3 ? 
primary 'Sinha, M.'      4 ? 
primary 'Sharma, S.'     5 ? 
primary 'Kaur, P.'       6 ? 
primary 'Srinivasan, A.' 7 ? 
primary 'Singh, T.P.'    8 ? 
# 
loop_
_entity.id 
_entity.type 
_entity.src_method 
_entity.pdbx_description 
_entity.formula_weight 
_entity.pdbx_number_of_molecules 
_entity.pdbx_ec 
_entity.pdbx_mutation 
_entity.pdbx_fragment 
_entity.details 
1 polymer     nat 'Phospholipase A2 VRV-PL-VIIIa'           13629.767 1  3.1.1.4 ? ? ? 
2 non-polymer syn 'SULFATE ION'                             96.063    1  ?       ? ? ? 
3 non-polymer syn '2-methoxy-4-[(1E)-prop-1-en-1-yl]phenol' 164.201   1  ?       ? ? ? 
4 water       nat water                                     18.015    73 ?       ? ? ? 
# 
_entity_name_com.entity_id   1 
_entity_name_com.name        'Phosphatidylcholine 2- acylhydrolase, DPLA2' 
# 
_entity_poly.entity_id                      1 
_entity_poly.type                           'polypeptide(L)' 
_entity_poly.nstd_linkage                   no 
_entity_poly.nstd_monomer                   no 
_entity_poly.pdbx_seq_one_letter_code       
;SLLEFGKMILEETGKLAIPSYSSYGCYCGWGGKGTPKDATDRCCFVHDCCYGNLPDCNPKSDRYKYKRVNGAIVCEKGTS
CENRICECDKAAAICFRQNLNTYSKKYMLYPDFLCKGELKC
;
_entity_poly.pdbx_seq_one_letter_code_can   
;SLLEFGKMILEETGKLAIPSYSSYGCYCGWGGKGTPKDATDRCCFVHDCCYGNLPDCNPKSDRYKYKRVNGAIVCEKGTS
CENRICECDKAAAICFRQNLNTYSKKYMLYPDFLCKGELKC
;
_entity_poly.pdbx_strand_id                 A 
_entity_poly.pdbx_target_identifier         ? 
# 
loop_
_pdbx_entity_nonpoly.entity_id 
_pdbx_entity_nonpoly.name 
_pdbx_entity_nonpoly.comp_id 
2 'SULFATE ION'                             SO4 
3 '2-methoxy-4-[(1E)-prop-1-en-1-yl]phenol' EUG 
4 water                                     HOH 
# 
loop_
_entity_poly_seq.entity_id 
_entity_poly_seq.num 
_entity_poly_seq.mon_id 
_entity_poly_seq.hetero 
1 1   SER n 
1 2   LEU n 
1 3   LEU n 
1 4   GLU n 
1 5   PHE n 
1 6   GLY n 
1 7   LYS n 
1 8   MET n 
1 9   ILE n 
1 10  LEU n 
1 11  GLU n 
1 12  GLU n 
1 13  THR n 
1 14  GLY n 
1 15  LYS n 
1 16  LEU n 
1 17  ALA n 
1 18  ILE n 
1 19  PRO n 
1 20  SER n 
1 21  TYR n 
1 22  SER n 
1 23  SER n 
1 24  TYR n 
1 25  GLY n 
1 26  CYS n 
1 27  TYR n 
1 28  CYS n 
1 29  GLY n 
1 30  TRP n 
1 31  GLY n 
1 32  GLY n 
1 33  LYS n 
1 34  GLY n 
1 35  THR n 
1 36  PRO n 
1 37  LYS n 
1 38  ASP n 
1 39  ALA n 
1 40  THR n 
1 41  ASP n 
1 42  ARG n 
1 43  CYS n 
1 44  CYS n 
1 45  PHE n 
1 46  VAL n 
1 47  HIS n 
1 48  ASP n 
1 49  CYS n 
1 50  CYS n 
1 51  TYR n 
1 52  GLY n 
1 53  ASN n 
1 54  LEU n 
1 55  PRO n 
1 56  ASP n 
1 57  CYS n 
1 58  ASN n 
1 59  PRO n 
1 60  LYS n 
1 61  SER n 
1 62  ASP n 
1 63  ARG n 
1 64  TYR n 
1 65  LYS n 
1 66  TYR n 
1 67  LYS n 
1 68  ARG n 
1 69  VAL n 
1 70  ASN n 
1 71  GLY n 
1 72  ALA n 
1 73  ILE n 
1 74  VAL n 
1 75  CYS n 
1 76  GLU n 
1 77  LYS n 
1 78  GLY n 
1 79  THR n 
1 80  SER n 
1 81  CYS n 
1 82  GLU n 
1 83  ASN n 
1 84  ARG n 
1 85  ILE n 
1 86  CYS n 
1 87  GLU n 
1 88  CYS n 
1 89  ASP n 
1 90  LYS n 
1 91  ALA n 
1 92  ALA n 
1 93  ALA n 
1 94  ILE n 
1 95  CYS n 
1 96  PHE n 
1 97  ARG n 
1 98  GLN n 
1 99  ASN n 
1 100 LEU n 
1 101 ASN n 
1 102 THR n 
1 103 TYR n 
1 104 SER n 
1 105 LYS n 
1 106 LYS n 
1 107 TYR n 
1 108 MET n 
1 109 LEU n 
1 110 TYR n 
1 111 PRO n 
1 112 ASP n 
1 113 PHE n 
1 114 LEU n 
1 115 CYS n 
1 116 LYS n 
1 117 GLY n 
1 118 GLU n 
1 119 LEU n 
1 120 LYS n 
1 121 CYS n 
# 
_entity_src_nat.entity_id                  1 
_entity_src_nat.pdbx_src_id                1 
_entity_src_nat.pdbx_alt_source_flag       sample 
_entity_src_nat.pdbx_beg_seq_num           ? 
_entity_src_nat.pdbx_end_seq_num           ? 
_entity_src_nat.common_name                ? 
_entity_src_nat.pdbx_organism_scientific   'Daboia russellii pulchella' 
_entity_src_nat.pdbx_ncbi_taxonomy_id      97228 
_entity_src_nat.genus                      Daboia 
_entity_src_nat.species                    'Daboia russellii' 
_entity_src_nat.strain                     pulchella 
_entity_src_nat.tissue                     ? 
_entity_src_nat.tissue_fraction            ? 
_entity_src_nat.pdbx_secretion             ? 
_entity_src_nat.pdbx_fragment              ? 
_entity_src_nat.pdbx_variant               ? 
_entity_src_nat.pdbx_cell_line             ? 
_entity_src_nat.pdbx_atcc                  ? 
_entity_src_nat.pdbx_cellular_location     ? 
_entity_src_nat.pdbx_organ                 ? 
_entity_src_nat.pdbx_organelle             ? 
_entity_src_nat.pdbx_cell                  ? 
_entity_src_nat.pdbx_plasmid_name          ? 
_entity_src_nat.pdbx_plasmid_details       ? 
_entity_src_nat.details                    ? 
# 
loop_
_chem_comp.id 
_chem_comp.type 
_chem_comp.mon_nstd_flag 
_chem_comp.name 
_chem_comp.pdbx_synonyms 
_chem_comp.formula 
_chem_comp.formula_weight 
ALA 'L-peptide linking' y ALANINE                                   ?          'C3 H7 N O2'     89.093  
ARG 'L-peptide linking' y ARGININE                                  ?          'C6 H15 N4 O2 1' 175.209 
ASN 'L-peptide linking' y ASPARAGINE                                ?          'C4 H8 N2 O3'    132.118 
ASP 'L-peptide linking' y 'ASPARTIC ACID'                           ?          'C4 H7 N O4'     133.103 
CYS 'L-peptide linking' y CYSTEINE                                  ?          'C3 H7 N O2 S'   121.158 
EUG non-polymer         . '2-methoxy-4-[(1E)-prop-1-en-1-yl]phenol' Isoeugenol 'C10 H12 O2'     164.201 
GLN 'L-peptide linking' y GLUTAMINE                                 ?          'C5 H10 N2 O3'   146.144 
GLU 'L-peptide linking' y 'GLUTAMIC ACID'                           ?          'C5 H9 N O4'     147.129 
GLY 'peptide linking'   y GLYCINE                                   ?          'C2 H5 N O2'     75.067  
HIS 'L-peptide linking' y HISTIDINE                                 ?          'C6 H10 N3 O2 1' 156.162 
HOH non-polymer         . WATER                                     ?          'H2 O'           18.015  
ILE 'L-peptide linking' y ISOLEUCINE                                ?          'C6 H13 N O2'    131.173 
LEU 'L-peptide linking' y LEUCINE                                   ?          'C6 H13 N O2'    131.173 
LYS 'L-peptide linking' y LYSINE                                    ?          'C6 H15 N2 O2 1' 147.195 
MET 'L-peptide linking' y METHIONINE                                ?          'C5 H11 N O2 S'  149.211 
PHE 'L-peptide linking' y PHENYLALANINE                             ?          'C9 H11 N O2'    165.189 
PRO 'L-peptide linking' y PROLINE                                   ?          'C5 H9 N O2'     115.130 
SER 'L-peptide linking' y SERINE                                    ?          'C3 H7 N O3'     105.093 
SO4 non-polymer         . 'SULFATE ION'                             ?          'O4 S -2'        96.063  
THR 'L-peptide linking' y THREONINE                                 ?          'C4 H9 N O3'     119.119 
TRP 'L-peptide linking' y TRYPTOPHAN                                ?          'C11 H12 N2 O2'  204.225 
TYR 'L-peptide linking' y TYROSINE                                  ?          'C9 H11 N O3'    181.189 
VAL 'L-peptide linking' y VALINE                                    ?          'C5 H11 N O2'    117.146 
# 
loop_
_pdbx_poly_seq_scheme.asym_id 
_pdbx_poly_seq_scheme.entity_id 
_pdbx_poly_seq_scheme.seq_id 
_pdbx_poly_seq_scheme.mon_id 
_pdbx_poly_seq_scheme.ndb_seq_num 
_pdbx_poly_seq_scheme.pdb_seq_num 
_pdbx_poly_seq_scheme.auth_seq_num 
_pdbx_poly_seq_scheme.pdb_mon_id 
_pdbx_poly_seq_scheme.auth_mon_id 
_pdbx_poly_seq_scheme.pdb_strand_id 
_pdbx_poly_seq_scheme.pdb_ins_code 
_pdbx_poly_seq_scheme.hetero 
A 1 1   SER 1   1   1   SER SER A . n 
A 1 2   LEU 2   2   2   LEU LEU A . n 
A 1 3   LEU 3   3   3   LEU LEU A . n 
A 1 4   GLU 4   4   4   GLU GLU A . n 
A 1 5   PHE 5   5   5   PHE PHE A . n 
A 1 6   GLY 6   6   6   GLY GLY A . n 
A 1 7   LYS 7   7   7   LYS LYS A . n 
A 1 8   MET 8   8   8   MET MET A . n 
A 1 9   ILE 9   9   9   ILE ILE A . n 
A 1 10  LEU 10  10  10  LEU LEU A . n 
A 1 11  GLU 11  11  11  GLU GLU A . n 
A 1 12  GLU 12  12  12  GLU GLU A . n 
A 1 13  THR 13  13  13  THR THR A . n 
A 1 14  GLY 14  14  14  GLY GLY A . n 
A 1 15  LYS 15  16  16  LYS LYS A . n 
A 1 16  LEU 16  17  17  LEU LEU A . n 
A 1 17  ALA 17  18  18  ALA ALA A . n 
A 1 18  ILE 18  19  19  ILE ILE A . n 
A 1 19  PRO 19  20  20  PRO PRO A . n 
A 1 20  SER 20  21  21  SER SER A . n 
A 1 21  TYR 21  22  22  TYR TYR A . n 
A 1 22  SER 22  23  23  SER SER A . n 
A 1 23  SER 23  24  24  SER SER A . n 
A 1 24  TYR 24  25  25  TYR TYR A . n 
A 1 25  GLY 25  26  26  GLY GLY A . n 
A 1 26  CYS 26  27  27  CYS CYS A . n 
A 1 27  TYR 27  28  28  TYR TYR A . n 
A 1 28  CYS 28  29  29  CYS CYS A . n 
A 1 29  GLY 29  30  30  GLY GLY A . n 
A 1 30  TRP 30  31  31  TRP TRP A . n 
A 1 31  GLY 31  32  32  GLY GLY A . n 
A 1 32  GLY 32  33  33  GLY GLY A . n 
A 1 33  LYS 33  34  34  LYS LYS A . n 
A 1 34  GLY 34  35  35  GLY GLY A . n 
A 1 35  THR 35  36  36  THR THR A . n 
A 1 36  PRO 36  37  37  PRO PRO A . n 
A 1 37  LYS 37  38  38  LYS LYS A . n 
A 1 38  ASP 38  39  39  ASP ASP A . n 
A 1 39  ALA 39  40  40  ALA ALA A . n 
A 1 40  THR 40  41  41  THR THR A . n 
A 1 41  ASP 41  42  42  ASP ASP A . n 
A 1 42  ARG 42  43  43  ARG ARG A . n 
A 1 43  CYS 43  44  44  CYS CYS A . n 
A 1 44  CYS 44  45  45  CYS CYS A . n 
A 1 45  PHE 45  46  46  PHE PHE A . n 
A 1 46  VAL 46  47  47  VAL VAL A . n 
A 1 47  HIS 47  48  48  HIS HIS A . n 
A 1 48  ASP 48  49  49  ASP ASP A . n 
A 1 49  CYS 49  50  50  CYS CYS A . n 
A 1 50  CYS 50  51  51  CYS CYS A . n 
A 1 51  TYR 51  52  52  TYR TYR A . n 
A 1 52  GLY 52  53  53  GLY GLY A . n 
A 1 53  ASN 53  54  54  ASN ASN A . n 
A 1 54  LEU 54  55  55  LEU LEU A . n 
A 1 55  PRO 55  56  56  PRO PRO A . n 
A 1 56  ASP 56  59  59  ASP ASP A . n 
A 1 57  CYS 57  61  61  CYS CYS A . n 
A 1 58  ASN 58  67  67  ASN ASN A . n 
A 1 59  PRO 59  68  68  PRO PRO A . n 
A 1 60  LYS 60  69  69  LYS LYS A . n 
A 1 61  SER 61  70  70  SER SER A . n 
A 1 62  ASP 62  71  71  ASP ASP A . n 
A 1 63  ARG 63  72  72  ARG ARG A . n 
A 1 64  TYR 64  73  73  TYR TYR A . n 
A 1 65  LYS 65  74  74  LYS LYS A . n 
A 1 66  TYR 66  75  75  TYR TYR A . n 
A 1 67  LYS 67  76  76  LYS LYS A . n 
A 1 68  ARG 68  77  77  ARG ARG A . n 
A 1 69  VAL 69  78  78  VAL VAL A . n 
A 1 70  ASN 70  79  79  ASN ASN A . n 
A 1 71  GLY 71  80  80  GLY GLY A . n 
A 1 72  ALA 72  81  81  ALA ALA A . n 
A 1 73  ILE 73  82  82  ILE ILE A . n 
A 1 74  VAL 74  83  83  VAL VAL A . n 
A 1 75  CYS 75  84  84  CYS CYS A . n 
A 1 76  GLU 76  85  85  GLU GLU A . n 
A 1 77  LYS 77  86  86  LYS LYS A . n 
A 1 78  GLY 78  88  88  GLY GLY A . n 
A 1 79  THR 79  89  89  THR THR A . n 
A 1 80  SER 80  90  90  SER SER A . n 
A 1 81  CYS 81  91  91  CYS CYS A . n 
A 1 82  GLU 82  92  92  GLU GLU A . n 
A 1 83  ASN 83  93  93  ASN ASN A . n 
A 1 84  ARG 84  94  94  ARG ARG A . n 
A 1 85  ILE 85  95  95  ILE ILE A . n 
A 1 86  CYS 86  96  96  CYS CYS A . n 
A 1 87  GLU 87  97  97  GLU GLU A . n 
A 1 88  CYS 88  98  98  CYS CYS A . n 
A 1 89  ASP 89  99  99  ASP ASP A . n 
A 1 90  LYS 90  100 100 LYS LYS A . n 
A 1 91  ALA 91  101 101 ALA ALA A . n 
A 1 92  ALA 92  102 102 ALA ALA A . n 
A 1 93  ALA 93  103 103 ALA ALA A . n 
A 1 94  ILE 94  104 104 ILE ILE A . n 
A 1 95  CYS 95  105 105 CYS CYS A . n 
A 1 96  PHE 96  106 106 PHE PHE A . n 
A 1 97  ARG 97  107 107 ARG ARG A . n 
A 1 98  GLN 98  108 108 GLN GLN A . n 
A 1 99  ASN 99  109 109 ASN ASN A . n 
A 1 100 LEU 100 110 110 LEU LEU A . n 
A 1 101 ASN 101 111 111 ASN ASN A . n 
A 1 102 THR 102 112 112 THR THR A . n 
A 1 103 TYR 103 113 113 TYR TYR A . n 
A 1 104 SER 104 114 114 SER SER A . n 
A 1 105 LYS 105 115 115 LYS LYS A . n 
A 1 106 LYS 106 116 116 LYS LYS A . n 
A 1 107 TYR 107 117 117 TYR TYR A . n 
A 1 108 MET 108 118 118 MET MET A . n 
A 1 109 LEU 109 119 119 LEU LEU A . n 
A 1 110 TYR 110 120 120 TYR TYR A . n 
A 1 111 PRO 111 121 121 PRO PRO A . n 
A 1 112 ASP 112 122 122 ASP ASP A . n 
A 1 113 PHE 113 124 124 PHE PHE A . n 
A 1 114 LEU 114 125 125 LEU LEU A . n 
A 1 115 CYS 115 126 126 CYS CYS A . n 
A 1 116 LYS 116 127 127 LYS LYS A . n 
A 1 117 GLY 117 128 128 GLY GLY A . n 
A 1 118 GLU 118 129 129 GLU GLU A . n 
A 1 119 LEU 119 130 130 LEU LEU A . n 
A 1 120 LYS 120 131 131 LYS LYS A . n 
A 1 121 CYS 121 133 133 CYS CYS A . n 
# 
loop_
_pdbx_nonpoly_scheme.asym_id 
_pdbx_nonpoly_scheme.entity_id 
_pdbx_nonpoly_scheme.mon_id 
_pdbx_nonpoly_scheme.ndb_seq_num 
_pdbx_nonpoly_scheme.pdb_seq_num 
_pdbx_nonpoly_scheme.auth_seq_num 
_pdbx_nonpoly_scheme.pdb_mon_id 
_pdbx_nonpoly_scheme.auth_mon_id 
_pdbx_nonpoly_scheme.pdb_strand_id 
_pdbx_nonpoly_scheme.pdb_ins_code 
B 2 SO4 1  301 301 SO4 SO4 A . 
C 3 EUG 1  302 301 EUG EUG A . 
D 4 HOH 1  303 1   HOH HOH A . 
D 4 HOH 2  304 2   HOH HOH A . 
D 4 HOH 3  305 3   HOH HOH A . 
D 4 HOH 4  306 4   HOH HOH A . 
D 4 HOH 5  307 5   HOH HOH A . 
D 4 HOH 6  308 6   HOH HOH A . 
D 4 HOH 7  309 7   HOH HOH A . 
D 4 HOH 8  310 8   HOH HOH A . 
D 4 HOH 9  311 9   HOH HOH A . 
D 4 HOH 10 312 10  HOH HOH A . 
D 4 HOH 11 313 11  HOH HOH A . 
D 4 HOH 12 314 12  HOH HOH A . 
D 4 HOH 13 315 13  HOH HOH A . 
D 4 HOH 14 316 14  HOH HOH A . 
D 4 HOH 15 317 15  HOH HOH A . 
D 4 HOH 16 318 16  HOH HOH A . 
D 4 HOH 17 319 17  HOH HOH A . 
D 4 HOH 18 320 18  HOH HOH A . 
D 4 HOH 19 321 19  HOH HOH A . 
D 4 HOH 20 322 20  HOH HOH A . 
D 4 HOH 21 323 21  HOH HOH A . 
D 4 HOH 22 324 22  HOH HOH A . 
D 4 HOH 23 325 23  HOH HOH A . 
D 4 HOH 24 326 24  HOH HOH A . 
D 4 HOH 25 327 25  HOH HOH A . 
D 4 HOH 26 328 26  HOH HOH A . 
D 4 HOH 27 329 27  HOH HOH A . 
D 4 HOH 28 330 28  HOH HOH A . 
D 4 HOH 29 331 29  HOH HOH A . 
D 4 HOH 30 332 30  HOH HOH A . 
D 4 HOH 31 333 31  HOH HOH A . 
D 4 HOH 32 334 32  HOH HOH A . 
D 4 HOH 33 335 33  HOH HOH A . 
D 4 HOH 34 336 34  HOH HOH A . 
D 4 HOH 35 337 35  HOH HOH A . 
D 4 HOH 36 338 36  HOH HOH A . 
D 4 HOH 37 339 37  HOH HOH A . 
D 4 HOH 38 340 38  HOH HOH A . 
D 4 HOH 39 341 39  HOH HOH A . 
D 4 HOH 40 342 40  HOH HOH A . 
D 4 HOH 41 343 41  HOH HOH A . 
D 4 HOH 42 344 42  HOH HOH A . 
D 4 HOH 43 345 43  HOH HOH A . 
D 4 HOH 44 346 44  HOH HOH A . 
D 4 HOH 45 347 45  HOH HOH A . 
D 4 HOH 46 348 46  HOH HOH A . 
D 4 HOH 47 349 47  HOH HOH A . 
D 4 HOH 48 350 48  HOH HOH A . 
D 4 HOH 49 351 49  HOH HOH A . 
D 4 HOH 50 352 50  HOH HOH A . 
D 4 HOH 51 353 51  HOH HOH A . 
D 4 HOH 52 354 52  HOH HOH A . 
D 4 HOH 53 355 53  HOH HOH A . 
D 4 HOH 54 356 54  HOH HOH A . 
D 4 HOH 55 357 55  HOH HOH A . 
D 4 HOH 56 358 56  HOH HOH A . 
D 4 HOH 57 359 57  HOH HOH A . 
D 4 HOH 58 360 58  HOH HOH A . 
D 4 HOH 59 361 59  HOH HOH A . 
D 4 HOH 60 362 60  HOH HOH A . 
D 4 HOH 61 363 61  HOH HOH A . 
D 4 HOH 62 364 62  HOH HOH A . 
D 4 HOH 63 365 63  HOH HOH A . 
D 4 HOH 64 366 64  HOH HOH A . 
D 4 HOH 65 367 65  HOH HOH A . 
D 4 HOH 66 368 66  HOH HOH A . 
D 4 HOH 67 369 67  HOH HOH A . 
D 4 HOH 68 370 68  HOH HOH A . 
D 4 HOH 69 371 69  HOH HOH A . 
D 4 HOH 70 372 70  HOH HOH A . 
D 4 HOH 71 373 71  HOH HOH A . 
D 4 HOH 72 374 72  HOH HOH A . 
D 4 HOH 73 375 73  HOH HOH A . 
# 
_pdbx_unobs_or_zero_occ_atoms.id               1 
_pdbx_unobs_or_zero_occ_atoms.PDB_model_num    1 
_pdbx_unobs_or_zero_occ_atoms.polymer_flag     N 
_pdbx_unobs_or_zero_occ_atoms.occupancy_flag   1 
_pdbx_unobs_or_zero_occ_atoms.auth_asym_id     A 
_pdbx_unobs_or_zero_occ_atoms.auth_comp_id     EUG 
_pdbx_unobs_or_zero_occ_atoms.auth_seq_id      302 
_pdbx_unobs_or_zero_occ_atoms.PDB_ins_code     ? 
_pdbx_unobs_or_zero_occ_atoms.auth_atom_id     C10 
_pdbx_unobs_or_zero_occ_atoms.label_alt_id     ? 
_pdbx_unobs_or_zero_occ_atoms.label_asym_id    C 
_pdbx_unobs_or_zero_occ_atoms.label_comp_id    EUG 
_pdbx_unobs_or_zero_occ_atoms.label_seq_id     1 
_pdbx_unobs_or_zero_occ_atoms.label_atom_id    C10 
# 
loop_
_software.name 
_software.classification 
_software.version 
_software.citation_id 
_software.pdbx_ordinal 
REFMAC    refinement       5.2.0019 ? 1 
DENZO     'data reduction' .        ? 2 
AUTOMAR   'data reduction' .        ? 3 
SCALEPACK 'data scaling'   .        ? 4 
AMoRE     phasing          .        ? 5 
# 
_cell.entry_id           2QU9 
_cell.length_a           52.795 
_cell.length_b           52.795 
_cell.length_c           48.397 
_cell.angle_alpha        90.00 
_cell.angle_beta         90.00 
_cell.angle_gamma        90.00 
_cell.Z_PDB              4 
_cell.pdbx_unique_axis   ? 
_cell.length_a_esd       ? 
_cell.length_b_esd       ? 
_cell.length_c_esd       ? 
_cell.angle_alpha_esd    ? 
_cell.angle_beta_esd     ? 
_cell.angle_gamma_esd    ? 
# 
_symmetry.entry_id                         2QU9 
_symmetry.space_group_name_H-M             'P 43' 
_symmetry.pdbx_full_space_group_name_H-M   ? 
_symmetry.cell_setting                     ? 
_symmetry.Int_Tables_number                78 
_symmetry.space_group_name_Hall            ? 
# 
_exptl.entry_id          2QU9 
_exptl.method            'X-RAY DIFFRACTION' 
_exptl.crystals_number   1 
# 
_exptl_crystal.id                    1 
_exptl_crystal.density_meas          ? 
_exptl_crystal.density_Matthews      2.47 
_exptl_crystal.density_percent_sol   50.29 
_exptl_crystal.description           ? 
_exptl_crystal.F_000                 ? 
_exptl_crystal.preparation           ? 
# 
_exptl_crystal_grow.crystal_id      1 
_exptl_crystal_grow.method          'VAPOR DIFFUSION, HANGING DROP' 
_exptl_crystal_grow.temp            298 
_exptl_crystal_grow.temp_details    ? 
_exptl_crystal_grow.pH              4.6 
_exptl_crystal_grow.pdbx_details    '0.2M AMMONIUM SULPHATE, 30% PEG 4000, pH 4.6, VAPOR DIFFUSION, HANGING DROP, temperature 298K' 
_exptl_crystal_grow.pdbx_pH_range   . 
# 
_diffrn.id                     1 
_diffrn.ambient_temp           300 
_diffrn.ambient_temp_details   ? 
_diffrn.crystal_id             1 
# 
_diffrn_detector.diffrn_id              1 
_diffrn_detector.detector               'IMAGE PLATE' 
_diffrn_detector.type                   MARRESEARCH 
_diffrn_detector.pdbx_collection_date   2007-07-25 
_diffrn_detector.details                Mirror 
# 
_diffrn_radiation.diffrn_id                        1 
_diffrn_radiation.wavelength_id                    1 
_diffrn_radiation.pdbx_monochromatic_or_laue_m_l   M 
_diffrn_radiation.monochromator                    Graphite 
_diffrn_radiation.pdbx_diffrn_protocol             'SINGLE WAVELENGTH' 
_diffrn_radiation.pdbx_scattering_type             x-ray 
# 
_diffrn_radiation_wavelength.id           1 
_diffrn_radiation_wavelength.wavelength   1.5418 
_diffrn_radiation_wavelength.wt           1.0 
# 
_diffrn_source.diffrn_id                   1 
_diffrn_source.source                      'ROTATING ANODE' 
_diffrn_source.type                        'RIGAKU RU300' 
_diffrn_source.pdbx_synchrotron_site       ? 
_diffrn_source.pdbx_synchrotron_beamline   ? 
_diffrn_source.pdbx_wavelength             ? 
_diffrn_source.pdbx_wavelength_list        1.5418 
# 
_reflns.entry_id                     2QU9 
_reflns.observed_criterion_sigma_F   0.0 
_reflns.observed_criterion_sigma_I   0.0 
_reflns.d_resolution_high            2.08 
_reflns.d_resolution_low             52.78 
_reflns.number_all                   8128 
_reflns.number_obs                   8128 
_reflns.percent_possible_obs         96.7 
_reflns.pdbx_Rmerge_I_obs            ? 
_reflns.pdbx_Rsym_value              0.116 
_reflns.pdbx_netI_over_sigmaI        9.75 
_reflns.B_iso_Wilson_estimate        ? 
_reflns.pdbx_redundancy              ? 
_reflns.R_free_details               ? 
_reflns.limit_h_max                  ? 
_reflns.limit_h_min                  ? 
_reflns.limit_k_max                  ? 
_reflns.limit_k_min                  ? 
_reflns.limit_l_max                  ? 
_reflns.limit_l_min                  ? 
_reflns.observed_criterion_F_max     ? 
_reflns.observed_criterion_F_min     ? 
_reflns.pdbx_chi_squared             ? 
_reflns.pdbx_scaling_rejects         ? 
_reflns.pdbx_diffrn_id               1 
_reflns.pdbx_ordinal                 1 
# 
_reflns_shell.d_res_high             2.08 
_reflns_shell.d_res_low              2.15 
_reflns_shell.percent_possible_all   84.0 
_reflns_shell.Rmerge_I_obs           ? 
_reflns_shell.pdbx_Rsym_value        0.366 
_reflns_shell.meanI_over_sigI_obs    1.51 
_reflns_shell.pdbx_redundancy        ? 
_reflns_shell.percent_possible_obs   ? 
_reflns_shell.number_unique_all      ? 
_reflns_shell.number_measured_all    ? 
_reflns_shell.number_measured_obs    ? 
_reflns_shell.number_unique_obs      ? 
_reflns_shell.pdbx_chi_squared       ? 
_reflns_shell.pdbx_diffrn_id         ? 
_reflns_shell.pdbx_ordinal           1 
# 
_refine.entry_id                                 2QU9 
_refine.ls_number_reflns_obs                     7472 
_refine.ls_number_reflns_all                     8128 
_refine.pdbx_ls_sigma_I                          0.0 
_refine.pdbx_ls_sigma_F                          0.0 
_refine.pdbx_data_cutoff_high_absF               ? 
_refine.pdbx_data_cutoff_low_absF                ? 
_refine.pdbx_data_cutoff_high_rms_absF           ? 
_refine.ls_d_res_low                             52.78 
_refine.ls_d_res_high                            2.08 
_refine.ls_percent_reflns_obs                    96.73 
_refine.ls_R_factor_obs                          0.17668 
_refine.ls_R_factor_all                          0.17781 
_refine.ls_R_factor_R_work                       0.17471 
_refine.ls_R_factor_R_free                       0.2171 
_refine.ls_R_factor_R_free_error                 ? 
_refine.ls_R_factor_R_free_error_details         ? 
_refine.ls_percent_reflns_R_free                 4.6 
_refine.ls_number_reflns_R_free                  362 
_refine.ls_number_parameters                     ? 
_refine.ls_number_restraints                     ? 
_refine.occupancy_min                            ? 
_refine.occupancy_max                            ? 
_refine.correlation_coeff_Fo_to_Fc               0.962 
_refine.correlation_coeff_Fo_to_Fc_free          0.945 
_refine.B_iso_mean                               36.082 
_refine.aniso_B[1][1]                            0.42 
_refine.aniso_B[2][2]                            0.42 
_refine.aniso_B[3][3]                            -0.83 
_refine.aniso_B[1][2]                            0.00 
_refine.aniso_B[1][3]                            0.00 
_refine.aniso_B[2][3]                            0.00 
_refine.solvent_model_details                    MASK 
_refine.solvent_model_param_ksol                 ? 
_refine.solvent_model_param_bsol                 ? 
_refine.pdbx_solvent_vdw_probe_radii             1.20 
_refine.pdbx_solvent_ion_probe_radii             0.80 
_refine.pdbx_solvent_shrinkage_radii             0.80 
_refine.pdbx_ls_cross_valid_method               THROUGHOUT 
_refine.details                                  'HYDROGENS HAVE BEEN ADDED IN THE RIDING POSITIONS' 
_refine.pdbx_starting_model                      1ZR8 
_refine.pdbx_method_to_determine_struct          'MOLECULAR REPLACEMENT' 
_refine.pdbx_isotropic_thermal_model             ? 
_refine.pdbx_stereochemistry_target_values       'MAXIMUM LIKELIHOOD' 
_refine.pdbx_stereochem_target_val_spec_case     ? 
_refine.pdbx_R_Free_selection_details            RANDOM 
_refine.pdbx_overall_ESU_R                       0.208 
_refine.pdbx_overall_ESU_R_Free                  0.173 
_refine.overall_SU_ML                            0.124 
_refine.overall_SU_B                             4.762 
_refine.ls_redundancy_reflns_obs                 ? 
_refine.B_iso_min                                ? 
_refine.B_iso_max                                ? 
_refine.overall_SU_R_Cruickshank_DPI             ? 
_refine.overall_SU_R_free                        ? 
_refine.ls_wR_factor_R_free                      ? 
_refine.ls_wR_factor_R_work                      ? 
_refine.overall_FOM_free_R_set                   ? 
_refine.overall_FOM_work_R_set                   ? 
_refine.pdbx_refine_id                           'X-RAY DIFFRACTION' 
_refine.pdbx_diffrn_id                           1 
_refine.pdbx_TLS_residual_ADP_flag               ? 
_refine.pdbx_overall_phase_error                 ? 
_refine.pdbx_overall_SU_R_free_Cruickshank_DPI   ? 
_refine.pdbx_overall_SU_R_Blow_DPI               ? 
_refine.pdbx_overall_SU_R_free_Blow_DPI          ? 
# 
_refine_hist.pdbx_refine_id                   'X-RAY DIFFRACTION' 
_refine_hist.cycle_id                         LAST 
_refine_hist.pdbx_number_atoms_protein        944 
_refine_hist.pdbx_number_atoms_nucleic_acid   0 
_refine_hist.pdbx_number_atoms_ligand         16 
_refine_hist.number_atoms_solvent             73 
_refine_hist.number_atoms_total               1033 
_refine_hist.d_res_high                       2.08 
_refine_hist.d_res_low                        52.78 
# 
loop_
_refine_ls_restr.type 
_refine_ls_restr.dev_ideal 
_refine_ls_restr.dev_ideal_target 
_refine_ls_restr.weight 
_refine_ls_restr.number 
_refine_ls_restr.pdbx_refine_id 
_refine_ls_restr.pdbx_restraint_function 
r_bond_refined_d             0.020  0.022  ? 979  'X-RAY DIFFRACTION' ? 
r_bond_other_d               ?      ?      ? ?    'X-RAY DIFFRACTION' ? 
r_angle_refined_deg          1.843  1.998  ? 1307 'X-RAY DIFFRACTION' ? 
r_angle_other_deg            ?      ?      ? ?    'X-RAY DIFFRACTION' ? 
r_dihedral_angle_1_deg       6.205  5.000  ? 113  'X-RAY DIFFRACTION' ? 
r_dihedral_angle_2_deg       37.906 23.902 ? 41   'X-RAY DIFFRACTION' ? 
r_dihedral_angle_3_deg       19.274 15.000 ? 174  'X-RAY DIFFRACTION' ? 
r_dihedral_angle_4_deg       20.389 15.000 ? 5    'X-RAY DIFFRACTION' ? 
r_chiral_restr               0.106  0.200  ? 132  'X-RAY DIFFRACTION' ? 
r_gen_planes_refined         0.008  0.020  ? 710  'X-RAY DIFFRACTION' ? 
r_gen_planes_other           ?      ?      ? ?    'X-RAY DIFFRACTION' ? 
r_nbd_refined                0.362  0.200  ? 455  'X-RAY DIFFRACTION' ? 
r_nbd_other                  ?      ?      ? ?    'X-RAY DIFFRACTION' ? 
r_nbtor_refined              0.312  0.200  ? 638  'X-RAY DIFFRACTION' ? 
r_nbtor_other                ?      ?      ? ?    'X-RAY DIFFRACTION' ? 
r_xyhbond_nbd_refined        0.207  0.200  ? 77   'X-RAY DIFFRACTION' ? 
r_xyhbond_nbd_other          ?      ?      ? ?    'X-RAY DIFFRACTION' ? 
r_metal_ion_refined          ?      ?      ? ?    'X-RAY DIFFRACTION' ? 
r_metal_ion_other            ?      ?      ? ?    'X-RAY DIFFRACTION' ? 
r_symmetry_vdw_refined       0.255  0.200  ? 33   'X-RAY DIFFRACTION' ? 
r_symmetry_vdw_other         ?      ?      ? ?    'X-RAY DIFFRACTION' ? 
r_symmetry_hbond_refined     0.204  0.200  ? 11   'X-RAY DIFFRACTION' ? 
r_symmetry_hbond_other       ?      ?      ? ?    'X-RAY DIFFRACTION' ? 
r_symmetry_metal_ion_refined ?      ?      ? ?    'X-RAY DIFFRACTION' ? 
r_symmetry_metal_ion_other   ?      ?      ? ?    'X-RAY DIFFRACTION' ? 
r_mcbond_it                  1.264  1.500  ? 606  'X-RAY DIFFRACTION' ? 
r_mcbond_other               ?      ?      ? ?    'X-RAY DIFFRACTION' ? 
r_mcangle_it                 2.139  2.000  ? 935  'X-RAY DIFFRACTION' ? 
r_scbond_it                  3.020  3.000  ? 429  'X-RAY DIFFRACTION' ? 
r_scangle_it                 4.680  4.500  ? 372  'X-RAY DIFFRACTION' ? 
r_rigid_bond_restr           ?      ?      ? ?    'X-RAY DIFFRACTION' ? 
r_sphericity_free            ?      ?      ? ?    'X-RAY DIFFRACTION' ? 
r_sphericity_bonded          ?      ?      ? ?    'X-RAY DIFFRACTION' ? 
# 
_refine_ls_shell.pdbx_total_number_of_bins_used   20 
_refine_ls_shell.d_res_high                       2.080 
_refine_ls_shell.d_res_low                        2.134 
_refine_ls_shell.number_reflns_R_work             462 
_refine_ls_shell.R_factor_R_work                  0.283 
_refine_ls_shell.percent_reflns_obs               82.08 
_refine_ls_shell.R_factor_R_free                  0.436 
_refine_ls_shell.R_factor_R_free_error            ? 
_refine_ls_shell.percent_reflns_R_free            ? 
_refine_ls_shell.number_reflns_R_free             19 
_refine_ls_shell.number_reflns_all                ? 
_refine_ls_shell.R_factor_all                     ? 
_refine_ls_shell.number_reflns_obs                ? 
_refine_ls_shell.redundancy_reflns_obs            ? 
_refine_ls_shell.pdbx_refine_id                   'X-RAY DIFFRACTION' 
# 
_struct.entry_id                  2QU9 
_struct.title                     'Crystal structure of the complex of group II phospholipase A2 with Eugenol' 
_struct.pdbx_model_details        ? 
_struct.pdbx_CASP_flag            ? 
_struct.pdbx_model_type_details   ? 
# 
_struct_keywords.entry_id        2QU9 
_struct_keywords.pdbx_keywords   HYDROLASE 
_struct_keywords.text            
'pla2, eugenol, complex, Calcium, Hydrolase, Lipid degradation, Metal-binding, Neurotoxin, Presynaptic neurotoxin, Secreted, Toxin' 
# 
loop_
_struct_asym.id 
_struct_asym.pdbx_blank_PDB_chainid_flag 
_struct_asym.pdbx_modified 
_struct_asym.entity_id 
_struct_asym.details 
A N N 1 ? 
B N N 2 ? 
C N N 3 ? 
D N N 4 ? 
# 
_struct_ref.id                         1 
_struct_ref.db_name                    UNP 
_struct_ref.db_code                    PA28_DABRP 
_struct_ref.pdbx_db_accession          P59071 
_struct_ref.entity_id                  1 
_struct_ref.pdbx_seq_one_letter_code   
;SLLEFGKMILEETGKLAIPSYSSYGCYCGWGGKGTPKDATDRCCFVHDCCYGNLPDCNPKSDRYKYKRVNGAIVCEKGTS
CENRICECDKAAAICFRQNLNTYSKKYMLYPDFLCKGELKC
;
_struct_ref.pdbx_align_begin           1 
_struct_ref.pdbx_db_isoform            ? 
# 
_struct_ref_seq.align_id                      1 
_struct_ref_seq.ref_id                        1 
_struct_ref_seq.pdbx_PDB_id_code              2QU9 
_struct_ref_seq.pdbx_strand_id                A 
_struct_ref_seq.seq_align_beg                 1 
_struct_ref_seq.pdbx_seq_align_beg_ins_code   ? 
_struct_ref_seq.seq_align_end                 121 
_struct_ref_seq.pdbx_seq_align_end_ins_code   ? 
_struct_ref_seq.pdbx_db_accession             P59071 
_struct_ref_seq.db_align_beg                  1 
_struct_ref_seq.pdbx_db_align_beg_ins_code    ? 
_struct_ref_seq.db_align_end                  121 
_struct_ref_seq.pdbx_db_align_end_ins_code    ? 
_struct_ref_seq.pdbx_auth_seq_align_beg       1 
_struct_ref_seq.pdbx_auth_seq_align_end       133 
# 
_pdbx_struct_assembly.id                   1 
_pdbx_struct_assembly.details              author_and_software_defined_assembly 
_pdbx_struct_assembly.method_details       PISA 
_pdbx_struct_assembly.oligomeric_details   monomeric 
_pdbx_struct_assembly.oligomeric_count     1 
# 
_pdbx_struct_assembly_gen.assembly_id       1 
_pdbx_struct_assembly_gen.oper_expression   1 
_pdbx_struct_assembly_gen.asym_id_list      A,B,C,D 
# 
_pdbx_struct_oper_list.id                   1 
_pdbx_struct_oper_list.type                 'identity operation' 
_pdbx_struct_oper_list.name                 1_555 
_pdbx_struct_oper_list.symmetry_operation   x,y,z 
_pdbx_struct_oper_list.matrix[1][1]         1.0000000000 
_pdbx_struct_oper_list.matrix[1][2]         0.0000000000 
_pdbx_struct_oper_list.matrix[1][3]         0.0000000000 
_pdbx_struct_oper_list.vector[1]            0.0000000000 
_pdbx_struct_oper_list.matrix[2][1]         0.0000000000 
_pdbx_struct_oper_list.matrix[2][2]         1.0000000000 
_pdbx_struct_oper_list.matrix[2][3]         0.0000000000 
_pdbx_struct_oper_list.vector[2]            0.0000000000 
_pdbx_struct_oper_list.matrix[3][1]         0.0000000000 
_pdbx_struct_oper_list.matrix[3][2]         0.0000000000 
_pdbx_struct_oper_list.matrix[3][3]         1.0000000000 
_pdbx_struct_oper_list.vector[3]            0.0000000000 
# 
loop_
_struct_conf.conf_type_id 
_struct_conf.id 
_struct_conf.pdbx_PDB_helix_id 
_struct_conf.beg_label_comp_id 
_struct_conf.beg_label_asym_id 
_struct_conf.beg_label_seq_id 
_struct_conf.pdbx_beg_PDB_ins_code 
_struct_conf.end_label_comp_id 
_struct_conf.end_label_asym_id 
_struct_conf.end_label_seq_id 
_struct_conf.pdbx_end_PDB_ins_code 
_struct_conf.beg_auth_comp_id 
_struct_conf.beg_auth_asym_id 
_struct_conf.beg_auth_seq_id 
_struct_conf.end_auth_comp_id 
_struct_conf.end_auth_asym_id 
_struct_conf.end_auth_seq_id 
_struct_conf.pdbx_PDB_helix_class 
_struct_conf.details 
_struct_conf.pdbx_PDB_helix_length 
HELX_P HELX_P1 1 SER A 1   ? GLY A 14  ? SER A 1   GLY A 14  1 ? 14 
HELX_P HELX_P2 2 LEU A 16  ? TYR A 21  ? LEU A 17  TYR A 22  1 ? 6  
HELX_P HELX_P3 3 ASP A 38  ? ASN A 53  ? ASP A 39  ASN A 54  1 ? 16 
HELX_P HELX_P4 4 THR A 79  ? ASN A 99  ? THR A 89  ASN A 109 1 ? 21 
HELX_P HELX_P5 5 LEU A 100 ? TYR A 103 ? LEU A 110 TYR A 113 5 ? 4  
HELX_P HELX_P6 6 SER A 104 ? MET A 108 ? SER A 114 MET A 118 5 ? 5  
HELX_P HELX_P7 7 PRO A 111 ? CYS A 115 ? PRO A 121 CYS A 126 5 ? 5  
# 
_struct_conf_type.id          HELX_P 
_struct_conf_type.criteria    ? 
_struct_conf_type.reference   ? 
# 
loop_
_struct_conn.id 
_struct_conn.conn_type_id 
_struct_conn.pdbx_leaving_atom_flag 
_struct_conn.pdbx_PDB_id 
_struct_conn.ptnr1_label_asym_id 
_struct_conn.ptnr1_label_comp_id 
_struct_conn.ptnr1_label_seq_id 
_struct_conn.ptnr1_label_atom_id 
_struct_conn.pdbx_ptnr1_label_alt_id 
_struct_conn.pdbx_ptnr1_PDB_ins_code 
_struct_conn.pdbx_ptnr1_standard_comp_id 
_struct_conn.ptnr1_symmetry 
_struct_conn.ptnr2_label_asym_id 
_struct_conn.ptnr2_label_comp_id 
_struct_conn.ptnr2_label_seq_id 
_struct_conn.ptnr2_label_atom_id 
_struct_conn.pdbx_ptnr2_label_alt_id 
_struct_conn.pdbx_ptnr2_PDB_ins_code 
_struct_conn.ptnr1_auth_asym_id 
_struct_conn.ptnr1_auth_comp_id 
_struct_conn.ptnr1_auth_seq_id 
_struct_conn.ptnr2_auth_asym_id 
_struct_conn.ptnr2_auth_comp_id 
_struct_conn.ptnr2_auth_seq_id 
_struct_conn.ptnr2_symmetry 
_struct_conn.pdbx_ptnr3_label_atom_id 
_struct_conn.pdbx_ptnr3_label_seq_id 
_struct_conn.pdbx_ptnr3_label_comp_id 
_struct_conn.pdbx_ptnr3_label_asym_id 
_struct_conn.pdbx_ptnr3_label_alt_id 
_struct_conn.pdbx_ptnr3_PDB_ins_code 
_struct_conn.details 
_struct_conn.pdbx_dist_value 
_struct_conn.pdbx_value_order 
_struct_conn.pdbx_role 
disulf1 disulf ? ? A CYS 26 SG ? ? ? 1_555 A CYS 115 SG ? ? A CYS 27 A CYS 126 1_555 ? ? ? ? ? ? ? 2.044 ? ? 
disulf2 disulf ? ? A CYS 28 SG ? ? ? 1_555 A CYS 44  SG ? ? A CYS 29 A CYS 45  1_555 ? ? ? ? ? ? ? 2.015 ? ? 
disulf3 disulf ? ? A CYS 43 SG ? ? ? 1_555 A CYS 95  SG ? ? A CYS 44 A CYS 105 1_555 ? ? ? ? ? ? ? 2.025 ? ? 
disulf4 disulf ? ? A CYS 49 SG ? ? ? 1_555 A CYS 121 SG ? ? A CYS 50 A CYS 133 1_555 ? ? ? ? ? ? ? 2.047 ? ? 
disulf5 disulf ? ? A CYS 50 SG ? ? ? 1_555 A CYS 88  SG ? ? A CYS 51 A CYS 98  1_555 ? ? ? ? ? ? ? 2.037 ? ? 
disulf6 disulf ? ? A CYS 57 SG ? ? ? 1_555 A CYS 81  SG ? ? A CYS 61 A CYS 91  1_555 ? ? ? ? ? ? ? 2.059 ? ? 
disulf7 disulf ? ? A CYS 75 SG ? ? ? 1_555 A CYS 86  SG ? ? A CYS 84 A CYS 96  1_555 ? ? ? ? ? ? ? 2.006 ? ? 
# 
_struct_conn_type.id          disulf 
_struct_conn_type.criteria    ? 
_struct_conn_type.reference   ? 
# 
loop_
_pdbx_modification_feature.ordinal 
_pdbx_modification_feature.label_comp_id 
_pdbx_modification_feature.label_asym_id 
_pdbx_modification_feature.label_seq_id 
_pdbx_modification_feature.label_alt_id 
_pdbx_modification_feature.modified_residue_label_comp_id 
_pdbx_modification_feature.modified_residue_label_asym_id 
_pdbx_modification_feature.modified_residue_label_seq_id 
_pdbx_modification_feature.modified_residue_label_alt_id 
_pdbx_modification_feature.auth_comp_id 
_pdbx_modification_feature.auth_asym_id 
_pdbx_modification_feature.auth_seq_id 
_pdbx_modification_feature.PDB_ins_code 
_pdbx_modification_feature.symmetry 
_pdbx_modification_feature.modified_residue_auth_comp_id 
_pdbx_modification_feature.modified_residue_auth_asym_id 
_pdbx_modification_feature.modified_residue_auth_seq_id 
_pdbx_modification_feature.modified_residue_PDB_ins_code 
_pdbx_modification_feature.modified_residue_symmetry 
_pdbx_modification_feature.comp_id_linking_atom 
_pdbx_modification_feature.modified_residue_id_linking_atom 
_pdbx_modification_feature.modified_residue_id 
_pdbx_modification_feature.ref_pcm_id 
_pdbx_modification_feature.ref_comp_id 
_pdbx_modification_feature.type 
_pdbx_modification_feature.category 
1 CYS A 26 ? CYS A 115 ? CYS A 27 ? 1_555 CYS A 126 ? 1_555 SG SG . . . None 'Disulfide bridge' 
2 CYS A 28 ? CYS A 44  ? CYS A 29 ? 1_555 CYS A 45  ? 1_555 SG SG . . . None 'Disulfide bridge' 
3 CYS A 43 ? CYS A 95  ? CYS A 44 ? 1_555 CYS A 105 ? 1_555 SG SG . . . None 'Disulfide bridge' 
4 CYS A 49 ? CYS A 121 ? CYS A 50 ? 1_555 CYS A 133 ? 1_555 SG SG . . . None 'Disulfide bridge' 
5 CYS A 50 ? CYS A 88  ? CYS A 51 ? 1_555 CYS A 98  ? 1_555 SG SG . . . None 'Disulfide bridge' 
6 CYS A 57 ? CYS A 81  ? CYS A 61 ? 1_555 CYS A 91  ? 1_555 SG SG . . . None 'Disulfide bridge' 
7 CYS A 75 ? CYS A 86  ? CYS A 84 ? 1_555 CYS A 96  ? 1_555 SG SG . . . None 'Disulfide bridge' 
# 
_struct_mon_prot_cis.pdbx_id                1 
_struct_mon_prot_cis.label_comp_id          ILE 
_struct_mon_prot_cis.label_seq_id           18 
_struct_mon_prot_cis.label_asym_id          A 
_struct_mon_prot_cis.label_alt_id           . 
_struct_mon_prot_cis.pdbx_PDB_ins_code      ? 
_struct_mon_prot_cis.auth_comp_id           ILE 
_struct_mon_prot_cis.auth_seq_id            19 
_struct_mon_prot_cis.auth_asym_id           A 
_struct_mon_prot_cis.pdbx_label_comp_id_2   PRO 
_struct_mon_prot_cis.pdbx_label_seq_id_2    19 
_struct_mon_prot_cis.pdbx_label_asym_id_2   A 
_struct_mon_prot_cis.pdbx_PDB_ins_code_2    ? 
_struct_mon_prot_cis.pdbx_auth_comp_id_2    PRO 
_struct_mon_prot_cis.pdbx_auth_seq_id_2     20 
_struct_mon_prot_cis.pdbx_auth_asym_id_2    A 
_struct_mon_prot_cis.pdbx_PDB_model_num     1 
_struct_mon_prot_cis.pdbx_omega_angle       4.31 
# 
_struct_sheet.id               A 
_struct_sheet.type             ? 
_struct_sheet.number_strands   2 
_struct_sheet.details          ? 
# 
_struct_sheet_order.sheet_id     A 
_struct_sheet_order.range_id_1   1 
_struct_sheet_order.range_id_2   2 
_struct_sheet_order.offset       ? 
_struct_sheet_order.sense        anti-parallel 
# 
loop_
_struct_sheet_range.sheet_id 
_struct_sheet_range.id 
_struct_sheet_range.beg_label_comp_id 
_struct_sheet_range.beg_label_asym_id 
_struct_sheet_range.beg_label_seq_id 
_struct_sheet_range.pdbx_beg_PDB_ins_code 
_struct_sheet_range.end_label_comp_id 
_struct_sheet_range.end_label_asym_id 
_struct_sheet_range.end_label_seq_id 
_struct_sheet_range.pdbx_end_PDB_ins_code 
_struct_sheet_range.beg_auth_comp_id 
_struct_sheet_range.beg_auth_asym_id 
_struct_sheet_range.beg_auth_seq_id 
_struct_sheet_range.end_auth_comp_id 
_struct_sheet_range.end_auth_asym_id 
_struct_sheet_range.end_auth_seq_id 
A 1 TYR A 66 ? VAL A 69 ? TYR A 75 VAL A 78 
A 2 ALA A 72 ? CYS A 75 ? ALA A 81 CYS A 84 
# 
_pdbx_struct_sheet_hbond.sheet_id                A 
_pdbx_struct_sheet_hbond.range_id_1              1 
_pdbx_struct_sheet_hbond.range_id_2              2 
_pdbx_struct_sheet_hbond.range_1_label_atom_id   N 
_pdbx_struct_sheet_hbond.range_1_label_comp_id   LYS 
_pdbx_struct_sheet_hbond.range_1_label_asym_id   A 
_pdbx_struct_sheet_hbond.range_1_label_seq_id    67 
_pdbx_struct_sheet_hbond.range_1_PDB_ins_code    ? 
_pdbx_struct_sheet_hbond.range_1_auth_atom_id    N 
_pdbx_struct_sheet_hbond.range_1_auth_comp_id    LYS 
_pdbx_struct_sheet_hbond.range_1_auth_asym_id    A 
_pdbx_struct_sheet_hbond.range_1_auth_seq_id     76 
_pdbx_struct_sheet_hbond.range_2_label_atom_id   O 
_pdbx_struct_sheet_hbond.range_2_label_comp_id   VAL 
_pdbx_struct_sheet_hbond.range_2_label_asym_id   A 
_pdbx_struct_sheet_hbond.range_2_label_seq_id    74 
_pdbx_struct_sheet_hbond.range_2_PDB_ins_code    ? 
_pdbx_struct_sheet_hbond.range_2_auth_atom_id    O 
_pdbx_struct_sheet_hbond.range_2_auth_comp_id    VAL 
_pdbx_struct_sheet_hbond.range_2_auth_asym_id    A 
_pdbx_struct_sheet_hbond.range_2_auth_seq_id     83 
# 
loop_
_struct_site.id 
_struct_site.pdbx_evidence_code 
_struct_site.pdbx_auth_asym_id 
_struct_site.pdbx_auth_comp_id 
_struct_site.pdbx_auth_seq_id 
_struct_site.pdbx_auth_ins_code 
_struct_site.pdbx_num_residues 
_struct_site.details 
AC1 Software A SO4 301 ? 6 'BINDING SITE FOR RESIDUE SO4 A 301' 
AC2 Software A EUG 302 ? 5 'BINDING SITE FOR RESIDUE EUG A 302' 
# 
loop_
_struct_site_gen.id 
_struct_site_gen.site_id 
_struct_site_gen.pdbx_num_res 
_struct_site_gen.label_comp_id 
_struct_site_gen.label_asym_id 
_struct_site_gen.label_seq_id 
_struct_site_gen.pdbx_auth_ins_code 
_struct_site_gen.auth_comp_id 
_struct_site_gen.auth_asym_id 
_struct_site_gen.auth_seq_id 
_struct_site_gen.label_atom_id 
_struct_site_gen.label_alt_id 
_struct_site_gen.symmetry 
_struct_site_gen.details 
1  AC1 6 SER A 104 ? SER A 114 . ? 1_555 ? 
2  AC1 6 LYS A 105 ? LYS A 115 . ? 1_555 ? 
3  AC1 6 LYS A 106 ? LYS A 116 . ? 1_555 ? 
4  AC1 6 LYS A 120 ? LYS A 131 . ? 4_465 ? 
5  AC1 6 HOH D .   ? HOH A 367 . ? 1_555 ? 
6  AC1 6 HOH D .   ? HOH A 370 . ? 1_555 ? 
7  AC2 5 TYR A 21  ? TYR A 22  . ? 1_555 ? 
8  AC2 5 GLY A 29  ? GLY A 30  . ? 1_555 ? 
9  AC2 5 CYS A 44  ? CYS A 45  . ? 1_555 ? 
10 AC2 5 HIS A 47  ? HIS A 48  . ? 1_555 ? 
11 AC2 5 ASP A 48  ? ASP A 49  . ? 1_555 ? 
# 
_pdbx_entry_details.entry_id                   2QU9 
_pdbx_entry_details.compound_details           ? 
_pdbx_entry_details.source_details             ? 
_pdbx_entry_details.nonpolymer_details         ? 
_pdbx_entry_details.sequence_details           ? 
_pdbx_entry_details.has_ligand_of_interest     ? 
_pdbx_entry_details.has_protein_modification   Y 
# 
loop_
_pdbx_validate_rmsd_bond.id 
_pdbx_validate_rmsd_bond.PDB_model_num 
_pdbx_validate_rmsd_bond.auth_atom_id_1 
_pdbx_validate_rmsd_bond.auth_asym_id_1 
_pdbx_validate_rmsd_bond.auth_comp_id_1 
_pdbx_validate_rmsd_bond.auth_seq_id_1 
_pdbx_validate_rmsd_bond.PDB_ins_code_1 
_pdbx_validate_rmsd_bond.label_alt_id_1 
_pdbx_validate_rmsd_bond.auth_atom_id_2 
_pdbx_validate_rmsd_bond.auth_asym_id_2 
_pdbx_validate_rmsd_bond.auth_comp_id_2 
_pdbx_validate_rmsd_bond.auth_seq_id_2 
_pdbx_validate_rmsd_bond.PDB_ins_code_2 
_pdbx_validate_rmsd_bond.label_alt_id_2 
_pdbx_validate_rmsd_bond.bond_value 
_pdbx_validate_rmsd_bond.bond_target_value 
_pdbx_validate_rmsd_bond.bond_deviation 
_pdbx_validate_rmsd_bond.bond_standard_deviation 
_pdbx_validate_rmsd_bond.linker_flag 
1 1 C A LYS 86  ? ? N A GLY 88  ? ? 1.518 1.336 0.182 0.023 Y 
2 1 C A ASP 122 ? ? N A PHE 124 ? ? 1.550 1.336 0.214 0.023 Y 
3 1 C A LYS 131 ? ? N A CYS 133 ? ? 1.577 1.336 0.241 0.023 Y 
# 
loop_
_pdbx_validate_rmsd_angle.id 
_pdbx_validate_rmsd_angle.PDB_model_num 
_pdbx_validate_rmsd_angle.auth_atom_id_1 
_pdbx_validate_rmsd_angle.auth_asym_id_1 
_pdbx_validate_rmsd_angle.auth_comp_id_1 
_pdbx_validate_rmsd_angle.auth_seq_id_1 
_pdbx_validate_rmsd_angle.PDB_ins_code_1 
_pdbx_validate_rmsd_angle.label_alt_id_1 
_pdbx_validate_rmsd_angle.auth_atom_id_2 
_pdbx_validate_rmsd_angle.auth_asym_id_2 
_pdbx_validate_rmsd_angle.auth_comp_id_2 
_pdbx_validate_rmsd_angle.auth_seq_id_2 
_pdbx_validate_rmsd_angle.PDB_ins_code_2 
_pdbx_validate_rmsd_angle.label_alt_id_2 
_pdbx_validate_rmsd_angle.auth_atom_id_3 
_pdbx_validate_rmsd_angle.auth_asym_id_3 
_pdbx_validate_rmsd_angle.auth_comp_id_3 
_pdbx_validate_rmsd_angle.auth_seq_id_3 
_pdbx_validate_rmsd_angle.PDB_ins_code_3 
_pdbx_validate_rmsd_angle.label_alt_id_3 
_pdbx_validate_rmsd_angle.angle_value 
_pdbx_validate_rmsd_angle.angle_target_value 
_pdbx_validate_rmsd_angle.angle_deviation 
_pdbx_validate_rmsd_angle.angle_standard_deviation 
_pdbx_validate_rmsd_angle.linker_flag 
1 1 NE A ARG 77  ? ? CZ A ARG 77  ? ? NH1 A ARG 77  ? ? 124.69 120.30 4.39   0.50 N 
2 1 NE A ARG 77  ? ? CZ A ARG 77  ? ? NH2 A ARG 77  ? ? 116.55 120.30 -3.75  0.50 N 
3 1 O  A LYS 86  ? ? C  A LYS 86  ? ? N   A GLY 88  ? ? 107.68 123.20 -15.52 1.70 Y 
4 1 CA A ASP 122 ? ? C  A ASP 122 ? ? N   A PHE 124 ? ? 131.69 117.20 14.49  2.20 Y 
5 1 O  A ASP 122 ? ? C  A ASP 122 ? ? N   A PHE 124 ? ? 100.62 122.70 -22.08 1.60 Y 
6 1 C  A ASP 122 ? ? N  A PHE 124 ? ? CA  A PHE 124 ? ? 140.92 121.70 19.22  2.50 Y 
# 
loop_
_pdbx_validate_torsion.id 
_pdbx_validate_torsion.PDB_model_num 
_pdbx_validate_torsion.auth_comp_id 
_pdbx_validate_torsion.auth_asym_id 
_pdbx_validate_torsion.auth_seq_id 
_pdbx_validate_torsion.PDB_ins_code 
_pdbx_validate_torsion.label_alt_id 
_pdbx_validate_torsion.phi 
_pdbx_validate_torsion.psi 
1 1 SER A 24 ? ? -140.63 29.87   
2 1 ASN A 79 ? ? 58.58   -120.82 
# 
loop_
_pdbx_validate_main_chain_plane.id 
_pdbx_validate_main_chain_plane.PDB_model_num 
_pdbx_validate_main_chain_plane.auth_comp_id 
_pdbx_validate_main_chain_plane.auth_asym_id 
_pdbx_validate_main_chain_plane.auth_seq_id 
_pdbx_validate_main_chain_plane.PDB_ins_code 
_pdbx_validate_main_chain_plane.label_alt_id 
_pdbx_validate_main_chain_plane.improper_torsion_angle 
1 1 LYS A 86  ? ? 13.59 
2 1 ASP A 122 ? ? 16.83 
# 
loop_
_chem_comp_atom.comp_id 
_chem_comp_atom.atom_id 
_chem_comp_atom.type_symbol 
_chem_comp_atom.pdbx_aromatic_flag 
_chem_comp_atom.pdbx_stereo_config 
_chem_comp_atom.pdbx_ordinal 
ALA N    N N N 1   
ALA CA   C N S 2   
ALA C    C N N 3   
ALA O    O N N 4   
ALA CB   C N N 5   
ALA OXT  O N N 6   
ALA H    H N N 7   
ALA H2   H N N 8   
ALA HA   H N N 9   
ALA HB1  H N N 10  
ALA HB2  H N N 11  
ALA HB3  H N N 12  
ALA HXT  H N N 13  
ARG N    N N N 14  
ARG CA   C N S 15  
ARG C    C N N 16  
ARG O    O N N 17  
ARG CB   C N N 18  
ARG CG   C N N 19  
ARG CD   C N N 20  
ARG NE   N N N 21  
ARG CZ   C N N 22  
ARG NH1  N N N 23  
ARG NH2  N N N 24  
ARG OXT  O N N 25  
ARG H    H N N 26  
ARG H2   H N N 27  
ARG HA   H N N 28  
ARG HB2  H N N 29  
ARG HB3  H N N 30  
ARG HG2  H N N 31  
ARG HG3  H N N 32  
ARG HD2  H N N 33  
ARG HD3  H N N 34  
ARG HE   H N N 35  
ARG HH11 H N N 36  
ARG HH12 H N N 37  
ARG HH21 H N N 38  
ARG HH22 H N N 39  
ARG HXT  H N N 40  
ASN N    N N N 41  
ASN CA   C N S 42  
ASN C    C N N 43  
ASN O    O N N 44  
ASN CB   C N N 45  
ASN CG   C N N 46  
ASN OD1  O N N 47  
ASN ND2  N N N 48  
ASN OXT  O N N 49  
ASN H    H N N 50  
ASN H2   H N N 51  
ASN HA   H N N 52  
ASN HB2  H N N 53  
ASN HB3  H N N 54  
ASN HD21 H N N 55  
ASN HD22 H N N 56  
ASN HXT  H N N 57  
ASP N    N N N 58  
ASP CA   C N S 59  
ASP C    C N N 60  
ASP O    O N N 61  
ASP CB   C N N 62  
ASP CG   C N N 63  
ASP OD1  O N N 64  
ASP OD2  O N N 65  
ASP OXT  O N N 66  
ASP H    H N N 67  
ASP H2   H N N 68  
ASP HA   H N N 69  
ASP HB2  H N N 70  
ASP HB3  H N N 71  
ASP HD2  H N N 72  
ASP HXT  H N N 73  
CYS N    N N N 74  
CYS CA   C N R 75  
CYS C    C N N 76  
CYS O    O N N 77  
CYS CB   C N N 78  
CYS SG   S N N 79  
CYS OXT  O N N 80  
CYS H    H N N 81  
CYS H2   H N N 82  
CYS HA   H N N 83  
CYS HB2  H N N 84  
CYS HB3  H N N 85  
CYS HG   H N N 86  
CYS HXT  H N N 87  
EUG C1   C Y N 88  
EUG C2   C Y N 89  
EUG C3   C Y N 90  
EUG C4   C Y N 91  
EUG C5   C Y N 92  
EUG C6   C Y N 93  
EUG C7   C N N 94  
EUG C8   C N N 95  
EUG C9   C N N 96  
EUG O3   O N N 97  
EUG O4   O N N 98  
EUG C10  C N N 99  
EUG H2   H N N 100 
EUG H5   H N N 101 
EUG H6   H N N 102 
EUG H7   H N N 103 
EUG H81  H N N 104 
EUG H91  H N N 105 
EUG H92  H N N 106 
EUG H93  H N N 107 
EUG HO4  H N N 108 
EUG H10  H N N 109 
EUG H11  H N N 110 
EUG H12  H N N 111 
GLN N    N N N 112 
GLN CA   C N S 113 
GLN C    C N N 114 
GLN O    O N N 115 
GLN CB   C N N 116 
GLN CG   C N N 117 
GLN CD   C N N 118 
GLN OE1  O N N 119 
GLN NE2  N N N 120 
GLN OXT  O N N 121 
GLN H    H N N 122 
GLN H2   H N N 123 
GLN HA   H N N 124 
GLN HB2  H N N 125 
GLN HB3  H N N 126 
GLN HG2  H N N 127 
GLN HG3  H N N 128 
GLN HE21 H N N 129 
GLN HE22 H N N 130 
GLN HXT  H N N 131 
GLU N    N N N 132 
GLU CA   C N S 133 
GLU C    C N N 134 
GLU O    O N N 135 
GLU CB   C N N 136 
GLU CG   C N N 137 
GLU CD   C N N 138 
GLU OE1  O N N 139 
GLU OE2  O N N 140 
GLU OXT  O N N 141 
GLU H    H N N 142 
GLU H2   H N N 143 
GLU HA   H N N 144 
GLU HB2  H N N 145 
GLU HB3  H N N 146 
GLU HG2  H N N 147 
GLU HG3  H N N 148 
GLU HE2  H N N 149 
GLU HXT  H N N 150 
GLY N    N N N 151 
GLY CA   C N N 152 
GLY C    C N N 153 
GLY O    O N N 154 
GLY OXT  O N N 155 
GLY H    H N N 156 
GLY H2   H N N 157 
GLY HA2  H N N 158 
GLY HA3  H N N 159 
GLY HXT  H N N 160 
HIS N    N N N 161 
HIS CA   C N S 162 
HIS C    C N N 163 
HIS O    O N N 164 
HIS CB   C N N 165 
HIS CG   C Y N 166 
HIS ND1  N Y N 167 
HIS CD2  C Y N 168 
HIS CE1  C Y N 169 
HIS NE2  N Y N 170 
HIS OXT  O N N 171 
HIS H    H N N 172 
HIS H2   H N N 173 
HIS HA   H N N 174 
HIS HB2  H N N 175 
HIS HB3  H N N 176 
HIS HD1  H N N 177 
HIS HD2  H N N 178 
HIS HE1  H N N 179 
HIS HE2  H N N 180 
HIS HXT  H N N 181 
HOH O    O N N 182 
HOH H1   H N N 183 
HOH H2   H N N 184 
ILE N    N N N 185 
ILE CA   C N S 186 
ILE C    C N N 187 
ILE O    O N N 188 
ILE CB   C N S 189 
ILE CG1  C N N 190 
ILE CG2  C N N 191 
ILE CD1  C N N 192 
ILE OXT  O N N 193 
ILE H    H N N 194 
ILE H2   H N N 195 
ILE HA   H N N 196 
ILE HB   H N N 197 
ILE HG12 H N N 198 
ILE HG13 H N N 199 
ILE HG21 H N N 200 
ILE HG22 H N N 201 
ILE HG23 H N N 202 
ILE HD11 H N N 203 
ILE HD12 H N N 204 
ILE HD13 H N N 205 
ILE HXT  H N N 206 
LEU N    N N N 207 
LEU CA   C N S 208 
LEU C    C N N 209 
LEU O    O N N 210 
LEU CB   C N N 211 
LEU CG   C N N 212 
LEU CD1  C N N 213 
LEU CD2  C N N 214 
LEU OXT  O N N 215 
LEU H    H N N 216 
LEU H2   H N N 217 
LEU HA   H N N 218 
LEU HB2  H N N 219 
LEU HB3  H N N 220 
LEU HG   H N N 221 
LEU HD11 H N N 222 
LEU HD12 H N N 223 
LEU HD13 H N N 224 
LEU HD21 H N N 225 
LEU HD22 H N N 226 
LEU HD23 H N N 227 
LEU HXT  H N N 228 
LYS N    N N N 229 
LYS CA   C N S 230 
LYS C    C N N 231 
LYS O    O N N 232 
LYS CB   C N N 233 
LYS CG   C N N 234 
LYS CD   C N N 235 
LYS CE   C N N 236 
LYS NZ   N N N 237 
LYS OXT  O N N 238 
LYS H    H N N 239 
LYS H2   H N N 240 
LYS HA   H N N 241 
LYS HB2  H N N 242 
LYS HB3  H N N 243 
LYS HG2  H N N 244 
LYS HG3  H N N 245 
LYS HD2  H N N 246 
LYS HD3  H N N 247 
LYS HE2  H N N 248 
LYS HE3  H N N 249 
LYS HZ1  H N N 250 
LYS HZ2  H N N 251 
LYS HZ3  H N N 252 
LYS HXT  H N N 253 
MET N    N N N 254 
MET CA   C N S 255 
MET C    C N N 256 
MET O    O N N 257 
MET CB   C N N 258 
MET CG   C N N 259 
MET SD   S N N 260 
MET CE   C N N 261 
MET OXT  O N N 262 
MET H    H N N 263 
MET H2   H N N 264 
MET HA   H N N 265 
MET HB2  H N N 266 
MET HB3  H N N 267 
MET HG2  H N N 268 
MET HG3  H N N 269 
MET HE1  H N N 270 
MET HE2  H N N 271 
MET HE3  H N N 272 
MET HXT  H N N 273 
PHE N    N N N 274 
PHE CA   C N S 275 
PHE C    C N N 276 
PHE O    O N N 277 
PHE CB   C N N 278 
PHE CG   C Y N 279 
PHE CD1  C Y N 280 
PHE CD2  C Y N 281 
PHE CE1  C Y N 282 
PHE CE2  C Y N 283 
PHE CZ   C Y N 284 
PHE OXT  O N N 285 
PHE H    H N N 286 
PHE H2   H N N 287 
PHE HA   H N N 288 
PHE HB2  H N N 289 
PHE HB3  H N N 290 
PHE HD1  H N N 291 
PHE HD2  H N N 292 
PHE HE1  H N N 293 
PHE HE2  H N N 294 
PHE HZ   H N N 295 
PHE HXT  H N N 296 
PRO N    N N N 297 
PRO CA   C N S 298 
PRO C    C N N 299 
PRO O    O N N 300 
PRO CB   C N N 301 
PRO CG   C N N 302 
PRO CD   C N N 303 
PRO OXT  O N N 304 
PRO H    H N N 305 
PRO HA   H N N 306 
PRO HB2  H N N 307 
PRO HB3  H N N 308 
PRO HG2  H N N 309 
PRO HG3  H N N 310 
PRO HD2  H N N 311 
PRO HD3  H N N 312 
PRO HXT  H N N 313 
SER N    N N N 314 
SER CA   C N S 315 
SER C    C N N 316 
SER O    O N N 317 
SER CB   C N N 318 
SER OG   O N N 319 
SER OXT  O N N 320 
SER H    H N N 321 
SER H2   H N N 322 
SER HA   H N N 323 
SER HB2  H N N 324 
SER HB3  H N N 325 
SER HG   H N N 326 
SER HXT  H N N 327 
SO4 S    S N N 328 
SO4 O1   O N N 329 
SO4 O2   O N N 330 
SO4 O3   O N N 331 
SO4 O4   O N N 332 
THR N    N N N 333 
THR CA   C N S 334 
THR C    C N N 335 
THR O    O N N 336 
THR CB   C N R 337 
THR OG1  O N N 338 
THR CG2  C N N 339 
THR OXT  O N N 340 
THR H    H N N 341 
THR H2   H N N 342 
THR HA   H N N 343 
THR HB   H N N 344 
THR HG1  H N N 345 
THR HG21 H N N 346 
THR HG22 H N N 347 
THR HG23 H N N 348 
THR HXT  H N N 349 
TRP N    N N N 350 
TRP CA   C N S 351 
TRP C    C N N 352 
TRP O    O N N 353 
TRP CB   C N N 354 
TRP CG   C Y N 355 
TRP CD1  C Y N 356 
TRP CD2  C Y N 357 
TRP NE1  N Y N 358 
TRP CE2  C Y N 359 
TRP CE3  C Y N 360 
TRP CZ2  C Y N 361 
TRP CZ3  C Y N 362 
TRP CH2  C Y N 363 
TRP OXT  O N N 364 
TRP H    H N N 365 
TRP H2   H N N 366 
TRP HA   H N N 367 
TRP HB2  H N N 368 
TRP HB3  H N N 369 
TRP HD1  H N N 370 
TRP HE1  H N N 371 
TRP HE3  H N N 372 
TRP HZ2  H N N 373 
TRP HZ3  H N N 374 
TRP HH2  H N N 375 
TRP HXT  H N N 376 
TYR N    N N N 377 
TYR CA   C N S 378 
TYR C    C N N 379 
TYR O    O N N 380 
TYR CB   C N N 381 
TYR CG   C Y N 382 
TYR CD1  C Y N 383 
TYR CD2  C Y N 384 
TYR CE1  C Y N 385 
TYR CE2  C Y N 386 
TYR CZ   C Y N 387 
TYR OH   O N N 388 
TYR OXT  O N N 389 
TYR H    H N N 390 
TYR H2   H N N 391 
TYR HA   H N N 392 
TYR HB2  H N N 393 
TYR HB3  H N N 394 
TYR HD1  H N N 395 
TYR HD2  H N N 396 
TYR HE1  H N N 397 
TYR HE2  H N N 398 
TYR HH   H N N 399 
TYR HXT  H N N 400 
VAL N    N N N 401 
VAL CA   C N S 402 
VAL C    C N N 403 
VAL O    O N N 404 
VAL CB   C N N 405 
VAL CG1  C N N 406 
VAL CG2  C N N 407 
VAL OXT  O N N 408 
VAL H    H N N 409 
VAL H2   H N N 410 
VAL HA   H N N 411 
VAL HB   H N N 412 
VAL HG11 H N N 413 
VAL HG12 H N N 414 
VAL HG13 H N N 415 
VAL HG21 H N N 416 
VAL HG22 H N N 417 
VAL HG23 H N N 418 
VAL HXT  H N N 419 
# 
loop_
_chem_comp_bond.comp_id 
_chem_comp_bond.atom_id_1 
_chem_comp_bond.atom_id_2 
_chem_comp_bond.value_order 
_chem_comp_bond.pdbx_aromatic_flag 
_chem_comp_bond.pdbx_stereo_config 
_chem_comp_bond.pdbx_ordinal 
ALA N   CA   sing N N 1   
ALA N   H    sing N N 2   
ALA N   H2   sing N N 3   
ALA CA  C    sing N N 4   
ALA CA  CB   sing N N 5   
ALA CA  HA   sing N N 6   
ALA C   O    doub N N 7   
ALA C   OXT  sing N N 8   
ALA CB  HB1  sing N N 9   
ALA CB  HB2  sing N N 10  
ALA CB  HB3  sing N N 11  
ALA OXT HXT  sing N N 12  
ARG N   CA   sing N N 13  
ARG N   H    sing N N 14  
ARG N   H2   sing N N 15  
ARG CA  C    sing N N 16  
ARG CA  CB   sing N N 17  
ARG CA  HA   sing N N 18  
ARG C   O    doub N N 19  
ARG C   OXT  sing N N 20  
ARG CB  CG   sing N N 21  
ARG CB  HB2  sing N N 22  
ARG CB  HB3  sing N N 23  
ARG CG  CD   sing N N 24  
ARG CG  HG2  sing N N 25  
ARG CG  HG3  sing N N 26  
ARG CD  NE   sing N N 27  
ARG CD  HD2  sing N N 28  
ARG CD  HD3  sing N N 29  
ARG NE  CZ   sing N N 30  
ARG NE  HE   sing N N 31  
ARG CZ  NH1  sing N N 32  
ARG CZ  NH2  doub N N 33  
ARG NH1 HH11 sing N N 34  
ARG NH1 HH12 sing N N 35  
ARG NH2 HH21 sing N N 36  
ARG NH2 HH22 sing N N 37  
ARG OXT HXT  sing N N 38  
ASN N   CA   sing N N 39  
ASN N   H    sing N N 40  
ASN N   H2   sing N N 41  
ASN CA  C    sing N N 42  
ASN CA  CB   sing N N 43  
ASN CA  HA   sing N N 44  
ASN C   O    doub N N 45  
ASN C   OXT  sing N N 46  
ASN CB  CG   sing N N 47  
ASN CB  HB2  sing N N 48  
ASN CB  HB3  sing N N 49  
ASN CG  OD1  doub N N 50  
ASN CG  ND2  sing N N 51  
ASN ND2 HD21 sing N N 52  
ASN ND2 HD22 sing N N 53  
ASN OXT HXT  sing N N 54  
ASP N   CA   sing N N 55  
ASP N   H    sing N N 56  
ASP N   H2   sing N N 57  
ASP CA  C    sing N N 58  
ASP CA  CB   sing N N 59  
ASP CA  HA   sing N N 60  
ASP C   O    doub N N 61  
ASP C   OXT  sing N N 62  
ASP CB  CG   sing N N 63  
ASP CB  HB2  sing N N 64  
ASP CB  HB3  sing N N 65  
ASP CG  OD1  doub N N 66  
ASP CG  OD2  sing N N 67  
ASP OD2 HD2  sing N N 68  
ASP OXT HXT  sing N N 69  
CYS N   CA   sing N N 70  
CYS N   H    sing N N 71  
CYS N   H2   sing N N 72  
CYS CA  C    sing N N 73  
CYS CA  CB   sing N N 74  
CYS CA  HA   sing N N 75  
CYS C   O    doub N N 76  
CYS C   OXT  sing N N 77  
CYS CB  SG   sing N N 78  
CYS CB  HB2  sing N N 79  
CYS CB  HB3  sing N N 80  
CYS SG  HG   sing N N 81  
CYS OXT HXT  sing N N 82  
EUG C1  C2   doub Y N 83  
EUG C1  C6   sing Y N 84  
EUG C1  C7   sing N N 85  
EUG C2  C3   sing Y N 86  
EUG C3  C4   doub Y N 87  
EUG C3  O3   sing N N 88  
EUG C4  C5   sing Y N 89  
EUG C4  O4   sing N N 90  
EUG C5  C6   doub Y N 91  
EUG C7  C8   doub N N 92  
EUG C9  O3   sing N N 93  
EUG C8  C10  sing N N 94  
EUG C2  H2   sing N E 95  
EUG C5  H5   sing N N 96  
EUG C6  H6   sing N N 97  
EUG C7  H7   sing N N 98  
EUG C8  H81  sing N N 99  
EUG C9  H91  sing N N 100 
EUG C9  H92  sing N N 101 
EUG C9  H93  sing N N 102 
EUG O4  HO4  sing N N 103 
EUG C10 H10  sing N N 104 
EUG C10 H11  sing N N 105 
EUG C10 H12  sing N N 106 
GLN N   CA   sing N N 107 
GLN N   H    sing N N 108 
GLN N   H2   sing N N 109 
GLN CA  C    sing N N 110 
GLN CA  CB   sing N N 111 
GLN CA  HA   sing N N 112 
GLN C   O    doub N N 113 
GLN C   OXT  sing N N 114 
GLN CB  CG   sing N N 115 
GLN CB  HB2  sing N N 116 
GLN CB  HB3  sing N N 117 
GLN CG  CD   sing N N 118 
GLN CG  HG2  sing N N 119 
GLN CG  HG3  sing N N 120 
GLN CD  OE1  doub N N 121 
GLN CD  NE2  sing N N 122 
GLN NE2 HE21 sing N N 123 
GLN NE2 HE22 sing N N 124 
GLN OXT HXT  sing N N 125 
GLU N   CA   sing N N 126 
GLU N   H    sing N N 127 
GLU N   H2   sing N N 128 
GLU CA  C    sing N N 129 
GLU CA  CB   sing N N 130 
GLU CA  HA   sing N N 131 
GLU C   O    doub N N 132 
GLU C   OXT  sing N N 133 
GLU CB  CG   sing N N 134 
GLU CB  HB2  sing N N 135 
GLU CB  HB3  sing N N 136 
GLU CG  CD   sing N N 137 
GLU CG  HG2  sing N N 138 
GLU CG  HG3  sing N N 139 
GLU CD  OE1  doub N N 140 
GLU CD  OE2  sing N N 141 
GLU OE2 HE2  sing N N 142 
GLU OXT HXT  sing N N 143 
GLY N   CA   sing N N 144 
GLY N   H    sing N N 145 
GLY N   H2   sing N N 146 
GLY CA  C    sing N N 147 
GLY CA  HA2  sing N N 148 
GLY CA  HA3  sing N N 149 
GLY C   O    doub N N 150 
GLY C   OXT  sing N N 151 
GLY OXT HXT  sing N N 152 
HIS N   CA   sing N N 153 
HIS N   H    sing N N 154 
HIS N   H2   sing N N 155 
HIS CA  C    sing N N 156 
HIS CA  CB   sing N N 157 
HIS CA  HA   sing N N 158 
HIS C   O    doub N N 159 
HIS C   OXT  sing N N 160 
HIS CB  CG   sing N N 161 
HIS CB  HB2  sing N N 162 
HIS CB  HB3  sing N N 163 
HIS CG  ND1  sing Y N 164 
HIS CG  CD2  doub Y N 165 
HIS ND1 CE1  doub Y N 166 
HIS ND1 HD1  sing N N 167 
HIS CD2 NE2  sing Y N 168 
HIS CD2 HD2  sing N N 169 
HIS CE1 NE2  sing Y N 170 
HIS CE1 HE1  sing N N 171 
HIS NE2 HE2  sing N N 172 
HIS OXT HXT  sing N N 173 
HOH O   H1   sing N N 174 
HOH O   H2   sing N N 175 
ILE N   CA   sing N N 176 
ILE N   H    sing N N 177 
ILE N   H2   sing N N 178 
ILE CA  C    sing N N 179 
ILE CA  CB   sing N N 180 
ILE CA  HA   sing N N 181 
ILE C   O    doub N N 182 
ILE C   OXT  sing N N 183 
ILE CB  CG1  sing N N 184 
ILE CB  CG2  sing N N 185 
ILE CB  HB   sing N N 186 
ILE CG1 CD1  sing N N 187 
ILE CG1 HG12 sing N N 188 
ILE CG1 HG13 sing N N 189 
ILE CG2 HG21 sing N N 190 
ILE CG2 HG22 sing N N 191 
ILE CG2 HG23 sing N N 192 
ILE CD1 HD11 sing N N 193 
ILE CD1 HD12 sing N N 194 
ILE CD1 HD13 sing N N 195 
ILE OXT HXT  sing N N 196 
LEU N   CA   sing N N 197 
LEU N   H    sing N N 198 
LEU N   H2   sing N N 199 
LEU CA  C    sing N N 200 
LEU CA  CB   sing N N 201 
LEU CA  HA   sing N N 202 
LEU C   O    doub N N 203 
LEU C   OXT  sing N N 204 
LEU CB  CG   sing N N 205 
LEU CB  HB2  sing N N 206 
LEU CB  HB3  sing N N 207 
LEU CG  CD1  sing N N 208 
LEU CG  CD2  sing N N 209 
LEU CG  HG   sing N N 210 
LEU CD1 HD11 sing N N 211 
LEU CD1 HD12 sing N N 212 
LEU CD1 HD13 sing N N 213 
LEU CD2 HD21 sing N N 214 
LEU CD2 HD22 sing N N 215 
LEU CD2 HD23 sing N N 216 
LEU OXT HXT  sing N N 217 
LYS N   CA   sing N N 218 
LYS N   H    sing N N 219 
LYS N   H2   sing N N 220 
LYS CA  C    sing N N 221 
LYS CA  CB   sing N N 222 
LYS CA  HA   sing N N 223 
LYS C   O    doub N N 224 
LYS C   OXT  sing N N 225 
LYS CB  CG   sing N N 226 
LYS CB  HB2  sing N N 227 
LYS CB  HB3  sing N N 228 
LYS CG  CD   sing N N 229 
LYS CG  HG2  sing N N 230 
LYS CG  HG3  sing N N 231 
LYS CD  CE   sing N N 232 
LYS CD  HD2  sing N N 233 
LYS CD  HD3  sing N N 234 
LYS CE  NZ   sing N N 235 
LYS CE  HE2  sing N N 236 
LYS CE  HE3  sing N N 237 
LYS NZ  HZ1  sing N N 238 
LYS NZ  HZ2  sing N N 239 
LYS NZ  HZ3  sing N N 240 
LYS OXT HXT  sing N N 241 
MET N   CA   sing N N 242 
MET N   H    sing N N 243 
MET N   H2   sing N N 244 
MET CA  C    sing N N 245 
MET CA  CB   sing N N 246 
MET CA  HA   sing N N 247 
MET C   O    doub N N 248 
MET C   OXT  sing N N 249 
MET CB  CG   sing N N 250 
MET CB  HB2  sing N N 251 
MET CB  HB3  sing N N 252 
MET CG  SD   sing N N 253 
MET CG  HG2  sing N N 254 
MET CG  HG3  sing N N 255 
MET SD  CE   sing N N 256 
MET CE  HE1  sing N N 257 
MET CE  HE2  sing N N 258 
MET CE  HE3  sing N N 259 
MET OXT HXT  sing N N 260 
PHE N   CA   sing N N 261 
PHE N   H    sing N N 262 
PHE N   H2   sing N N 263 
PHE CA  C    sing N N 264 
PHE CA  CB   sing N N 265 
PHE CA  HA   sing N N 266 
PHE C   O    doub N N 267 
PHE C   OXT  sing N N 268 
PHE CB  CG   sing N N 269 
PHE CB  HB2  sing N N 270 
PHE CB  HB3  sing N N 271 
PHE CG  CD1  doub Y N 272 
PHE CG  CD2  sing Y N 273 
PHE CD1 CE1  sing Y N 274 
PHE CD1 HD1  sing N N 275 
PHE CD2 CE2  doub Y N 276 
PHE CD2 HD2  sing N N 277 
PHE CE1 CZ   doub Y N 278 
PHE CE1 HE1  sing N N 279 
PHE CE2 CZ   sing Y N 280 
PHE CE2 HE2  sing N N 281 
PHE CZ  HZ   sing N N 282 
PHE OXT HXT  sing N N 283 
PRO N   CA   sing N N 284 
PRO N   CD   sing N N 285 
PRO N   H    sing N N 286 
PRO CA  C    sing N N 287 
PRO CA  CB   sing N N 288 
PRO CA  HA   sing N N 289 
PRO C   O    doub N N 290 
PRO C   OXT  sing N N 291 
PRO CB  CG   sing N N 292 
PRO CB  HB2  sing N N 293 
PRO CB  HB3  sing N N 294 
PRO CG  CD   sing N N 295 
PRO CG  HG2  sing N N 296 
PRO CG  HG3  sing N N 297 
PRO CD  HD2  sing N N 298 
PRO CD  HD3  sing N N 299 
PRO OXT HXT  sing N N 300 
SER N   CA   sing N N 301 
SER N   H    sing N N 302 
SER N   H2   sing N N 303 
SER CA  C    sing N N 304 
SER CA  CB   sing N N 305 
SER CA  HA   sing N N 306 
SER C   O    doub N N 307 
SER C   OXT  sing N N 308 
SER CB  OG   sing N N 309 
SER CB  HB2  sing N N 310 
SER CB  HB3  sing N N 311 
SER OG  HG   sing N N 312 
SER OXT HXT  sing N N 313 
SO4 S   O1   doub N N 314 
SO4 S   O2   doub N N 315 
SO4 S   O3   sing N N 316 
SO4 S   O4   sing N N 317 
THR N   CA   sing N N 318 
THR N   H    sing N N 319 
THR N   H2   sing N N 320 
THR CA  C    sing N N 321 
THR CA  CB   sing N N 322 
THR CA  HA   sing N N 323 
THR C   O    doub N N 324 
THR C   OXT  sing N N 325 
THR CB  OG1  sing N N 326 
THR CB  CG2  sing N N 327 
THR CB  HB   sing N N 328 
THR OG1 HG1  sing N N 329 
THR CG2 HG21 sing N N 330 
THR CG2 HG22 sing N N 331 
THR CG2 HG23 sing N N 332 
THR OXT HXT  sing N N 333 
TRP N   CA   sing N N 334 
TRP N   H    sing N N 335 
TRP N   H2   sing N N 336 
TRP CA  C    sing N N 337 
TRP CA  CB   sing N N 338 
TRP CA  HA   sing N N 339 
TRP C   O    doub N N 340 
TRP C   OXT  sing N N 341 
TRP CB  CG   sing N N 342 
TRP CB  HB2  sing N N 343 
TRP CB  HB3  sing N N 344 
TRP CG  CD1  doub Y N 345 
TRP CG  CD2  sing Y N 346 
TRP CD1 NE1  sing Y N 347 
TRP CD1 HD1  sing N N 348 
TRP CD2 CE2  doub Y N 349 
TRP CD2 CE3  sing Y N 350 
TRP NE1 CE2  sing Y N 351 
TRP NE1 HE1  sing N N 352 
TRP CE2 CZ2  sing Y N 353 
TRP CE3 CZ3  doub Y N 354 
TRP CE3 HE3  sing N N 355 
TRP CZ2 CH2  doub Y N 356 
TRP CZ2 HZ2  sing N N 357 
TRP CZ3 CH2  sing Y N 358 
TRP CZ3 HZ3  sing N N 359 
TRP CH2 HH2  sing N N 360 
TRP OXT HXT  sing N N 361 
TYR N   CA   sing N N 362 
TYR N   H    sing N N 363 
TYR N   H2   sing N N 364 
TYR CA  C    sing N N 365 
TYR CA  CB   sing N N 366 
TYR CA  HA   sing N N 367 
TYR C   O    doub N N 368 
TYR C   OXT  sing N N 369 
TYR CB  CG   sing N N 370 
TYR CB  HB2  sing N N 371 
TYR CB  HB3  sing N N 372 
TYR CG  CD1  doub Y N 373 
TYR CG  CD2  sing Y N 374 
TYR CD1 CE1  sing Y N 375 
TYR CD1 HD1  sing N N 376 
TYR CD2 CE2  doub Y N 377 
TYR CD2 HD2  sing N N 378 
TYR CE1 CZ   doub Y N 379 
TYR CE1 HE1  sing N N 380 
TYR CE2 CZ   sing Y N 381 
TYR CE2 HE2  sing N N 382 
TYR CZ  OH   sing N N 383 
TYR OH  HH   sing N N 384 
TYR OXT HXT  sing N N 385 
VAL N   CA   sing N N 386 
VAL N   H    sing N N 387 
VAL N   H2   sing N N 388 
VAL CA  C    sing N N 389 
VAL CA  CB   sing N N 390 
VAL CA  HA   sing N N 391 
VAL C   O    doub N N 392 
VAL C   OXT  sing N N 393 
VAL CB  CG1  sing N N 394 
VAL CB  CG2  sing N N 395 
VAL CB  HB   sing N N 396 
VAL CG1 HG11 sing N N 397 
VAL CG1 HG12 sing N N 398 
VAL CG1 HG13 sing N N 399 
VAL CG2 HG21 sing N N 400 
VAL CG2 HG22 sing N N 401 
VAL CG2 HG23 sing N N 402 
VAL OXT HXT  sing N N 403 
# 
_pdbx_initial_refinement_model.id               1 
_pdbx_initial_refinement_model.entity_id_list   ? 
_pdbx_initial_refinement_model.type             'experimental model' 
_pdbx_initial_refinement_model.source_name      PDB 
_pdbx_initial_refinement_model.accession_code   1ZR8 
_pdbx_initial_refinement_model.details          ? 
# 
_atom_sites.entry_id                    2QU9 
_atom_sites.fract_transf_matrix[1][1]   0.01165166 
_atom_sites.fract_transf_matrix[1][2]   -0.01032722 
_atom_sites.fract_transf_matrix[1][3]   -0.01078652 
_atom_sites.fract_transf_matrix[2][1]   0.00030018 
_atom_sites.fract_transf_matrix[2][2]   0.01384064 
_atom_sites.fract_transf_matrix[2][3]   -0.01292703 
_atom_sites.fract_transf_matrix[3][1]   0.01628675 
_atom_sites.fract_transf_matrix[3][2]   0.00848819 
_atom_sites.fract_transf_matrix[3][3]   0.00946628 
_atom_sites.fract_transf_vector[1]      0.162617 
_atom_sites.fract_transf_vector[2]      0.469537 
_atom_sites.fract_transf_vector[3]      0.000140 
# 
loop_
_atom_type.symbol 
C 
N 
O 
S 
# 
loop_
_atom_site.group_PDB 
_atom_site.id 
_atom_site.type_symbol 
_atom_site.label_atom_id 
_atom_site.label_alt_id 
_atom_site.label_comp_id 
_atom_site.label_asym_id 
_atom_site.label_entity_id 
_atom_site.label_seq_id 
_atom_site.pdbx_PDB_ins_code 
_atom_site.Cartn_x 
_atom_site.Cartn_y 
_atom_site.Cartn_z 
_atom_site.occupancy 
_atom_site.B_iso_or_equiv 
_atom_site.pdbx_formal_charge 
_atom_site.auth_seq_id 
_atom_site.auth_comp_id 
_atom_site.auth_asym_id 
_atom_site.auth_atom_id 
_atom_site.pdbx_PDB_model_num 
ATOM   1    N N   . SER A 1 1   ? 0.438   -11.307 1.774   1.00 29.16 ? 1   SER A N   1 
ATOM   2    C CA  . SER A 1 1   ? -1.053  -11.242 1.779   1.00 30.95 ? 1   SER A CA  1 
ATOM   3    C C   . SER A 1 1   ? -1.605  -9.989  2.492   1.00 32.27 ? 1   SER A C   1 
ATOM   4    O O   . SER A 1 1   ? -0.873  -9.316  3.241   1.00 31.49 ? 1   SER A O   1 
ATOM   5    C CB  . SER A 1 1   ? -1.694  -12.523 2.350   1.00 30.45 ? 1   SER A CB  1 
ATOM   6    O OG  . SER A 1 1   ? -1.804  -12.480 3.776   1.00 30.96 ? 1   SER A OG  1 
ATOM   7    N N   . LEU A 1 2   ? -2.892  -9.696  2.250   1.00 33.50 ? 2   LEU A N   1 
ATOM   8    C CA  . LEU A 1 2   ? -3.588  -8.628  2.951   1.00 35.26 ? 2   LEU A CA  1 
ATOM   9    C C   . LEU A 1 2   ? -3.538  -8.691  4.484   1.00 35.11 ? 2   LEU A C   1 
ATOM   10   O O   . LEU A 1 2   ? -3.561  -7.656  5.144   1.00 34.88 ? 2   LEU A O   1 
ATOM   11   C CB  . LEU A 1 2   ? -5.002  -8.456  2.412   1.00 36.74 ? 2   LEU A CB  1 
ATOM   12   C CG  . LEU A 1 2   ? -5.117  -7.449  1.249   1.00 40.98 ? 2   LEU A CG  1 
ATOM   13   C CD1 . LEU A 1 2   ? -3.795  -7.224  0.476   1.00 45.74 ? 2   LEU A CD1 1 
ATOM   14   C CD2 . LEU A 1 2   ? -6.250  -7.847  0.263   1.00 45.85 ? 2   LEU A CD2 1 
ATOM   15   N N   . LEU A 1 3   ? -3.413  -9.888  5.042   1.00 35.29 ? 3   LEU A N   1 
ATOM   16   C CA  . LEU A 1 3   ? -3.189  -10.089 6.476   1.00 35.58 ? 3   LEU A CA  1 
ATOM   17   C C   . LEU A 1 3   ? -1.910  -9.436  6.959   1.00 34.28 ? 3   LEU A C   1 
ATOM   18   O O   . LEU A 1 3   ? -1.961  -8.674  7.913   1.00 34.31 ? 3   LEU A O   1 
ATOM   19   C CB  . LEU A 1 3   ? -3.194  -11.586 6.853   1.00 36.51 ? 3   LEU A CB  1 
ATOM   20   C CG  . LEU A 1 3   ? -4.610  -12.211 6.909   1.00 42.10 ? 3   LEU A CG  1 
ATOM   21   C CD1 . LEU A 1 3   ? -5.653  -11.312 7.688   1.00 43.61 ? 3   LEU A CD1 1 
ATOM   22   C CD2 . LEU A 1 3   ? -5.169  -12.542 5.494   1.00 48.29 ? 3   LEU A CD2 1 
ATOM   23   N N   . GLU A 1 4   ? -0.787  -9.739  6.292   1.00 32.29 ? 4   GLU A N   1 
ATOM   24   C CA  . GLU A 1 4   ? 0.526   -9.187  6.589   1.00 30.82 ? 4   GLU A CA  1 
ATOM   25   C C   . GLU A 1 4   ? 0.548   -7.685  6.302   1.00 30.37 ? 4   GLU A C   1 
ATOM   26   O O   . GLU A 1 4   ? 1.095   -6.905  7.096   1.00 30.46 ? 4   GLU A O   1 
ATOM   27   C CB  . GLU A 1 4   ? 1.617   -9.854  5.784   1.00 30.66 ? 4   GLU A CB  1 
ATOM   28   C CG  . GLU A 1 4   ? 1.927   -11.288 6.137   1.00 33.31 ? 4   GLU A CG  1 
ATOM   29   C CD  . GLU A 1 4   ? 0.912   -12.255 5.560   1.00 36.76 ? 4   GLU A CD  1 
ATOM   30   O OE1 . GLU A 1 4   ? 0.601   -12.146 4.368   1.00 38.09 ? 4   GLU A OE1 1 
ATOM   31   O OE2 . GLU A 1 4   ? 0.391   -13.112 6.289   1.00 36.95 ? 4   GLU A OE2 1 
ATOM   32   N N   . PHE A 1 5   ? -0.042  -7.278  5.187   1.00 28.68 ? 5   PHE A N   1 
ATOM   33   C CA  . PHE A 1 5   ? 0.010   -5.907  4.767   1.00 28.56 ? 5   PHE A CA  1 
ATOM   34   C C   . PHE A 1 5   ? -0.769  -5.027  5.780   1.00 29.74 ? 5   PHE A C   1 
ATOM   35   O O   . PHE A 1 5   ? -0.251  -4.003  6.231   1.00 31.16 ? 5   PHE A O   1 
ATOM   36   C CB  . PHE A 1 5   ? -0.543  -5.710  3.356   1.00 26.71 ? 5   PHE A CB  1 
ATOM   37   C CG  . PHE A 1 5   ? -0.321  -4.281  2.790   1.00 27.05 ? 5   PHE A CG  1 
ATOM   38   C CD1 . PHE A 1 5   ? 0.808   -3.534  3.143   1.00 25.48 ? 5   PHE A CD1 1 
ATOM   39   C CD2 . PHE A 1 5   ? -1.224  -3.710  1.912   1.00 25.17 ? 5   PHE A CD2 1 
ATOM   40   C CE1 . PHE A 1 5   ? 1.010   -2.267  2.631   1.00 27.31 ? 5   PHE A CE1 1 
ATOM   41   C CE2 . PHE A 1 5   ? -1.018  -2.458  1.389   1.00 28.09 ? 5   PHE A CE2 1 
ATOM   42   C CZ  . PHE A 1 5   ? 0.112   -1.721  1.763   1.00 27.35 ? 5   PHE A CZ  1 
ATOM   43   N N   . GLY A 1 6   ? -1.998  -5.432  6.117   1.00 29.42 ? 6   GLY A N   1 
ATOM   44   C CA  . GLY A 1 6   ? -2.811  -4.754  7.090   1.00 29.33 ? 6   GLY A CA  1 
ATOM   45   C C   . GLY A 1 6   ? -2.149  -4.578  8.447   1.00 29.74 ? 6   GLY A C   1 
ATOM   46   O O   . GLY A 1 6   ? -2.256  -3.511  9.066   1.00 30.27 ? 6   GLY A O   1 
ATOM   47   N N   . LYS A 1 7   ? -1.464  -5.609  8.904   1.00 29.30 ? 7   LYS A N   1 
ATOM   48   C CA  . LYS A 1 7   ? -0.766  -5.574  10.145  1.00 31.03 ? 7   LYS A CA  1 
ATOM   49   C C   . LYS A 1 7   ? 0.399   -4.596  10.146  1.00 30.93 ? 7   LYS A C   1 
ATOM   50   O O   . LYS A 1 7   ? 0.596   -3.883  11.137  1.00 30.74 ? 7   LYS A O   1 
ATOM   51   C CB  . LYS A 1 7   ? -0.210  -6.962  10.475  1.00 32.14 ? 7   LYS A CB  1 
ATOM   52   C CG  . LYS A 1 7   ? -0.128  -7.185  11.944  1.00 36.49 ? 7   LYS A CG  1 
ATOM   53   C CD  . LYS A 1 7   ? 1.212   -7.724  12.345  1.00 42.78 ? 7   LYS A CD  1 
ATOM   54   C CE  . LYS A 1 7   ? 1.165   -9.213  12.557  1.00 45.68 ? 7   LYS A CE  1 
ATOM   55   N NZ  . LYS A 1 7   ? 2.545   -9.705  12.932  1.00 48.34 ? 7   LYS A NZ  1 
ATOM   56   N N   . MET A 1 8   ? 1.197   -4.630  9.072   1.00 29.64 ? 8   MET A N   1 
ATOM   57   C CA  . MET A 1 8   ? 2.316   -3.702  8.821   1.00 29.19 ? 8   MET A CA  1 
ATOM   58   C C   . MET A 1 8   ? 1.884   -2.256  8.902   1.00 28.85 ? 8   MET A C   1 
ATOM   59   O O   . MET A 1 8   ? 2.585   -1.448  9.518   1.00 29.22 ? 8   MET A O   1 
ATOM   60   C CB  . MET A 1 8   ? 2.839   -3.933  7.406   1.00 29.05 ? 8   MET A CB  1 
ATOM   61   C CG  . MET A 1 8   ? 4.256   -3.905  7.268   1.00 30.29 ? 8   MET A CG  1 
ATOM   62   S SD  . MET A 1 8   ? 4.803   -4.369  5.620   1.00 29.24 ? 8   MET A SD  1 
ATOM   63   C CE  . MET A 1 8   ? 5.549   -5.965  5.823   1.00 24.68 ? 8   MET A CE  1 
ATOM   64   N N   . ILE A 1 9   ? 0.782   -1.923  8.224   1.00 27.78 ? 9   ILE A N   1 
ATOM   65   C CA  . ILE A 1 9   ? 0.221   -0.581  8.217   1.00 28.09 ? 9   ILE A CA  1 
ATOM   66   C C   . ILE A 1 9   ? -0.148  -0.088  9.628   1.00 29.30 ? 9   ILE A C   1 
ATOM   67   O O   . ILE A 1 9   ? 0.176   1.047   10.015  1.00 28.80 ? 9   ILE A O   1 
ATOM   68   C CB  . ILE A 1 9   ? -1.021  -0.504  7.335   1.00 27.58 ? 9   ILE A CB  1 
ATOM   69   C CG1 . ILE A 1 9   ? -0.631  -0.652  5.855   1.00 29.16 ? 9   ILE A CG1 1 
ATOM   70   C CG2 . ILE A 1 9   ? -1.712  0.813   7.512   1.00 25.63 ? 9   ILE A CG2 1 
ATOM   71   C CD1 . ILE A 1 9   ? -1.855  -0.849  4.831   1.00 28.45 ? 9   ILE A CD1 1 
ATOM   72   N N   . LEU A 1 10  ? -0.823  -0.949  10.384  1.00 30.59 ? 10  LEU A N   1 
ATOM   73   C CA  . LEU A 1 10  ? -1.276  -0.621  11.715  1.00 31.46 ? 10  LEU A CA  1 
ATOM   74   C C   . LEU A 1 10  ? -0.039  -0.416  12.612  1.00 31.47 ? 10  LEU A C   1 
ATOM   75   O O   . LEU A 1 10  ? 0.062   0.584   13.320  1.00 31.31 ? 10  LEU A O   1 
ATOM   76   C CB  . LEU A 1 10  ? -2.214  -1.733  12.238  1.00 31.34 ? 10  LEU A CB  1 
ATOM   77   C CG  . LEU A 1 10  ? -2.516  -1.697  13.740  1.00 33.19 ? 10  LEU A CG  1 
ATOM   78   C CD1 . LEU A 1 10  ? -3.092  -0.300  14.195  1.00 34.08 ? 10  LEU A CD1 1 
ATOM   79   C CD2 . LEU A 1 10  ? -3.428  -2.844  14.156  1.00 32.50 ? 10  LEU A CD2 1 
ATOM   80   N N   . GLU A 1 11  ? 0.920   -1.337  12.569  1.00 31.17 ? 11  GLU A N   1 
ATOM   81   C CA  . GLU A 1 11  ? 2.134   -1.172  13.364  1.00 31.59 ? 11  GLU A CA  1 
ATOM   82   C C   . GLU A 1 11  ? 2.841   0.141   13.031  1.00 31.44 ? 11  GLU A C   1 
ATOM   83   O O   . GLU A 1 11  ? 3.329   0.860   13.903  1.00 30.78 ? 11  GLU A O   1 
ATOM   84   C CB  . GLU A 1 11  ? 3.098   -2.303  13.098  1.00 31.89 ? 11  GLU A CB  1 
ATOM   85   C CG  . GLU A 1 11  ? 2.566   -3.654  13.437  1.00 34.42 ? 11  GLU A CG  1 
ATOM   86   C CD  . GLU A 1 11  ? 3.599   -4.731  13.200  1.00 37.54 ? 11  GLU A CD  1 
ATOM   87   O OE1 . GLU A 1 11  ? 4.491   -4.542  12.361  1.00 35.65 ? 11  GLU A OE1 1 
ATOM   88   O OE2 . GLU A 1 11  ? 3.546   -5.771  13.880  1.00 39.82 ? 11  GLU A OE2 1 
ATOM   89   N N   . GLU A 1 12  ? 2.874   0.440   11.745  1.00 31.57 ? 12  GLU A N   1 
ATOM   90   C CA  . GLU A 1 12  ? 3.635   1.560   11.234  1.00 32.54 ? 12  GLU A CA  1 
ATOM   91   C C   . GLU A 1 12  ? 2.947   2.881   11.553  1.00 31.86 ? 12  GLU A C   1 
ATOM   92   O O   . GLU A 1 12  ? 3.599   3.816   11.987  1.00 31.54 ? 12  GLU A O   1 
ATOM   93   C CB  . GLU A 1 12  ? 3.825   1.427   9.715   1.00 32.33 ? 12  GLU A CB  1 
ATOM   94   C CG  . GLU A 1 12  ? 5.115   1.965   9.206   1.00 34.36 ? 12  GLU A CG  1 
ATOM   95   C CD  . GLU A 1 12  ? 6.365   1.363   9.825   1.00 32.44 ? 12  GLU A CD  1 
ATOM   96   O OE1 . GLU A 1 12  ? 7.362   2.037   9.817   1.00 37.87 ? 12  GLU A OE1 1 
ATOM   97   O OE2 . GLU A 1 12  ? 6.379   0.250   10.331  1.00 35.94 ? 12  GLU A OE2 1 
ATOM   98   N N   . THR A 1 13  ? 1.639   2.940   11.352  1.00 31.10 ? 13  THR A N   1 
ATOM   99   C CA  . THR A 1 13  ? 0.925   4.213   11.360  1.00 32.09 ? 13  THR A CA  1 
ATOM   100  C C   . THR A 1 13  ? -0.039  4.407   12.544  1.00 33.10 ? 13  THR A C   1 
ATOM   101  O O   . THR A 1 13  ? -0.509  5.511   12.779  1.00 33.52 ? 13  THR A O   1 
ATOM   102  C CB  . THR A 1 13  ? 0.094   4.452   10.058  1.00 30.95 ? 13  THR A CB  1 
ATOM   103  O OG1 . THR A 1 13  ? -0.989  3.526   9.993   1.00 30.81 ? 13  THR A OG1 1 
ATOM   104  C CG2 . THR A 1 13  ? 0.937   4.295   8.850   1.00 32.56 ? 13  THR A CG2 1 
ATOM   105  N N   . GLY A 1 14  ? -0.394  3.313   13.174  1.00 33.25 ? 14  GLY A N   1 
ATOM   106  C CA  . GLY A 1 14  ? -1.408  3.331   14.193  1.00 35.19 ? 14  GLY A CA  1 
ATOM   107  C C   . GLY A 1 14  ? -2.799  3.363   13.506  1.00 35.71 ? 14  GLY A C   1 
ATOM   108  O O   . GLY A 1 14  ? -3.807  3.409   14.188  1.00 37.88 ? 14  GLY A O   1 
ATOM   109  N N   . LYS A 1 15  ? -2.874  3.339   12.148  1.00 35.78 ? 16  LYS A N   1 
ATOM   110  C CA  . LYS A 1 15  ? -4.249  3.361   11.649  1.00 35.86 ? 16  LYS A CA  1 
ATOM   111  C C   . LYS A 1 15  ? -4.585  1.977   11.130  1.00 36.26 ? 16  LYS A C   1 
ATOM   112  O O   . LYS A 1 15  ? -3.685  1.204   10.727  1.00 35.49 ? 16  LYS A O   1 
ATOM   113  C CB  . LYS A 1 15  ? -4.376  4.413   10.568  1.00 35.66 ? 16  LYS A CB  1 
ATOM   114  C CG  . LYS A 1 15  ? -4.061  5.813   11.037  1.00 35.70 ? 16  LYS A CG  1 
ATOM   115  C CD  . LYS A 1 15  ? -3.969  6.756   9.830   1.00 37.59 ? 16  LYS A CD  1 
ATOM   116  C CE  . LYS A 1 15  ? -4.088  8.200   10.202  1.00 39.92 ? 16  LYS A CE  1 
ATOM   117  N NZ  . LYS A 1 15  ? -5.467  8.660   9.890   1.00 44.84 ? 16  LYS A NZ  1 
ATOM   118  N N   . LEU A 1 16  ? -5.870  1.647   11.206  1.00 36.80 ? 17  LEU A N   1 
ATOM   119  C CA  . LEU A 1 16  ? -6.406  0.421   10.634  1.00 38.18 ? 17  LEU A CA  1 
ATOM   120  C C   . LEU A 1 16  ? -6.499  0.586   9.119   1.00 37.34 ? 17  LEU A C   1 
ATOM   121  O O   . LEU A 1 16  ? -7.058  1.586   8.622   1.00 36.89 ? 17  LEU A O   1 
ATOM   122  C CB  . LEU A 1 16  ? -7.799  0.082   11.251  1.00 38.72 ? 17  LEU A CB  1 
ATOM   123  C CG  . LEU A 1 16  ? -7.711  -0.341  12.736  1.00 41.02 ? 17  LEU A CG  1 
ATOM   124  C CD1 . LEU A 1 16  ? -8.874  0.246   13.580  1.00 42.50 ? 17  LEU A CD1 1 
ATOM   125  C CD2 . LEU A 1 16  ? -7.584  -1.888  12.885  1.00 43.23 ? 17  LEU A CD2 1 
ATOM   126  N N   . ALA A 1 17  ? -5.920  -0.387  8.402   1.00 38.13 ? 18  ALA A N   1 
ATOM   127  C CA  . ALA A 1 17  ? -5.897  -0.413  6.937   1.00 37.39 ? 18  ALA A CA  1 
ATOM   128  C C   . ALA A 1 17  ? -7.296  -0.194  6.378   1.00 38.54 ? 18  ALA A C   1 
ATOM   129  O O   . ALA A 1 17  ? -7.493  0.683   5.545   1.00 38.65 ? 18  ALA A O   1 
ATOM   130  C CB  . ALA A 1 17  ? -5.356  -1.705  6.483   1.00 37.77 ? 18  ALA A CB  1 
ATOM   131  N N   . ILE A 1 18  ? -8.256  -1.009  6.836   1.00 39.21 ? 19  ILE A N   1 
ATOM   132  C CA  . ILE A 1 18  ? -9.676  -0.811  6.606   1.00 40.48 ? 19  ILE A CA  1 
ATOM   133  C C   . ILE A 1 18  ? -10.260 -0.056  7.846   1.00 41.45 ? 19  ILE A C   1 
ATOM   134  O O   . ILE A 1 18  ? -10.216 -0.546  8.987   1.00 42.03 ? 19  ILE A O   1 
ATOM   135  C CB  . ILE A 1 18  ? -10.427 -2.188  6.427   1.00 41.04 ? 19  ILE A CB  1 
ATOM   136  C CG1 . ILE A 1 18  ? -9.921  -2.961  5.215   1.00 40.79 ? 19  ILE A CG1 1 
ATOM   137  C CG2 . ILE A 1 18  ? -11.957 -1.994  6.300   1.00 40.72 ? 19  ILE A CG2 1 
ATOM   138  C CD1 . ILE A 1 18  ? -10.325 -4.414  5.254   1.00 40.54 ? 19  ILE A CD1 1 
ATOM   139  N N   . PRO A 1 19  ? -10.820 1.138   7.645   1.00 41.46 ? 20  PRO A N   1 
ATOM   140  C CA  . PRO A 1 19  ? -11.097 1.915   6.465   1.00 41.04 ? 20  PRO A CA  1 
ATOM   141  C C   . PRO A 1 19  ? -10.270 3.169   6.241   1.00 40.52 ? 20  PRO A C   1 
ATOM   142  O O   . PRO A 1 19  ? -10.727 4.024   5.482   1.00 41.39 ? 20  PRO A O   1 
ATOM   143  C CB  . PRO A 1 19  ? -12.465 2.444   6.806   1.00 41.91 ? 20  PRO A CB  1 
ATOM   144  C CG  . PRO A 1 19  ? -12.296 2.843   8.284   1.00 41.97 ? 20  PRO A CG  1 
ATOM   145  C CD  . PRO A 1 19  ? -11.345 1.806   8.861   1.00 41.95 ? 20  PRO A CD  1 
ATOM   146  N N   . SER A 1 20  ? -9.130  3.339   6.907   1.00 38.77 ? 21  SER A N   1 
ATOM   147  C CA  . SER A 1 20  ? -8.282  4.521   6.633   1.00 37.14 ? 21  SER A CA  1 
ATOM   148  C C   . SER A 1 20  ? -7.621  4.496   5.266   1.00 36.44 ? 21  SER A C   1 
ATOM   149  O O   . SER A 1 20  ? -7.386  5.531   4.668   1.00 36.02 ? 21  SER A O   1 
ATOM   150  C CB  . SER A 1 20  ? -7.183  4.654   7.674   1.00 35.94 ? 21  SER A CB  1 
ATOM   151  O OG  . SER A 1 20  ? -7.733  4.703   8.950   1.00 36.66 ? 21  SER A OG  1 
ATOM   152  N N   . TYR A 1 21  ? -7.295  3.306   4.792   1.00 35.75 ? 22  TYR A N   1 
ATOM   153  C CA  . TYR A 1 21  ? -6.510  3.172   3.579   1.00 36.24 ? 22  TYR A CA  1 
ATOM   154  C C   . TYR A 1 21  ? -7.157  2.284   2.521   1.00 37.23 ? 22  TYR A C   1 
ATOM   155  O O   . TYR A 1 21  ? -6.497  1.876   1.562   1.00 39.17 ? 22  TYR A O   1 
ATOM   156  C CB  . TYR A 1 21  ? -5.137  2.581   3.911   1.00 35.07 ? 22  TYR A CB  1 
ATOM   157  C CG  . TYR A 1 21  ? -4.254  3.518   4.642   1.00 33.14 ? 22  TYR A CG  1 
ATOM   158  C CD1 . TYR A 1 21  ? -3.719  4.653   4.011   1.00 32.31 ? 22  TYR A CD1 1 
ATOM   159  C CD2 . TYR A 1 21  ? -3.995  3.311   5.973   1.00 33.05 ? 22  TYR A CD2 1 
ATOM   160  C CE1 . TYR A 1 21  ? -2.890  5.532   4.712   1.00 32.54 ? 22  TYR A CE1 1 
ATOM   161  C CE2 . TYR A 1 21  ? -3.174  4.169   6.694   1.00 33.04 ? 22  TYR A CE2 1 
ATOM   162  C CZ  . TYR A 1 21  ? -2.621  5.265   6.053   1.00 33.38 ? 22  TYR A CZ  1 
ATOM   163  O OH  . TYR A 1 21  ? -1.850  6.074   6.801   1.00 33.87 ? 22  TYR A OH  1 
ATOM   164  N N   . SER A 1 22  ? -8.414  1.922   2.698   1.00 36.72 ? 23  SER A N   1 
ATOM   165  C CA  . SER A 1 22  ? -9.000  0.971   1.756   1.00 36.30 ? 23  SER A CA  1 
ATOM   166  C C   . SER A 1 22  ? -9.890  1.714   0.761   1.00 35.47 ? 23  SER A C   1 
ATOM   167  O O   . SER A 1 22  ? -10.256 1.151   -0.265  1.00 34.64 ? 23  SER A O   1 
ATOM   168  C CB  . SER A 1 22  ? -9.771  -0.132  2.494   1.00 36.08 ? 23  SER A CB  1 
ATOM   169  O OG  . SER A 1 22  ? -10.757 0.456   3.328   1.00 37.50 ? 23  SER A OG  1 
ATOM   170  N N   . SER A 1 23  ? -10.244 2.963   1.045   1.00 34.53 ? 24  SER A N   1 
ATOM   171  C CA  . SER A 1 23  ? -10.952 3.754   0.019   1.00 35.14 ? 24  SER A CA  1 
ATOM   172  C C   . SER A 1 23  ? -10.513 5.233   -0.049  1.00 34.23 ? 24  SER A C   1 
ATOM   173  O O   . SER A 1 23  ? -11.289 6.119   -0.462  1.00 33.11 ? 24  SER A O   1 
ATOM   174  C CB  . SER A 1 23  ? -12.476 3.655   0.161   1.00 35.45 ? 24  SER A CB  1 
ATOM   175  O OG  . SER A 1 23  ? -12.894 4.101   1.436   1.00 40.08 ? 24  SER A OG  1 
ATOM   176  N N   . TYR A 1 24  ? -9.245  5.464   0.301   1.00 32.32 ? 25  TYR A N   1 
ATOM   177  C CA  . TYR A 1 24  ? -8.643  6.773   0.221   1.00 30.45 ? 25  TYR A CA  1 
ATOM   178  C C   . TYR A 1 24  ? -8.224  7.167   -1.213  1.00 30.14 ? 25  TYR A C   1 
ATOM   179  O O   . TYR A 1 24  ? -7.537  6.413   -1.900  1.00 30.63 ? 25  TYR A O   1 
ATOM   180  C CB  . TYR A 1 24  ? -7.452  6.761   1.157   1.00 30.30 ? 25  TYR A CB  1 
ATOM   181  C CG  . TYR A 1 24  ? -6.834  8.081   1.448   1.00 29.58 ? 25  TYR A CG  1 
ATOM   182  C CD1 . TYR A 1 24  ? -5.939  8.680   0.542   1.00 27.91 ? 25  TYR A CD1 1 
ATOM   183  C CD2 . TYR A 1 24  ? -7.081  8.710   2.672   1.00 29.07 ? 25  TYR A CD2 1 
ATOM   184  C CE1 . TYR A 1 24  ? -5.348  9.921   0.845   1.00 29.06 ? 25  TYR A CE1 1 
ATOM   185  C CE2 . TYR A 1 24  ? -6.495  9.933   2.993   1.00 28.86 ? 25  TYR A CE2 1 
ATOM   186  C CZ  . TYR A 1 24  ? -5.641  10.535  2.087   1.00 28.18 ? 25  TYR A CZ  1 
ATOM   187  O OH  . TYR A 1 24  ? -5.075  11.725  2.437   1.00 31.63 ? 25  TYR A OH  1 
ATOM   188  N N   . GLY A 1 25  ? -8.592  8.375   -1.634  1.00 27.99 ? 26  GLY A N   1 
ATOM   189  C CA  . GLY A 1 25  ? -8.251  8.881   -2.937  1.00 28.45 ? 26  GLY A CA  1 
ATOM   190  C C   . GLY A 1 25  ? -8.594  8.058   -4.186  1.00 29.03 ? 26  GLY A C   1 
ATOM   191  O O   . GLY A 1 25  ? -9.642  7.407   -4.305  1.00 29.13 ? 26  GLY A O   1 
ATOM   192  N N   . CYS A 1 26  ? -7.685  8.106   -5.149  1.00 29.05 ? 27  CYS A N   1 
ATOM   193  C CA  . CYS A 1 26  ? -7.857  7.450   -6.404  1.00 28.60 ? 27  CYS A CA  1 
ATOM   194  C C   . CYS A 1 26  ? -7.277  6.081   -6.436  1.00 28.30 ? 27  CYS A C   1 
ATOM   195  O O   . CYS A 1 26  ? -7.749  5.277   -7.209  1.00 28.96 ? 27  CYS A O   1 
ATOM   196  C CB  . CYS A 1 26  ? -7.325  8.323   -7.522  1.00 29.09 ? 27  CYS A CB  1 
ATOM   197  S SG  . CYS A 1 26  ? -8.331  9.797   -7.665  1.00 32.87 ? 27  CYS A SG  1 
ATOM   198  N N   . TYR A 1 27  ? -6.296  5.786   -5.574  1.00 29.48 ? 28  TYR A N   1 
ATOM   199  C CA  . TYR A 1 27  ? -5.512  4.508   -5.635  1.00 29.54 ? 28  TYR A CA  1 
ATOM   200  C C   . TYR A 1 27  ? -5.534  3.585   -4.440  1.00 30.99 ? 28  TYR A C   1 
ATOM   201  O O   . TYR A 1 27  ? -5.219  2.422   -4.611  1.00 32.48 ? 28  TYR A O   1 
ATOM   202  C CB  . TYR A 1 27  ? -4.025  4.765   -6.049  1.00 28.39 ? 28  TYR A CB  1 
ATOM   203  C CG  . TYR A 1 27  ? -3.989  5.145   -7.466  1.00 27.48 ? 28  TYR A CG  1 
ATOM   204  C CD1 . TYR A 1 27  ? -4.070  6.482   -7.855  1.00 26.91 ? 28  TYR A CD1 1 
ATOM   205  C CD2 . TYR A 1 27  ? -3.958  4.171   -8.435  1.00 24.48 ? 28  TYR A CD2 1 
ATOM   206  C CE1 . TYR A 1 27  ? -4.088  6.828   -9.205  1.00 24.85 ? 28  TYR A CE1 1 
ATOM   207  C CE2 . TYR A 1 27  ? -3.971  4.501   -9.741  1.00 25.59 ? 28  TYR A CE2 1 
ATOM   208  C CZ  . TYR A 1 27  ? -4.062  5.828   -10.125 1.00 26.18 ? 28  TYR A CZ  1 
ATOM   209  O OH  . TYR A 1 27  ? -4.073  6.105   -11.471 1.00 30.23 ? 28  TYR A OH  1 
ATOM   210  N N   . CYS A 1 28  ? -5.851  4.066   -3.239  1.00 32.45 ? 29  CYS A N   1 
ATOM   211  C CA  . CYS A 1 28  ? -5.848  3.176   -2.077  1.00 35.18 ? 29  CYS A CA  1 
ATOM   212  C C   . CYS A 1 28  ? -7.084  2.243   -2.059  1.00 38.96 ? 29  CYS A C   1 
ATOM   213  O O   . CYS A 1 28  ? -8.242  2.695   -1.937  1.00 39.20 ? 29  CYS A O   1 
ATOM   214  C CB  . CYS A 1 28  ? -5.714  3.980   -0.774  1.00 33.67 ? 29  CYS A CB  1 
ATOM   215  S SG  . CYS A 1 28  ? -4.252  5.098   -0.763  1.00 29.67 ? 29  CYS A SG  1 
ATOM   216  N N   . GLY A 1 29  ? -6.847  0.948   -2.162  1.00 42.05 ? 30  GLY A N   1 
ATOM   217  C CA  . GLY A 1 29  ? -7.954  -0.001  -2.232  1.00 48.14 ? 30  GLY A CA  1 
ATOM   218  C C   . GLY A 1 29  ? -8.318  -0.354  -3.655  1.00 51.52 ? 30  GLY A C   1 
ATOM   219  O O   . GLY A 1 29  ? -7.457  -0.377  -4.533  1.00 52.12 ? 30  GLY A O   1 
ATOM   220  N N   . TRP A 1 30  ? -9.602  -0.635  -3.873  1.00 56.42 ? 31  TRP A N   1 
ATOM   221  C CA  . TRP A 1 30  ? -10.133 -1.053  -5.190  1.00 58.39 ? 31  TRP A CA  1 
ATOM   222  C C   . TRP A 1 30  ? -9.643  -0.188  -6.373  1.00 58.66 ? 31  TRP A C   1 
ATOM   223  O O   . TRP A 1 30  ? -9.807  1.063   -6.373  1.00 59.38 ? 31  TRP A O   1 
ATOM   224  C CB  . TRP A 1 30  ? -11.689 -1.135  -5.183  1.00 60.74 ? 31  TRP A CB  1 
ATOM   225  C CG  . TRP A 1 30  ? -12.324 -1.848  -6.440  1.00 61.21 ? 31  TRP A CG  1 
ATOM   226  C CD1 . TRP A 1 30  ? -12.446 -3.215  -6.645  1.00 65.52 ? 31  TRP A CD1 1 
ATOM   227  C CD2 . TRP A 1 30  ? -12.908 -1.219  -7.619  1.00 65.53 ? 31  TRP A CD2 1 
ATOM   228  N NE1 . TRP A 1 30  ? -13.069 -3.461  -7.858  1.00 66.98 ? 31  TRP A NE1 1 
ATOM   229  C CE2 . TRP A 1 30  ? -13.359 -2.270  -8.478  1.00 66.31 ? 31  TRP A CE2 1 
ATOM   230  C CE3 . TRP A 1 30  ? -13.092 0.121   -8.027  1.00 66.38 ? 31  TRP A CE3 1 
ATOM   231  C CZ2 . TRP A 1 30  ? -13.982 -2.023  -9.722  1.00 65.61 ? 31  TRP A CZ2 1 
ATOM   232  C CZ3 . TRP A 1 30  ? -13.723 0.372   -9.275  1.00 65.79 ? 31  TRP A CZ3 1 
ATOM   233  C CH2 . TRP A 1 30  ? -14.157 -0.704  -10.101 1.00 65.49 ? 31  TRP A CH2 1 
ATOM   234  N N   . GLY A 1 31  ? -9.026  -0.865  -7.346  1.00 57.78 ? 32  GLY A N   1 
ATOM   235  C CA  . GLY A 1 31  ? -8.626  -0.256  -8.619  1.00 57.41 ? 32  GLY A CA  1 
ATOM   236  C C   . GLY A 1 31  ? -7.783  1.023   -8.589  1.00 56.02 ? 32  GLY A C   1 
ATOM   237  O O   . GLY A 1 31  ? -7.261  1.473   -7.560  1.00 56.89 ? 32  GLY A O   1 
ATOM   238  N N   . GLY A 1 32  ? -7.636  1.627   -9.739  1.00 54.48 ? 33  GLY A N   1 
ATOM   239  C CA  . GLY A 1 32  ? -6.884  2.836   -9.764  1.00 52.64 ? 33  GLY A CA  1 
ATOM   240  C C   . GLY A 1 32  ? -7.062  3.446   -11.107 1.00 50.84 ? 33  GLY A C   1 
ATOM   241  O O   . GLY A 1 32  ? -6.979  2.763   -12.111 1.00 51.16 ? 33  GLY A O   1 
ATOM   242  N N   . LYS A 1 33  ? -7.312  4.741   -11.104 1.00 49.61 ? 34  LYS A N   1 
ATOM   243  C CA  . LYS A 1 33  ? -7.476  5.509   -12.315 1.00 49.00 ? 34  LYS A CA  1 
ATOM   244  C C   . LYS A 1 33  ? -7.126  6.926   -11.924 1.00 46.55 ? 34  LYS A C   1 
ATOM   245  O O   . LYS A 1 33  ? -7.188  7.285   -10.744 1.00 45.00 ? 34  LYS A O   1 
ATOM   246  C CB  . LYS A 1 33  ? -8.940  5.438   -12.799 1.00 50.45 ? 34  LYS A CB  1 
ATOM   247  C CG  . LYS A 1 33  ? -9.117  5.544   -14.307 1.00 55.27 ? 34  LYS A CG  1 
ATOM   248  C CD  . LYS A 1 33  ? -10.520 5.060   -14.681 1.00 61.60 ? 34  LYS A CD  1 
ATOM   249  C CE  . LYS A 1 33  ? -10.513 4.003   -15.825 1.00 64.42 ? 34  LYS A CE  1 
ATOM   250  N NZ  . LYS A 1 33  ? -11.854 3.272   -15.979 1.00 62.46 ? 34  LYS A NZ  1 
ATOM   251  N N   . GLY A 1 34  ? -6.755  7.724   -12.911 1.00 44.56 ? 35  GLY A N   1 
ATOM   252  C CA  . GLY A 1 34  ? -6.507  9.126   -12.654 1.00 43.56 ? 35  GLY A CA  1 
ATOM   253  C C   . GLY A 1 34  ? -5.163  9.442   -12.025 1.00 42.39 ? 35  GLY A C   1 
ATOM   254  O O   . GLY A 1 34  ? -4.231  8.634   -12.023 1.00 41.43 ? 35  GLY A O   1 
ATOM   255  N N   . THR A 1 35  ? -5.101  10.656  -11.504 1.00 41.77 ? 36  THR A N   1 
ATOM   256  C CA  . THR A 1 35  ? -3.932  11.272  -10.914 1.00 41.42 ? 36  THR A CA  1 
ATOM   257  C C   . THR A 1 35  ? -4.069  11.197  -9.373  1.00 40.72 ? 36  THR A C   1 
ATOM   258  O O   . THR A 1 35  ? -5.106  11.641  -8.841  1.00 40.45 ? 36  THR A O   1 
ATOM   259  C CB  . THR A 1 35  ? -3.880  12.746  -11.413 1.00 41.59 ? 36  THR A CB  1 
ATOM   260  O OG1 . THR A 1 35  ? -3.493  12.734  -12.796 1.00 43.66 ? 36  THR A OG1 1 
ATOM   261  C CG2 . THR A 1 35  ? -2.907  13.621  -10.610 1.00 42.78 ? 36  THR A CG2 1 
ATOM   262  N N   . PRO A 1 36  ? -3.025  10.672  -8.652  1.00 39.23 ? 37  PRO A N   1 
ATOM   263  C CA  . PRO A 1 36  ? -3.155  10.502  -7.199  1.00 37.30 ? 37  PRO A CA  1 
ATOM   264  C C   . PRO A 1 36  ? -3.354  11.861  -6.556  1.00 36.30 ? 37  PRO A C   1 
ATOM   265  O O   . PRO A 1 36  ? -2.771  12.835  -7.024  1.00 36.76 ? 37  PRO A O   1 
ATOM   266  C CB  . PRO A 1 36  ? -1.813  9.866   -6.774  1.00 37.36 ? 37  PRO A CB  1 
ATOM   267  C CG  . PRO A 1 36  ? -1.184  9.382   -8.014  1.00 37.12 ? 37  PRO A CG  1 
ATOM   268  C CD  . PRO A 1 36  ? -1.697  10.235  -9.132  1.00 39.42 ? 37  PRO A CD  1 
ATOM   269  N N   . LYS A 1 37  ? -4.184  11.921  -5.514  1.00 34.66 ? 38  LYS A N   1 
ATOM   270  C CA  . LYS A 1 37  ? -4.622  13.180  -4.915  1.00 33.91 ? 38  LYS A CA  1 
ATOM   271  C C   . LYS A 1 37  ? -3.618  13.846  -3.978  1.00 33.19 ? 38  LYS A C   1 
ATOM   272  O O   . LYS A 1 37  ? -3.633  15.077  -3.795  1.00 33.50 ? 38  LYS A O   1 
ATOM   273  C CB  . LYS A 1 37  ? -5.933  12.944  -4.146  1.00 34.46 ? 38  LYS A CB  1 
ATOM   274  C CG  . LYS A 1 37  ? -7.125  12.457  -5.044  1.00 34.85 ? 38  LYS A CG  1 
ATOM   275  C CD  . LYS A 1 37  ? -7.263  13.206  -6.385  1.00 38.13 ? 38  LYS A CD  1 
ATOM   276  C CE  . LYS A 1 37  ? -7.561  14.683  -6.179  1.00 42.07 ? 38  LYS A CE  1 
ATOM   277  N NZ  . LYS A 1 37  ? -8.112  15.184  -7.451  1.00 44.03 ? 38  LYS A NZ  1 
ATOM   278  N N   . ASP A 1 38  ? -2.770  13.038  -3.356  1.00 30.52 ? 39  ASP A N   1 
ATOM   279  C CA  . ASP A 1 38  ? -1.822  13.553  -2.406  1.00 28.96 ? 39  ASP A CA  1 
ATOM   280  C C   . ASP A 1 38  ? -0.704  12.536  -2.206  1.00 28.48 ? 39  ASP A C   1 
ATOM   281  O O   . ASP A 1 38  ? -0.625  11.545  -2.966  1.00 27.43 ? 39  ASP A O   1 
ATOM   282  C CB  . ASP A 1 38  ? -2.527  13.957  -1.080  1.00 28.35 ? 39  ASP A CB  1 
ATOM   283  C CG  . ASP A 1 38  ? -2.967  12.802  -0.262  1.00 29.11 ? 39  ASP A CG  1 
ATOM   284  O OD1 . ASP A 1 38  ? -3.098  11.682  -0.798  1.00 29.34 ? 39  ASP A OD1 1 
ATOM   285  O OD2 . ASP A 1 38  ? -3.196  12.998  0.944   1.00 29.75 ? 39  ASP A OD2 1 
ATOM   286  N N   . ALA A 1 39  ? 0.146   12.783  -1.195  1.00 27.13 ? 40  ALA A N   1 
ATOM   287  C CA  . ALA A 1 39  ? 1.326   11.986  -0.966  1.00 26.25 ? 40  ALA A CA  1 
ATOM   288  C C   . ALA A 1 39  ? 0.925   10.533  -0.642  1.00 25.34 ? 40  ALA A C   1 
ATOM   289  O O   . ALA A 1 39  ? 1.516   9.608   -1.153  1.00 24.97 ? 40  ALA A O   1 
ATOM   290  C CB  . ALA A 1 39  ? 2.206   12.605  0.170   1.00 25.50 ? 40  ALA A CB  1 
ATOM   291  N N   . THR A 1 40  ? -0.065  10.374  0.240   1.00 25.08 ? 41  THR A N   1 
ATOM   292  C CA  . THR A 1 40  ? -0.610  9.070   0.686   1.00 23.76 ? 41  THR A CA  1 
ATOM   293  C C   . THR A 1 40  ? -1.185  8.261   -0.475  1.00 23.60 ? 41  THR A C   1 
ATOM   294  O O   . THR A 1 40  ? -0.918  7.074   -0.614  1.00 23.31 ? 41  THR A O   1 
ATOM   295  C CB  . THR A 1 40  ? -1.655  9.274   1.793   1.00 24.46 ? 41  THR A CB  1 
ATOM   296  O OG1 . THR A 1 40  ? -0.968  9.772   2.957   1.00 23.90 ? 41  THR A OG1 1 
ATOM   297  C CG2 . THR A 1 40  ? -2.336  7.942   2.123   1.00 20.59 ? 41  THR A CG2 1 
ATOM   298  N N   . ASP A 1 41  ? -1.900  8.951   -1.342  1.00 23.13 ? 42  ASP A N   1 
ATOM   299  C CA  . ASP A 1 41  ? -2.430  8.382   -2.569  1.00 24.42 ? 42  ASP A CA  1 
ATOM   300  C C   . ASP A 1 41  ? -1.312  7.965   -3.522  1.00 24.29 ? 42  ASP A C   1 
ATOM   301  O O   . ASP A 1 41  ? -1.436  6.939   -4.224  1.00 22.78 ? 42  ASP A O   1 
ATOM   302  C CB  . ASP A 1 41  ? -3.396  9.378   -3.261  1.00 22.80 ? 42  ASP A CB  1 
ATOM   303  C CG  . ASP A 1 41  ? -4.425  8.697   -4.115  1.00 25.49 ? 42  ASP A CG  1 
ATOM   304  O OD1 . ASP A 1 41  ? -4.663  7.477   -3.937  1.00 23.28 ? 42  ASP A OD1 1 
ATOM   305  O OD2 . ASP A 1 41  ? -5.054  9.383   -4.954  1.00 28.23 ? 42  ASP A OD2 1 
ATOM   306  N N   . ARG A 1 42  ? -0.247  8.777   -3.584  1.00 24.67 ? 43  ARG A N   1 
ATOM   307  C CA  . ARG A 1 42  ? 0.941   8.398   -4.369  1.00 26.10 ? 43  ARG A CA  1 
ATOM   308  C C   . ARG A 1 42  ? 1.572   7.135   -3.800  1.00 23.22 ? 43  ARG A C   1 
ATOM   309  O O   . ARG A 1 42  ? 1.986   6.286   -4.564  1.00 23.57 ? 43  ARG A O   1 
ATOM   310  C CB  . ARG A 1 42  ? 1.992   9.541   -4.578  1.00 25.31 ? 43  ARG A CB  1 
ATOM   311  C CG  . ARG A 1 42  ? 1.566   10.556  -5.606  1.00 31.82 ? 43  ARG A CG  1 
ATOM   312  C CD  . ARG A 1 42  ? 2.618   11.695  -5.989  1.00 32.60 ? 43  ARG A CD  1 
ATOM   313  N NE  . ARG A 1 42  ? 2.971   12.587  -4.854  1.00 42.73 ? 43  ARG A NE  1 
ATOM   314  C CZ  . ARG A 1 42  ? 2.297   13.668  -4.429  1.00 46.52 ? 43  ARG A CZ  1 
ATOM   315  N NH1 . ARG A 1 42  ? 1.160   14.060  -5.013  1.00 49.69 ? 43  ARG A NH1 1 
ATOM   316  N NH2 . ARG A 1 42  ? 2.758   14.366  -3.385  1.00 46.10 ? 43  ARG A NH2 1 
ATOM   317  N N   . CYS A 1 43  ? 1.600   6.978   -2.486  1.00 22.27 ? 44  CYS A N   1 
ATOM   318  C CA  . CYS A 1 43  ? 2.101   5.741   -1.944  1.00 22.20 ? 44  CYS A CA  1 
ATOM   319  C C   . CYS A 1 43  ? 1.283   4.538   -2.486  1.00 22.85 ? 44  CYS A C   1 
ATOM   320  O O   . CYS A 1 43  ? 1.844   3.487   -2.717  1.00 22.01 ? 44  CYS A O   1 
ATOM   321  C CB  . CYS A 1 43  ? 2.012   5.673   -0.442  1.00 21.52 ? 44  CYS A CB  1 
ATOM   322  S SG  . CYS A 1 43  ? 2.804   6.924   0.549   1.00 24.66 ? 44  CYS A SG  1 
ATOM   323  N N   . CYS A 1 44  ? -0.046  4.680   -2.602  1.00 22.83 ? 45  CYS A N   1 
ATOM   324  C CA  . CYS A 1 44  ? -0.906  3.585   -3.034  1.00 23.02 ? 45  CYS A CA  1 
ATOM   325  C C   . CYS A 1 44  ? -0.664  3.344   -4.510  1.00 23.44 ? 45  CYS A C   1 
ATOM   326  O O   . CYS A 1 44  ? -0.555  2.204   -4.926  1.00 24.14 ? 45  CYS A O   1 
ATOM   327  C CB  . CYS A 1 44  ? -2.383  3.938   -2.779  1.00 22.50 ? 45  CYS A CB  1 
ATOM   328  S SG  . CYS A 1 44  ? -2.697  3.849   -1.049  1.00 26.81 ? 45  CYS A SG  1 
ATOM   329  N N   . PHE A 1 45  ? -0.558  4.422   -5.289  1.00 22.92 ? 46  PHE A N   1 
ATOM   330  C CA  . PHE A 1 45  ? -0.203  4.319   -6.679  1.00 24.61 ? 46  PHE A CA  1 
ATOM   331  C C   . PHE A 1 45  ? 1.109   3.502   -6.929  1.00 24.04 ? 46  PHE A C   1 
ATOM   332  O O   . PHE A 1 45  ? 1.155   2.633   -7.791  1.00 22.67 ? 46  PHE A O   1 
ATOM   333  C CB  . PHE A 1 45  ? -0.038  5.736   -7.297  1.00 25.13 ? 46  PHE A CB  1 
ATOM   334  C CG  . PHE A 1 45  ? 0.363   5.688   -8.734  1.00 28.22 ? 46  PHE A CG  1 
ATOM   335  C CD1 . PHE A 1 45  ? -0.577  5.346   -9.705  1.00 29.45 ? 46  PHE A CD1 1 
ATOM   336  C CD2 . PHE A 1 45  ? 1.703   5.886   -9.124  1.00 30.34 ? 46  PHE A CD2 1 
ATOM   337  C CE1 . PHE A 1 45  ? -0.219  5.220   -11.044 1.00 28.68 ? 46  PHE A CE1 1 
ATOM   338  C CE2 . PHE A 1 45  ? 2.063   5.778   -10.486 1.00 30.25 ? 46  PHE A CE2 1 
ATOM   339  C CZ  . PHE A 1 45  ? 1.094   5.454   -11.445 1.00 27.85 ? 46  PHE A CZ  1 
ATOM   340  N N   . VAL A 1 46  ? 2.181   3.874   -6.217  1.00 23.63 ? 47  VAL A N   1 
ATOM   341  C CA  . VAL A 1 46  ? 3.490   3.219   -6.312  1.00 22.54 ? 47  VAL A CA  1 
ATOM   342  C C   . VAL A 1 46  ? 3.342   1.745   -5.874  1.00 22.96 ? 47  VAL A C   1 
ATOM   343  O O   . VAL A 1 46  ? 3.839   0.839   -6.536  1.00 23.30 ? 47  VAL A O   1 
ATOM   344  C CB  . VAL A 1 46  ? 4.601   3.976   -5.519  1.00 21.99 ? 47  VAL A CB  1 
ATOM   345  C CG1 . VAL A 1 46  ? 5.908   3.157   -5.425  1.00 18.59 ? 47  VAL A CG1 1 
ATOM   346  C CG2 . VAL A 1 46  ? 4.893   5.283   -6.231  1.00 20.83 ? 47  VAL A CG2 1 
ATOM   347  N N   . HIS A 1 47  ? 2.581   1.520   -4.817  1.00 22.63 ? 48  HIS A N   1 
ATOM   348  C CA  . HIS A 1 47  ? 2.264   0.152   -4.359  1.00 21.86 ? 48  HIS A CA  1 
ATOM   349  C C   . HIS A 1 47  ? 1.537   -0.690  -5.435  1.00 21.49 ? 48  HIS A C   1 
ATOM   350  O O   . HIS A 1 47  ? 1.937   -1.824  -5.650  1.00 21.77 ? 48  HIS A O   1 
ATOM   351  C CB  . HIS A 1 47  ? 1.439   0.223   -3.044  1.00 20.27 ? 48  HIS A CB  1 
ATOM   352  C CG  . HIS A 1 47  ? 1.241   -1.114  -2.393  1.00 21.10 ? 48  HIS A CG  1 
ATOM   353  N ND1 . HIS A 1 47  ? 0.024   -1.749  -2.357  1.00 22.90 ? 48  HIS A ND1 1 
ATOM   354  C CD2 . HIS A 1 47  ? 2.127   -1.972  -1.833  1.00 18.07 ? 48  HIS A CD2 1 
ATOM   355  C CE1 . HIS A 1 47  ? 0.144   -2.899  -1.711  1.00 22.24 ? 48  HIS A CE1 1 
ATOM   356  N NE2 . HIS A 1 47  ? 1.407   -3.051  -1.367  1.00 21.51 ? 48  HIS A NE2 1 
ATOM   357  N N   . ASP A 1 48  ? 0.477   -0.144  -6.082  1.00 21.76 ? 49  ASP A N   1 
ATOM   358  C CA  . ASP A 1 48  ? -0.147  -0.786  -7.216  1.00 22.76 ? 49  ASP A CA  1 
ATOM   359  C C   . ASP A 1 48  ? 0.864   -1.094  -8.351  1.00 23.37 ? 49  ASP A C   1 
ATOM   360  O O   . ASP A 1 48  ? 0.862   -2.187  -8.916  1.00 24.56 ? 49  ASP A O   1 
ATOM   361  C CB  . ASP A 1 48  ? -1.260  0.103   -7.785  1.00 23.66 ? 49  ASP A CB  1 
ATOM   362  C CG  . ASP A 1 48  ? -2.554  0.084   -6.934  1.00 30.22 ? 49  ASP A CG  1 
ATOM   363  O OD1 . ASP A 1 48  ? -2.554  -0.485  -5.806  1.00 32.47 ? 49  ASP A OD1 1 
ATOM   364  O OD2 . ASP A 1 48  ? -3.567  0.698   -7.376  1.00 31.27 ? 49  ASP A OD2 1 
ATOM   365  N N   . CYS A 1 49  ? 1.719   -0.118  -8.685  1.00 22.62 ? 50  CYS A N   1 
ATOM   366  C CA  . CYS A 1 49  ? 2.817   -0.299  -9.645  1.00 23.18 ? 50  CYS A CA  1 
ATOM   367  C C   . CYS A 1 49  ? 3.755   -1.441  -9.261  1.00 21.96 ? 50  CYS A C   1 
ATOM   368  O O   . CYS A 1 49  ? 4.113   -2.252  -10.120 1.00 20.52 ? 50  CYS A O   1 
ATOM   369  C CB  . CYS A 1 49  ? 3.594   1.020   -9.880  1.00 23.44 ? 50  CYS A CB  1 
ATOM   370  S SG  . CYS A 1 49  ? 2.531   2.239   -10.688 1.00 26.75 ? 50  CYS A SG  1 
ATOM   371  N N   . CYS A 1 50  ? 4.082   -1.520  -7.969  1.00 21.53 ? 51  CYS A N   1 
ATOM   372  C CA  . CYS A 1 50  ? 4.995   -2.513  -7.458  1.00 23.06 ? 51  CYS A CA  1 
ATOM   373  C C   . CYS A 1 50  ? 4.418   -3.941  -7.683  1.00 23.58 ? 51  CYS A C   1 
ATOM   374  O O   . CYS A 1 50  ? 5.087   -4.844  -8.146  1.00 24.05 ? 51  CYS A O   1 
ATOM   375  C CB  . CYS A 1 50  ? 5.296   -2.229  -5.976  1.00 21.82 ? 51  CYS A CB  1 
ATOM   376  S SG  . CYS A 1 50  ? 6.754   -3.028  -5.320  1.00 21.12 ? 51  CYS A SG  1 
ATOM   377  N N   . TYR A 1 51  ? 3.164   -4.118  -7.342  1.00 25.05 ? 52  TYR A N   1 
ATOM   378  C CA  . TYR A 1 51  ? 2.454   -5.363  -7.566  1.00 25.69 ? 52  TYR A CA  1 
ATOM   379  C C   . TYR A 1 51  ? 2.371   -5.682  -9.066  1.00 26.22 ? 52  TYR A C   1 
ATOM   380  O O   . TYR A 1 51  ? 2.446   -6.848  -9.456  1.00 27.10 ? 52  TYR A O   1 
ATOM   381  C CB  . TYR A 1 51  ? 1.022   -5.204  -7.014  1.00 25.41 ? 52  TYR A CB  1 
ATOM   382  C CG  . TYR A 1 51  ? 0.842   -5.470  -5.534  1.00 24.63 ? 52  TYR A CG  1 
ATOM   383  C CD1 . TYR A 1 51  ? 1.942   -5.723  -4.702  1.00 22.91 ? 52  TYR A CD1 1 
ATOM   384  C CD2 . TYR A 1 51  ? -0.452  -5.488  -4.975  1.00 25.94 ? 52  TYR A CD2 1 
ATOM   385  C CE1 . TYR A 1 51  ? 1.778   -5.994  -3.335  1.00 22.80 ? 52  TYR A CE1 1 
ATOM   386  C CE2 . TYR A 1 51  ? -0.635  -5.745  -3.615  1.00 25.72 ? 52  TYR A CE2 1 
ATOM   387  C CZ  . TYR A 1 51  ? 0.492   -5.987  -2.804  1.00 24.20 ? 52  TYR A CZ  1 
ATOM   388  O OH  . TYR A 1 51  ? 0.306   -6.236  -1.440  1.00 23.93 ? 52  TYR A OH  1 
ATOM   389  N N   . GLY A 1 52  ? 2.149   -4.641  -9.872  1.00 25.49 ? 53  GLY A N   1 
ATOM   390  C CA  . GLY A 1 52  ? 2.132   -4.717  -11.327 1.00 26.75 ? 53  GLY A CA  1 
ATOM   391  C C   . GLY A 1 52  ? 3.383   -5.259  -11.957 1.00 27.92 ? 53  GLY A C   1 
ATOM   392  O O   . GLY A 1 52  ? 3.309   -5.832  -13.023 1.00 28.90 ? 53  GLY A O   1 
ATOM   393  N N   . ASN A 1 53  ? 4.519   -5.112  -11.284 1.00 28.91 ? 54  ASN A N   1 
ATOM   394  C CA  . ASN A 1 53  ? 5.775   -5.764  -11.640 1.00 30.08 ? 54  ASN A CA  1 
ATOM   395  C C   . ASN A 1 53  ? 5.812   -7.283  -11.379 1.00 30.12 ? 54  ASN A C   1 
ATOM   396  O O   . ASN A 1 53  ? 6.794   -7.911  -11.721 1.00 30.49 ? 54  ASN A O   1 
ATOM   397  C CB  . ASN A 1 53  ? 6.973   -5.197  -10.848 1.00 29.60 ? 54  ASN A CB  1 
ATOM   398  C CG  . ASN A 1 53  ? 7.270   -3.749  -11.165 1.00 36.05 ? 54  ASN A CG  1 
ATOM   399  O OD1 . ASN A 1 53  ? 7.065   -3.284  -12.303 1.00 39.47 ? 54  ASN A OD1 1 
ATOM   400  N ND2 . ASN A 1 53  ? 7.733   -2.996  -10.132 1.00 35.45 ? 54  ASN A ND2 1 
ATOM   401  N N   . LEU A 1 54  ? 4.793   -7.865  -10.752 1.00 29.94 ? 55  LEU A N   1 
ATOM   402  C CA  . LEU A 1 54  ? 4.834   -9.304  -10.367 1.00 30.91 ? 55  LEU A CA  1 
ATOM   403  C C   . LEU A 1 54  ? 3.594   -9.991  -10.963 1.00 30.89 ? 55  LEU A C   1 
ATOM   404  O O   . LEU A 1 54  ? 2.711   -10.431 -10.226 1.00 31.50 ? 55  LEU A O   1 
ATOM   405  C CB  . LEU A 1 54  ? 4.834   -9.472  -8.818  1.00 30.33 ? 55  LEU A CB  1 
ATOM   406  C CG  . LEU A 1 54  ? 5.632   -8.480  -7.987  1.00 28.67 ? 55  LEU A CG  1 
ATOM   407  C CD1 . LEU A 1 54  ? 5.305   -8.521  -6.512  1.00 30.12 ? 55  LEU A CD1 1 
ATOM   408  C CD2 . LEU A 1 54  ? 7.109   -8.706  -8.178  1.00 28.18 ? 55  LEU A CD2 1 
ATOM   409  N N   . PRO A 1 55  ? 3.498   -10.035 -12.300 1.00 32.18 ? 56  PRO A N   1 
ATOM   410  C CA  . PRO A 1 55  ? 2.266   -10.557 -12.930 1.00 32.85 ? 56  PRO A CA  1 
ATOM   411  C C   . PRO A 1 55  ? 1.977   -12.026 -12.602 1.00 32.79 ? 56  PRO A C   1 
ATOM   412  O O   . PRO A 1 55  ? 0.791   -12.414 -12.508 1.00 34.03 ? 56  PRO A O   1 
ATOM   413  C CB  . PRO A 1 55  ? 2.523   -10.403 -14.443 1.00 33.26 ? 56  PRO A CB  1 
ATOM   414  C CG  . PRO A 1 55  ? 3.984   -10.196 -14.574 1.00 33.06 ? 56  PRO A CG  1 
ATOM   415  C CD  . PRO A 1 55  ? 4.505   -9.613  -13.291 1.00 32.18 ? 56  PRO A CD  1 
ATOM   416  N N   . ASP A 1 56  ? 2.999   -12.810 -12.309 1.00 39.85 ? 59  ASP A N   1 
ATOM   417  C CA  . ASP A 1 56  ? 2.572   -14.110 -11.888 1.00 41.33 ? 59  ASP A CA  1 
ATOM   418  C C   . ASP A 1 56  ? 2.673   -14.392 -10.329 1.00 40.65 ? 59  ASP A C   1 
ATOM   419  O O   . ASP A 1 56  ? 2.872   -15.548 -9.975  1.00 39.98 ? 59  ASP A O   1 
ATOM   420  C CB  . ASP A 1 56  ? 3.254   -15.164 -12.766 1.00 42.19 ? 59  ASP A CB  1 
ATOM   421  C CG  . ASP A 1 56  ? 3.050   -14.924 -14.253 1.00 44.33 ? 59  ASP A CG  1 
ATOM   422  O OD1 . ASP A 1 56  ? 4.048   -14.977 -14.983 1.00 48.38 ? 59  ASP A OD1 1 
ATOM   423  O OD2 . ASP A 1 56  ? 1.892   -14.697 -14.664 1.00 46.65 ? 59  ASP A OD2 1 
ATOM   424  N N   . CYS A 1 57  ? 2.540   -13.364 -9.411  1.00 25.11 ? 61  CYS A N   1 
ATOM   425  C CA  . CYS A 1 57  ? 2.455   -13.551 -7.981  1.00 25.08 ? 61  CYS A CA  1 
ATOM   426  C C   . CYS A 1 57  ? 1.045   -13.230 -7.653  1.00 24.37 ? 61  CYS A C   1 
ATOM   427  O O   . CYS A 1 57  ? 0.284   -12.841 -8.522  1.00 25.56 ? 61  CYS A O   1 
ATOM   428  C CB  . CYS A 1 57  ? 3.401   -12.621 -7.264  1.00 24.53 ? 61  CYS A CB  1 
ATOM   429  S SG  . CYS A 1 57  ? 5.140   -12.872 -7.778  1.00 24.09 ? 61  CYS A SG  1 
ATOM   430  N N   . ASN A 1 58  ? 0.572   -13.536 -6.458  1.00 26.90 ? 67  ASN A N   1 
ATOM   431  C CA  . ASN A 1 58  ? -0.765  -13.441 -5.954  1.00 27.81 ? 67  ASN A CA  1 
ATOM   432  C C   . ASN A 1 58  ? -0.641  -12.722 -4.614  1.00 28.39 ? 67  ASN A C   1 
ATOM   433  O O   . ASN A 1 58  ? -0.737  -13.338 -3.590  1.00 28.03 ? 67  ASN A O   1 
ATOM   434  C CB  . ASN A 1 58  ? -1.378  -14.850 -5.884  1.00 27.41 ? 67  ASN A CB  1 
ATOM   435  C CG  . ASN A 1 58  ? -1.556  -15.459 -7.283  1.00 28.28 ? 67  ASN A CG  1 
ATOM   436  O OD1 . ASN A 1 58  ? -2.514  -15.168 -7.937  1.00 31.63 ? 67  ASN A OD1 1 
ATOM   437  N ND2 . ASN A 1 58  ? -0.606  -16.259 -7.735  1.00 27.43 ? 67  ASN A ND2 1 
ATOM   438  N N   . PRO A 1 59  ? -0.430  -11.375 -4.664  1.00 30.61 ? 68  PRO A N   1 
ATOM   439  C CA  . PRO A 1 59  ? -0.062  -10.522 -3.520  1.00 30.61 ? 68  PRO A CA  1 
ATOM   440  C C   . PRO A 1 59  ? -1.131  -10.418 -2.446  1.00 31.51 ? 68  PRO A C   1 
ATOM   441  O O   . PRO A 1 59  ? -0.779  -10.351 -1.275  1.00 31.29 ? 68  PRO A O   1 
ATOM   442  C CB  . PRO A 1 59  ? 0.190   -9.171  -4.158  1.00 30.32 ? 68  PRO A CB  1 
ATOM   443  C CG  . PRO A 1 59  ? 0.179   -9.397  -5.631  1.00 32.52 ? 68  PRO A CG  1 
ATOM   444  C CD  . PRO A 1 59  ? -0.560  -10.585 -5.919  1.00 29.86 ? 68  PRO A CD  1 
ATOM   445  N N   . LYS A 1 60  ? -2.410  -10.468 -2.832  1.00 31.57 ? 69  LYS A N   1 
ATOM   446  C CA  . LYS A 1 60  ? -3.543  -10.544 -1.879  1.00 32.45 ? 69  LYS A CA  1 
ATOM   447  C C   . LYS A 1 60  ? -3.622  -11.816 -1.071  1.00 31.77 ? 69  LYS A C   1 
ATOM   448  O O   . LYS A 1 60  ? -4.026  -11.767 0.075   1.00 32.52 ? 69  LYS A O   1 
ATOM   449  C CB  . LYS A 1 60  ? -4.907  -10.258 -2.559  1.00 34.81 ? 69  LYS A CB  1 
ATOM   450  C CG  . LYS A 1 60  ? -5.031  -8.773  -2.992  1.00 36.69 ? 69  LYS A CG  1 
ATOM   451  C CD  . LYS A 1 60  ? -5.739  -8.612  -4.317  1.00 46.02 ? 69  LYS A CD  1 
ATOM   452  C CE  . LYS A 1 60  ? -5.830  -7.116  -4.711  1.00 48.09 ? 69  LYS A CE  1 
ATOM   453  N NZ  . LYS A 1 60  ? -7.246  -6.604  -4.591  1.00 54.77 ? 69  LYS A NZ  1 
ATOM   454  N N   . SER A 1 61  ? -3.189  -12.940 -1.619  1.00 31.19 ? 70  SER A N   1 
ATOM   455  C CA  . SER A 1 61  ? -3.394  -14.210 -0.920  1.00 31.41 ? 70  SER A CA  1 
ATOM   456  C C   . SER A 1 61  ? -2.144  -14.951 -0.486  1.00 30.86 ? 70  SER A C   1 
ATOM   457  O O   . SER A 1 61  ? -2.196  -15.856 0.372   1.00 31.66 ? 70  SER A O   1 
ATOM   458  C CB  . SER A 1 61  ? -4.284  -15.128 -1.766  1.00 32.50 ? 70  SER A CB  1 
ATOM   459  O OG  . SER A 1 61  ? -3.752  -15.335 -3.087  1.00 35.56 ? 70  SER A OG  1 
ATOM   460  N N   . ASP A 1 62  ? -1.008  -14.585 -1.063  1.00 29.05 ? 71  ASP A N   1 
ATOM   461  C CA  . ASP A 1 62  ? 0.222   -15.294 -0.763  1.00 27.30 ? 71  ASP A CA  1 
ATOM   462  C C   . ASP A 1 62  ? 0.823   -14.668 0.498   1.00 27.15 ? 71  ASP A C   1 
ATOM   463  O O   . ASP A 1 62  ? 1.123   -13.474 0.522   1.00 26.96 ? 71  ASP A O   1 
ATOM   464  C CB  . ASP A 1 62  ? 1.158   -15.267 -2.003  1.00 26.71 ? 71  ASP A CB  1 
ATOM   465  C CG  . ASP A 1 62  ? 2.424   -16.097 -1.838  1.00 23.86 ? 71  ASP A CG  1 
ATOM   466  O OD1 . ASP A 1 62  ? 2.624   -16.772 -0.811  1.00 24.29 ? 71  ASP A OD1 1 
ATOM   467  O OD2 . ASP A 1 62  ? 3.294   -16.025 -2.733  1.00 21.46 ? 71  ASP A OD2 1 
ATOM   468  N N   . ARG A 1 63  ? 1.026   -15.487 1.529   1.00 26.63 ? 72  ARG A N   1 
ATOM   469  C CA  . ARG A 1 63  ? 1.530   -15.009 2.812   1.00 26.75 ? 72  ARG A CA  1 
ATOM   470  C C   . ARG A 1 63  ? 3.031   -15.026 2.833   1.00 26.28 ? 72  ARG A C   1 
ATOM   471  O O   . ARG A 1 63  ? 3.647   -15.963 2.356   1.00 25.49 ? 72  ARG A O   1 
ATOM   472  C CB  . ARG A 1 63  ? 0.932   -15.835 3.959   1.00 27.37 ? 72  ARG A CB  1 
ATOM   473  C CG  . ARG A 1 63  ? -0.565  -15.675 3.889   1.00 30.75 ? 72  ARG A CG  1 
ATOM   474  C CD  . ARG A 1 63  ? -1.361  -16.353 4.907   1.00 40.42 ? 72  ARG A CD  1 
ATOM   475  N NE  . ARG A 1 63  ? -0.772  -16.184 6.196   1.00 49.51 ? 72  ARG A NE  1 
ATOM   476  C CZ  . ARG A 1 63  ? -1.339  -16.601 7.321   1.00 54.81 ? 72  ARG A CZ  1 
ATOM   477  N NH1 . ARG A 1 63  ? -2.552  -17.188 7.287   1.00 55.22 ? 72  ARG A NH1 1 
ATOM   478  N NH2 . ARG A 1 63  ? -0.684  -16.418 8.476   1.00 53.58 ? 72  ARG A NH2 1 
ATOM   479  N N   . TYR A 1 64  ? 3.629   -13.976 3.396   1.00 26.05 ? 73  TYR A N   1 
ATOM   480  C CA  . TYR A 1 64  ? 5.083   -14.001 3.666   1.00 26.19 ? 73  TYR A CA  1 
ATOM   481  C C   . TYR A 1 64  ? 5.303   -13.741 5.166   1.00 26.21 ? 73  TYR A C   1 
ATOM   482  O O   . TYR A 1 64  ? 4.378   -13.430 5.898   1.00 26.14 ? 73  TYR A O   1 
ATOM   483  C CB  . TYR A 1 64  ? 5.774   -12.951 2.818   1.00 24.61 ? 73  TYR A CB  1 
ATOM   484  C CG  . TYR A 1 64  ? 5.164   -11.560 3.044   1.00 26.41 ? 73  TYR A CG  1 
ATOM   485  C CD1 . TYR A 1 64  ? 5.483   -10.784 4.197   1.00 23.48 ? 73  TYR A CD1 1 
ATOM   486  C CD2 . TYR A 1 64  ? 4.237   -11.050 2.160   1.00 25.40 ? 73  TYR A CD2 1 
ATOM   487  C CE1 . TYR A 1 64  ? 4.938   -9.504  4.402   1.00 23.78 ? 73  TYR A CE1 1 
ATOM   488  C CE2 . TYR A 1 64  ? 3.679   -9.791  2.360   1.00 28.38 ? 73  TYR A CE2 1 
ATOM   489  C CZ  . TYR A 1 64  ? 4.043   -9.021  3.471   1.00 26.07 ? 73  TYR A CZ  1 
ATOM   490  O OH  . TYR A 1 64  ? 3.455   -7.809  3.618   1.00 25.31 ? 73  TYR A OH  1 
ATOM   491  N N   . LYS A 1 65  ? 6.546   -13.843 5.595   1.00 27.51 ? 74  LYS A N   1 
ATOM   492  C CA  . LYS A 1 65  ? 6.919   -13.608 6.962   1.00 29.41 ? 74  LYS A CA  1 
ATOM   493  C C   . LYS A 1 65  ? 7.842   -12.405 6.994   1.00 28.96 ? 74  LYS A C   1 
ATOM   494  O O   . LYS A 1 65  ? 8.646   -12.210 6.078   1.00 26.56 ? 74  LYS A O   1 
ATOM   495  C CB  . LYS A 1 65  ? 7.679   -14.813 7.543   1.00 30.78 ? 74  LYS A CB  1 
ATOM   496  C CG  . LYS A 1 65  ? 6.929   -16.139 7.435   1.00 36.42 ? 74  LYS A CG  1 
ATOM   497  C CD  . LYS A 1 65  ? 5.786   -16.188 8.467   1.00 43.43 ? 74  LYS A CD  1 
ATOM   498  C CE  . LYS A 1 65  ? 5.231   -17.639 8.609   1.00 47.07 ? 74  LYS A CE  1 
ATOM   499  N NZ  . LYS A 1 65  ? 3.976   -17.700 9.466   1.00 47.39 ? 74  LYS A NZ  1 
ATOM   500  N N   . TYR A 1 66  ? 7.721   -11.621 8.063   1.00 29.02 ? 75  TYR A N   1 
ATOM   501  C CA  . TYR A 1 66  ? 8.643   -10.533 8.306   1.00 31.46 ? 75  TYR A CA  1 
ATOM   502  C C   . TYR A 1 66  ? 8.782   -10.331 9.819   1.00 33.23 ? 75  TYR A C   1 
ATOM   503  O O   . TYR A 1 66  ? 7.953   -10.832 10.609  1.00 33.09 ? 75  TYR A O   1 
ATOM   504  C CB  . TYR A 1 66  ? 8.165   -9.247  7.644   1.00 30.43 ? 75  TYR A CB  1 
ATOM   505  C CG  . TYR A 1 66  ? 7.025   -8.570  8.386   1.00 31.33 ? 75  TYR A CG  1 
ATOM   506  C CD1 . TYR A 1 66  ? 7.274   -7.590  9.335   1.00 28.88 ? 75  TYR A CD1 1 
ATOM   507  C CD2 . TYR A 1 66  ? 5.690   -8.906  8.120   1.00 31.08 ? 75  TYR A CD2 1 
ATOM   508  C CE1 . TYR A 1 66  ? 6.199   -6.949  9.991   1.00 28.27 ? 75  TYR A CE1 1 
ATOM   509  C CE2 . TYR A 1 66  ? 4.632   -8.284  8.773   1.00 27.91 ? 75  TYR A CE2 1 
ATOM   510  C CZ  . TYR A 1 66  ? 4.895   -7.320  9.703   1.00 27.60 ? 75  TYR A CZ  1 
ATOM   511  O OH  . TYR A 1 66  ? 3.831   -6.709  10.324  1.00 27.32 ? 75  TYR A OH  1 
ATOM   512  N N   . LYS A 1 67  ? 9.840   -9.612  10.186  1.00 33.91 ? 76  LYS A N   1 
ATOM   513  C CA  . LYS A 1 67  ? 10.178  -9.357  11.561  1.00 35.27 ? 76  LYS A CA  1 
ATOM   514  C C   . LYS A 1 67  ? 10.639  -7.934  11.643  1.00 36.03 ? 76  LYS A C   1 
ATOM   515  O O   . LYS A 1 67  ? 10.844  -7.284  10.629  1.00 36.07 ? 76  LYS A O   1 
ATOM   516  C CB  . LYS A 1 67  ? 11.284  -10.298 12.007  1.00 35.00 ? 76  LYS A CB  1 
ATOM   517  C CG  . LYS A 1 67  ? 12.558  -10.133 11.211  1.00 36.10 ? 76  LYS A CG  1 
ATOM   518  C CD  . LYS A 1 67  ? 13.685  -10.856 11.850  1.00 40.02 ? 76  LYS A CD  1 
ATOM   519  C CE  . LYS A 1 67  ? 14.826  -11.037 10.852  1.00 42.60 ? 76  LYS A CE  1 
ATOM   520  N NZ  . LYS A 1 67  ? 16.053  -11.601 11.489  1.00 45.34 ? 76  LYS A NZ  1 
ATOM   521  N N   . ARG A 1 68  ? 10.783  -7.453  12.866  1.00 38.39 ? 77  ARG A N   1 
ATOM   522  C CA  . ARG A 1 68  ? 11.248  -6.097  13.142  1.00 41.09 ? 77  ARG A CA  1 
ATOM   523  C C   . ARG A 1 68  ? 12.617  -6.217  13.818  1.00 42.85 ? 77  ARG A C   1 
ATOM   524  O O   . ARG A 1 68  ? 12.734  -6.867  14.849  1.00 42.93 ? 77  ARG A O   1 
ATOM   525  C CB  . ARG A 1 68  ? 10.171  -5.308  13.912  1.00 40.69 ? 77  ARG A CB  1 
ATOM   526  C CG  . ARG A 1 68  ? 8.857   -5.371  13.144  1.00 41.62 ? 77  ARG A CG  1 
ATOM   527  C CD  . ARG A 1 68  ? 7.817   -4.302  13.368  1.00 40.24 ? 77  ARG A CD  1 
ATOM   528  N NE  . ARG A 1 68  ? 8.213   -3.076  12.741  1.00 38.21 ? 77  ARG A NE  1 
ATOM   529  C CZ  . ARG A 1 68  ? 7.497   -2.321  11.912  1.00 38.03 ? 77  ARG A CZ  1 
ATOM   530  N NH1 . ARG A 1 68  ? 6.256   -2.589  11.527  1.00 33.79 ? 77  ARG A NH1 1 
ATOM   531  N NH2 . ARG A 1 68  ? 8.083   -1.249  11.443  1.00 40.23 ? 77  ARG A NH2 1 
ATOM   532  N N   . VAL A 1 69  ? 13.651  -5.699  13.165  1.00 45.74 ? 78  VAL A N   1 
ATOM   533  C CA  . VAL A 1 69  ? 15.017  -5.668  13.717  1.00 48.21 ? 78  VAL A CA  1 
ATOM   534  C C   . VAL A 1 69  ? 15.260  -4.260  14.242  1.00 49.66 ? 78  VAL A C   1 
ATOM   535  O O   . VAL A 1 69  ? 15.565  -3.332  13.472  1.00 49.70 ? 78  VAL A O   1 
ATOM   536  C CB  . VAL A 1 69  ? 16.150  -6.108  12.724  1.00 48.31 ? 78  VAL A CB  1 
ATOM   537  C CG1 . VAL A 1 69  ? 17.549  -5.871  13.342  1.00 48.57 ? 78  VAL A CG1 1 
ATOM   538  C CG2 . VAL A 1 69  ? 16.002  -7.566  12.361  1.00 47.97 ? 78  VAL A CG2 1 
ATOM   539  N N   . ASN A 1 70  ? 15.121  -4.138  15.567  1.00 50.65 ? 79  ASN A N   1 
ATOM   540  C CA  . ASN A 1 70  ? 14.863  -2.862  16.213  1.00 51.51 ? 79  ASN A CA  1 
ATOM   541  C C   . ASN A 1 70  ? 13.583  -2.186  15.721  1.00 50.63 ? 79  ASN A C   1 
ATOM   542  O O   . ASN A 1 70  ? 12.503  -2.756  15.875  1.00 52.04 ? 79  ASN A O   1 
ATOM   543  C CB  . ASN A 1 70  ? 16.094  -1.941  16.239  1.00 52.96 ? 79  ASN A CB  1 
ATOM   544  C CG  . ASN A 1 70  ? 16.655  -1.780  17.666  1.00 55.56 ? 79  ASN A CG  1 
ATOM   545  O OD1 . ASN A 1 70  ? 15.972  -2.143  18.656  1.00 58.54 ? 79  ASN A OD1 1 
ATOM   546  N ND2 . ASN A 1 70  ? 17.881  -1.233  17.782  1.00 56.41 ? 79  ASN A ND2 1 
ATOM   547  N N   . GLY A 1 71  ? 13.628  -0.991  15.172  1.00 48.55 ? 80  GLY A N   1 
ATOM   548  C CA  . GLY A 1 71  ? 12.350  -0.635  14.461  1.00 46.23 ? 80  GLY A CA  1 
ATOM   549  C C   . GLY A 1 71  ? 11.994  -1.238  13.102  1.00 43.90 ? 80  GLY A C   1 
ATOM   550  O O   . GLY A 1 71  ? 10.835  -1.253  12.684  1.00 43.56 ? 80  GLY A O   1 
ATOM   551  N N   . ALA A 1 72  ? 13.028  -1.739  12.412  1.00 41.91 ? 81  ALA A N   1 
ATOM   552  C CA  . ALA A 1 72  ? 12.974  -1.900  10.979  1.00 40.01 ? 81  ALA A CA  1 
ATOM   553  C C   . ALA A 1 72  ? 12.258  -3.181  10.573  1.00 37.81 ? 81  ALA A C   1 
ATOM   554  O O   . ALA A 1 72  ? 12.502  -4.221  11.151  1.00 38.26 ? 81  ALA A O   1 
ATOM   555  C CB  . ALA A 1 72  ? 14.397  -1.822  10.380  1.00 39.68 ? 81  ALA A CB  1 
ATOM   556  N N   . ILE A 1 73  ? 11.361  -3.073  9.589   1.00 35.18 ? 82  ILE A N   1 
ATOM   557  C CA  . ILE A 1 73  ? 10.776  -4.217  8.897   1.00 31.90 ? 82  ILE A CA  1 
ATOM   558  C C   . ILE A 1 73  ? 11.845  -4.944  8.118   1.00 31.62 ? 82  ILE A C   1 
ATOM   559  O O   . ILE A 1 73  ? 12.560  -4.353  7.332   1.00 30.85 ? 82  ILE A O   1 
ATOM   560  C CB  . ILE A 1 73  ? 9.668   -3.762  7.895   1.00 32.41 ? 82  ILE A CB  1 
ATOM   561  C CG1 . ILE A 1 73  ? 8.526   -3.082  8.654   1.00 29.95 ? 82  ILE A CG1 1 
ATOM   562  C CG2 . ILE A 1 73  ? 9.106   -5.002  7.100   1.00 28.73 ? 82  ILE A CG2 1 
ATOM   563  C CD1 . ILE A 1 73  ? 7.593   -2.290  7.775   1.00 30.87 ? 82  ILE A CD1 1 
ATOM   564  N N   . VAL A 1 74  ? 11.968  -6.244  8.350   1.00 31.16 ? 83  VAL A N   1 
ATOM   565  C CA  . VAL A 1 74  ? 12.868  -7.093  7.577   1.00 30.17 ? 83  VAL A CA  1 
ATOM   566  C C   . VAL A 1 74  ? 12.037  -8.280  7.006   1.00 29.65 ? 83  VAL A C   1 
ATOM   567  O O   . VAL A 1 74  ? 11.429  -9.035  7.741   1.00 29.83 ? 83  VAL A O   1 
ATOM   568  C CB  . VAL A 1 74  ? 14.005  -7.608  8.416   1.00 29.19 ? 83  VAL A CB  1 
ATOM   569  C CG1 . VAL A 1 74  ? 14.949  -8.338  7.543   1.00 31.41 ? 83  VAL A CG1 1 
ATOM   570  C CG2 . VAL A 1 74  ? 14.738  -6.457  9.106   1.00 31.39 ? 83  VAL A CG2 1 
ATOM   571  N N   . CYS A 1 75  ? 11.996  -8.387  5.688   1.00 29.51 ? 84  CYS A N   1 
ATOM   572  C CA  . CYS A 1 75  ? 11.294  -9.471  4.994   1.00 29.15 ? 84  CYS A CA  1 
ATOM   573  C C   . CYS A 1 75  ? 12.105  -10.767 5.175   1.00 30.03 ? 84  CYS A C   1 
ATOM   574  O O   . CYS A 1 75  ? 13.300  -10.772 4.929   1.00 30.26 ? 84  CYS A O   1 
ATOM   575  C CB  . CYS A 1 75  ? 11.162  -9.109  3.522   1.00 27.19 ? 84  CYS A CB  1 
ATOM   576  S SG  . CYS A 1 75  ? 10.021  -7.742  3.221   1.00 26.44 ? 84  CYS A SG  1 
ATOM   577  N N   . GLU A 1 76  ? 11.476  -11.831 5.671   1.00 31.91 ? 85  GLU A N   1 
ATOM   578  C CA  . GLU A 1 76  ? 12.152  -13.148 5.785   1.00 34.53 ? 85  GLU A CA  1 
ATOM   579  C C   . GLU A 1 76  ? 12.237  -13.892 4.454   1.00 34.61 ? 85  GLU A C   1 
ATOM   580  O O   . GLU A 1 76  ? 11.547  -13.544 3.500   1.00 32.73 ? 85  GLU A O   1 
ATOM   581  C CB  . GLU A 1 76  ? 11.487  -13.987 6.860   1.00 35.37 ? 85  GLU A CB  1 
ATOM   582  C CG  . GLU A 1 76  ? 11.319  -13.137 8.139   1.00 41.36 ? 85  GLU A CG  1 
ATOM   583  C CD  . GLU A 1 76  ? 11.350  -13.918 9.412   1.00 47.24 ? 85  GLU A CD  1 
ATOM   584  O OE1 . GLU A 1 76  ? 10.275  -14.427 9.834   1.00 51.08 ? 85  GLU A OE1 1 
ATOM   585  O OE2 . GLU A 1 76  ? 12.456  -14.001 9.998   1.00 50.77 ? 85  GLU A OE2 1 
ATOM   586  N N   . LYS A 1 77  ? 13.152  -14.848 4.377   1.00 34.62 ? 86  LYS A N   1 
ATOM   587  C CA  . LYS A 1 77  ? 13.379  -15.577 3.143   1.00 36.84 ? 86  LYS A CA  1 
ATOM   588  C C   . LYS A 1 77  ? 12.215  -16.506 2.870   1.00 34.95 ? 86  LYS A C   1 
ATOM   589  O O   . LYS A 1 77  ? 11.650  -17.105 3.774   1.00 34.74 ? 86  LYS A O   1 
ATOM   590  C CB  . LYS A 1 77  ? 14.677  -16.388 3.198   1.00 37.14 ? 86  LYS A CB  1 
ATOM   591  C CG  . LYS A 1 77  ? 15.080  -17.063 1.873   1.00 40.82 ? 86  LYS A CG  1 
ATOM   592  C CD  . LYS A 1 77  ? 16.225  -18.062 2.103   1.00 40.35 ? 86  LYS A CD  1 
ATOM   593  C CE  . LYS A 1 77  ? 16.663  -18.832 0.830   1.00 43.38 ? 86  LYS A CE  1 
ATOM   594  N NZ  . LYS A 1 77  ? 17.619  -19.971 1.303   1.00 42.43 ? 86  LYS A NZ  1 
ATOM   595  N N   . GLY A 1 78  ? 11.267  -16.461 1.685   1.00 24.12 ? 88  GLY A N   1 
ATOM   596  C CA  . GLY A 1 78  ? 10.251  -17.437 1.323   1.00 24.81 ? 88  GLY A CA  1 
ATOM   597  C C   . GLY A 1 78  ? 10.514  -17.613 -0.132  1.00 24.38 ? 88  GLY A C   1 
ATOM   598  O O   . GLY A 1 78  ? 11.656  -17.612 -0.557  1.00 25.43 ? 88  GLY A O   1 
ATOM   599  N N   . THR A 1 79  ? 9.452   -17.745 -0.909  1.00 24.16 ? 89  THR A N   1 
ATOM   600  C CA  . THR A 1 79  ? 9.631   -17.956 -2.331  1.00 22.84 ? 89  THR A CA  1 
ATOM   601  C C   . THR A 1 79  ? 9.981   -16.598 -2.883  1.00 24.67 ? 89  THR A C   1 
ATOM   602  O O   . THR A 1 79  ? 9.909   -15.561 -2.186  1.00 23.28 ? 89  THR A O   1 
ATOM   603  C CB  . THR A 1 79  ? 8.320   -18.462 -2.939  1.00 22.67 ? 89  THR A CB  1 
ATOM   604  O OG1 . THR A 1 79  ? 7.284   -17.467 -2.795  1.00 20.58 ? 89  THR A OG1 1 
ATOM   605  C CG2 . THR A 1 79  ? 7.887   -19.778 -2.218  1.00 19.45 ? 89  THR A CG2 1 
ATOM   606  N N   . SER A 1 80  ? 10.321  -16.608 -4.144  1.00 23.37 ? 90  SER A N   1 
ATOM   607  C CA  . SER A 1 80  ? 10.673  -15.414 -4.812  1.00 25.93 ? 90  SER A CA  1 
ATOM   608  C C   . SER A 1 80  ? 9.497   -14.387 -4.853  1.00 24.45 ? 90  SER A C   1 
ATOM   609  O O   . SER A 1 80  ? 9.688   -13.203 -4.568  1.00 23.94 ? 90  SER A O   1 
ATOM   610  C CB  . SER A 1 80  ? 11.240  -15.833 -6.169  1.00 25.18 ? 90  SER A CB  1 
ATOM   611  O OG  . SER A 1 80  ? 11.069  -14.803 -7.045  1.00 32.52 ? 90  SER A OG  1 
ATOM   612  N N   . CYS A 1 81  ? 8.278   -14.872 -5.095  1.00 24.18 ? 91  CYS A N   1 
ATOM   613  C CA  . CYS A 1 81  ? 7.080   -14.050 -5.026  1.00 24.02 ? 91  CYS A CA  1 
ATOM   614  C C   . CYS A 1 81  ? 6.814   -13.410 -3.652  1.00 23.38 ? 91  CYS A C   1 
ATOM   615  O O   . CYS A 1 81  ? 6.466   -12.216 -3.551  1.00 21.84 ? 91  CYS A O   1 
ATOM   616  C CB  . CYS A 1 81  ? 5.812   -14.843 -5.446  1.00 24.37 ? 91  CYS A CB  1 
ATOM   617  S SG  . CYS A 1 81  ? 5.490   -14.835 -7.261  1.00 24.92 ? 91  CYS A SG  1 
ATOM   618  N N   . GLU A 1 82  ? 6.927   -14.228 -2.625  1.00 21.90 ? 92  GLU A N   1 
ATOM   619  C CA  . GLU A 1 82  ? 6.743   -13.773 -1.257  1.00 23.24 ? 92  GLU A CA  1 
ATOM   620  C C   . GLU A 1 82  ? 7.733   -12.646 -0.904  1.00 22.55 ? 92  GLU A C   1 
ATOM   621  O O   . GLU A 1 82  ? 7.345   -11.681 -0.220  1.00 23.67 ? 92  GLU A O   1 
ATOM   622  C CB  . GLU A 1 82  ? 6.895   -14.951 -0.311  1.00 22.04 ? 92  GLU A CB  1 
ATOM   623  C CG  . GLU A 1 82  ? 5.637   -15.730 -0.296  1.00 23.63 ? 92  GLU A CG  1 
ATOM   624  C CD  . GLU A 1 82  ? 5.794   -17.162 0.151   1.00 24.01 ? 92  GLU A CD  1 
ATOM   625  O OE1 . GLU A 1 82  ? 6.865   -17.545 0.624   1.00 25.26 ? 92  GLU A OE1 1 
ATOM   626  O OE2 . GLU A 1 82  ? 4.817   -17.920 0.044   1.00 25.76 ? 92  GLU A OE2 1 
ATOM   627  N N   . ASN A 1 83  ? 8.971   -12.756 -1.381  1.00 22.66 ? 93  ASN A N   1 
ATOM   628  C CA  . ASN A 1 83  ? 10.015  -11.799 -1.044  1.00 23.69 ? 93  ASN A CA  1 
ATOM   629  C C   . ASN A 1 83  ? 9.722   -10.454 -1.668  1.00 22.95 ? 93  ASN A C   1 
ATOM   630  O O   . ASN A 1 83  ? 9.827   -9.436  -1.022  1.00 22.96 ? 93  ASN A O   1 
ATOM   631  C CB  . ASN A 1 83  ? 11.391  -12.260 -1.521  1.00 25.15 ? 93  ASN A CB  1 
ATOM   632  C CG  . ASN A 1 83  ? 11.926  -13.492 -0.772  1.00 29.05 ? 93  ASN A CG  1 
ATOM   633  O OD1 . ASN A 1 83  ? 11.440  -13.881 0.274   1.00 33.36 ? 93  ASN A OD1 1 
ATOM   634  N ND2 . ASN A 1 83  ? 12.951  -14.119 -1.358  1.00 34.69 ? 93  ASN A ND2 1 
ATOM   635  N N   . ARG A 1 84  ? 9.326   -10.489 -2.925  1.00 21.20 ? 94  ARG A N   1 
ATOM   636  C CA  . ARG A 1 84  ? 9.021   -9.319  -3.697  1.00 22.65 ? 94  ARG A CA  1 
ATOM   637  C C   . ARG A 1 84  ? 7.717   -8.678  -3.278  1.00 21.61 ? 94  ARG A C   1 
ATOM   638  O O   . ARG A 1 84  ? 7.661   -7.469  -3.244  1.00 22.08 ? 94  ARG A O   1 
ATOM   639  C CB  . ARG A 1 84  ? 9.052   -9.650  -5.188  1.00 22.46 ? 94  ARG A CB  1 
ATOM   640  C CG  . ARG A 1 84  ? 10.501  -10.077 -5.592  1.00 25.57 ? 94  ARG A CG  1 
ATOM   641  C CD  . ARG A 1 84  ? 10.510  -10.834 -6.962  1.00 32.33 ? 94  ARG A CD  1 
ATOM   642  N NE  . ARG A 1 84  ? 10.284  -9.920  -8.088  1.00 36.89 ? 94  ARG A NE  1 
ATOM   643  C CZ  . ARG A 1 84  ? 9.841   -10.265 -9.315  1.00 42.52 ? 94  ARG A CZ  1 
ATOM   644  N NH1 . ARG A 1 84  ? 9.531   -11.533 -9.612  1.00 39.02 ? 94  ARG A NH1 1 
ATOM   645  N NH2 . ARG A 1 84  ? 9.681   -9.324  -10.263 1.00 40.31 ? 94  ARG A NH2 1 
ATOM   646  N N   . ILE A 1 85  ? 6.711   -9.474  -2.918  1.00 21.20 ? 95  ILE A N   1 
ATOM   647  C CA  . ILE A 1 85  ? 5.471   -8.926  -2.339  1.00 22.07 ? 95  ILE A CA  1 
ATOM   648  C C   . ILE A 1 85  ? 5.825   -8.186  -1.039  1.00 21.35 ? 95  ILE A C   1 
ATOM   649  O O   . ILE A 1 85  ? 5.449   -7.024  -0.835  1.00 22.04 ? 95  ILE A O   1 
ATOM   650  C CB  . ILE A 1 85  ? 4.387   -9.985  -1.901  1.00 20.89 ? 95  ILE A CB  1 
ATOM   651  C CG1 . ILE A 1 85  ? 4.077   -11.070 -2.960  1.00 26.18 ? 95  ILE A CG1 1 
ATOM   652  C CG2 . ILE A 1 85  ? 3.088   -9.264  -1.439  1.00 20.74 ? 95  ILE A CG2 1 
ATOM   653  C CD1 . ILE A 1 85  ? 3.598   -10.557 -4.157  1.00 26.38 ? 95  ILE A CD1 1 
ATOM   654  N N   . CYS A 1 86  ? 6.522   -8.870  -0.155  1.00 20.03 ? 96  CYS A N   1 
ATOM   655  C CA  . CYS A 1 86  ? 6.911   -8.242  1.062   1.00 19.83 ? 96  CYS A CA  1 
ATOM   656  C C   . CYS A 1 86  ? 7.652   -6.887  0.872   1.00 19.54 ? 96  CYS A C   1 
ATOM   657  O O   . CYS A 1 86  ? 7.407   -5.942  1.623   1.00 20.40 ? 96  CYS A O   1 
ATOM   658  C CB  . CYS A 1 86  ? 7.801   -9.208  1.875   1.00 18.79 ? 96  CYS A CB  1 
ATOM   659  S SG  . CYS A 1 86  ? 8.193   -8.523  3.491   1.00 24.18 ? 96  CYS A SG  1 
ATOM   660  N N   . GLU A 1 87  ? 8.629   -6.835  -0.040  1.00 20.59 ? 97  GLU A N   1 
ATOM   661  C CA  . GLU A 1 87  ? 9.313   -5.569  -0.317  1.00 21.32 ? 97  GLU A CA  1 
ATOM   662  C C   . GLU A 1 87  ? 8.335   -4.491  -0.819  1.00 21.31 ? 97  GLU A C   1 
ATOM   663  O O   . GLU A 1 87  ? 8.483   -3.370  -0.416  1.00 19.90 ? 97  GLU A O   1 
ATOM   664  C CB  . GLU A 1 87  ? 10.525  -5.735  -1.233  1.00 21.61 ? 97  GLU A CB  1 
ATOM   665  C CG  . GLU A 1 87  ? 11.680  -6.614  -0.578  1.00 24.56 ? 97  GLU A CG  1 
ATOM   666  C CD  . GLU A 1 87  ? 12.428  -5.886  0.550   1.00 28.75 ? 97  GLU A CD  1 
ATOM   667  O OE1 . GLU A 1 87  ? 12.385  -4.632  0.630   1.00 31.60 ? 97  GLU A OE1 1 
ATOM   668  O OE2 . GLU A 1 87  ? 13.053  -6.580  1.369   1.00 30.52 ? 97  GLU A OE2 1 
ATOM   669  N N   . CYS A 1 88  ? 7.341   -4.843  -1.656  1.00 20.79 ? 98  CYS A N   1 
ATOM   670  C CA  . CYS A 1 88  ? 6.331   -3.864  -2.082  1.00 21.40 ? 98  CYS A CA  1 
ATOM   671  C C   . CYS A 1 88  ? 5.524   -3.288  -0.908  1.00 22.42 ? 98  CYS A C   1 
ATOM   672  O O   . CYS A 1 88  ? 5.245   -2.054  -0.859  1.00 21.30 ? 98  CYS A O   1 
ATOM   673  C CB  . CYS A 1 88  ? 5.321   -4.431  -3.102  1.00 21.18 ? 98  CYS A CB  1 
ATOM   674  S SG  . CYS A 1 88  ? 6.074   -4.835  -4.674  1.00 23.29 ? 98  CYS A SG  1 
ATOM   675  N N   . ASP A 1 89  ? 5.136   -4.184  -0.010  1.00 20.69 ? 99  ASP A N   1 
ATOM   676  C CA  . ASP A 1 89  ? 4.251   -3.838  1.111   1.00 21.80 ? 99  ASP A CA  1 
ATOM   677  C C   . ASP A 1 89  ? 5.029   -3.000  2.138   1.00 21.81 ? 99  ASP A C   1 
ATOM   678  O O   . ASP A 1 89  ? 4.517   -1.997  2.640   1.00 22.44 ? 99  ASP A O   1 
ATOM   679  C CB  . ASP A 1 89  ? 3.769   -5.104  1.784   1.00 20.56 ? 99  ASP A CB  1 
ATOM   680  C CG  . ASP A 1 89  ? 2.658   -5.783  1.058   1.00 20.14 ? 99  ASP A CG  1 
ATOM   681  O OD1 . ASP A 1 89  ? 2.175   -5.299  0.007   1.00 18.38 ? 99  ASP A OD1 1 
ATOM   682  O OD2 . ASP A 1 89  ? 2.282   -6.852  1.556   1.00 24.14 ? 99  ASP A OD2 1 
ATOM   683  N N   . LYS A 1 90  ? 6.257   -3.442  2.429   1.00 21.16 ? 100 LYS A N   1 
ATOM   684  C CA  . LYS A 1 90  ? 7.138   -2.729  3.322   1.00 20.97 ? 100 LYS A CA  1 
ATOM   685  C C   . LYS A 1 90  ? 7.329   -1.267  2.864   1.00 21.56 ? 100 LYS A C   1 
ATOM   686  O O   . LYS A 1 90  ? 7.317   -0.311  3.702   1.00 22.84 ? 100 LYS A O   1 
ATOM   687  C CB  . LYS A 1 90  ? 8.481   -3.458  3.456   1.00 20.42 ? 100 LYS A CB  1 
ATOM   688  C CG  . LYS A 1 90  ? 9.564   -2.618  4.068   1.00 23.60 ? 100 LYS A CG  1 
ATOM   689  C CD  . LYS A 1 90  ? 10.943  -3.232  3.825   1.00 29.46 ? 100 LYS A CD  1 
ATOM   690  C CE  . LYS A 1 90  ? 11.942  -2.568  4.791   1.00 33.70 ? 100 LYS A CE  1 
ATOM   691  N NZ  . LYS A 1 90  ? 13.354  -3.035  4.572   1.00 34.77 ? 100 LYS A NZ  1 
ATOM   692  N N   . ALA A 1 91  ? 7.551   -1.078  1.579   1.00 18.99 ? 101 ALA A N   1 
ATOM   693  C CA  . ALA A 1 91  ? 7.756   0.258   1.056   1.00 19.74 ? 101 ALA A CA  1 
ATOM   694  C C   . ALA A 1 91  ? 6.508   1.114   1.214   1.00 20.28 ? 101 ALA A C   1 
ATOM   695  O O   . ALA A 1 91  ? 6.581   2.291   1.550   1.00 20.08 ? 101 ALA A O   1 
ATOM   696  C CB  . ALA A 1 91  ? 8.179   0.163   -0.448  1.00 17.89 ? 101 ALA A CB  1 
ATOM   697  N N   . ALA A 1 92  ? 5.345   0.558   0.879   1.00 20.76 ? 102 ALA A N   1 
ATOM   698  C CA  . ALA A 1 92  ? 4.060   1.251   1.144   1.00 21.29 ? 102 ALA A CA  1 
ATOM   699  C C   . ALA A 1 92  ? 3.842   1.674   2.626   1.00 21.04 ? 102 ALA A C   1 
ATOM   700  O O   . ALA A 1 92  ? 3.460   2.802   2.873   1.00 20.52 ? 102 ALA A O   1 
ATOM   701  C CB  . ALA A 1 92  ? 2.850   0.470   0.584   1.00 19.96 ? 102 ALA A CB  1 
ATOM   702  N N   . ALA A 1 93  ? 4.095   0.777   3.582   1.00 21.92 ? 103 ALA A N   1 
ATOM   703  C CA  . ALA A 1 93  ? 3.960   1.074   5.020   1.00 22.94 ? 103 ALA A CA  1 
ATOM   704  C C   . ALA A 1 93  ? 4.817   2.258   5.465   1.00 23.94 ? 103 ALA A C   1 
ATOM   705  O O   . ALA A 1 93  ? 4.402   3.083   6.271   1.00 23.22 ? 103 ALA A O   1 
ATOM   706  C CB  . ALA A 1 93  ? 4.346   -0.143  5.846   1.00 23.28 ? 103 ALA A CB  1 
ATOM   707  N N   . ILE A 1 94  ? 6.042   2.304   4.957   1.00 24.45 ? 104 ILE A N   1 
ATOM   708  C CA  . ILE A 1 94  ? 6.977   3.346   5.297   1.00 25.39 ? 104 ILE A CA  1 
ATOM   709  C C   . ILE A 1 94  ? 6.498   4.636   4.633   1.00 25.99 ? 104 ILE A C   1 
ATOM   710  O O   . ILE A 1 94  ? 6.516   5.710   5.228   1.00 25.92 ? 104 ILE A O   1 
ATOM   711  C CB  . ILE A 1 94  ? 8.381   2.947   4.761   1.00 25.30 ? 104 ILE A CB  1 
ATOM   712  C CG1 . ILE A 1 94  ? 8.935   1.732   5.531   1.00 29.39 ? 104 ILE A CG1 1 
ATOM   713  C CG2 . ILE A 1 94  ? 9.339   4.174   4.647   1.00 25.19 ? 104 ILE A CG2 1 
ATOM   714  C CD1 . ILE A 1 94  ? 10.206  1.952   6.289   1.00 39.72 ? 104 ILE A CD1 1 
ATOM   715  N N   . CYS A 1 95  ? 6.119   4.532   3.360   1.00 24.72 ? 105 CYS A N   1 
ATOM   716  C CA  . CYS A 1 95  ? 5.621   5.689   2.653   1.00 24.06 ? 105 CYS A CA  1 
ATOM   717  C C   . CYS A 1 95  ? 4.443   6.307   3.441   1.00 25.05 ? 105 CYS A C   1 
ATOM   718  O O   . CYS A 1 95  ? 4.396   7.533   3.579   1.00 24.34 ? 105 CYS A O   1 
ATOM   719  C CB  . CYS A 1 95  ? 5.245   5.324   1.212   1.00 21.38 ? 105 CYS A CB  1 
ATOM   720  S SG  . CYS A 1 95  ? 4.779   6.675   0.174   1.00 24.53 ? 105 CYS A SG  1 
ATOM   721  N N   . PHE A 1 96  ? 3.497   5.463   3.898   1.00 25.33 ? 106 PHE A N   1 
ATOM   722  C CA  . PHE A 1 96  ? 2.385   5.901   4.745   1.00 26.79 ? 106 PHE A CA  1 
ATOM   723  C C   . PHE A 1 96  ? 2.853   6.623   6.010   1.00 27.21 ? 106 PHE A C   1 
ATOM   724  O O   . PHE A 1 96  ? 2.358   7.688   6.332   1.00 27.32 ? 106 PHE A O   1 
ATOM   725  C CB  . PHE A 1 96  ? 1.461   4.721   5.170   1.00 25.63 ? 106 PHE A CB  1 
ATOM   726  C CG  . PHE A 1 96  ? 0.652   4.144   4.040   1.00 26.74 ? 106 PHE A CG  1 
ATOM   727  C CD1 . PHE A 1 96  ? 0.191   4.960   2.995   1.00 23.95 ? 106 PHE A CD1 1 
ATOM   728  C CD2 . PHE A 1 96  ? 0.356   2.767   4.014   1.00 29.05 ? 106 PHE A CD2 1 
ATOM   729  C CE1 . PHE A 1 96  ? -0.523  4.417   1.956   1.00 24.81 ? 106 PHE A CE1 1 
ATOM   730  C CE2 . PHE A 1 96  ? -0.378  2.201   2.933   1.00 26.64 ? 106 PHE A CE2 1 
ATOM   731  C CZ  . PHE A 1 96  ? -0.816  3.042   1.924   1.00 25.04 ? 106 PHE A CZ  1 
ATOM   732  N N   . ARG A 1 97  ? 3.793   6.011   6.718   1.00 27.92 ? 107 ARG A N   1 
ATOM   733  C CA  . ARG A 1 97  ? 4.377   6.587   7.905   1.00 29.12 ? 107 ARG A CA  1 
ATOM   734  C C   . ARG A 1 97  ? 5.017   7.936   7.572   1.00 29.32 ? 107 ARG A C   1 
ATOM   735  O O   . ARG A 1 97  ? 4.888   8.875   8.328   1.00 30.53 ? 107 ARG A O   1 
ATOM   736  C CB  . ARG A 1 97  ? 5.422   5.638   8.511   1.00 29.08 ? 107 ARG A CB  1 
ATOM   737  C CG  . ARG A 1 97  ? 6.218   6.261   9.689   1.00 31.45 ? 107 ARG A CG  1 
ATOM   738  C CD  . ARG A 1 97  ? 5.483   6.249   11.028  1.00 35.12 ? 107 ARG A CD  1 
ATOM   739  N NE  . ARG A 1 97  ? 5.027   7.588   11.298  1.00 43.87 ? 107 ARG A NE  1 
ATOM   740  C CZ  . ARG A 1 97  ? 5.649   8.487   12.062  1.00 44.53 ? 107 ARG A CZ  1 
ATOM   741  N NH1 . ARG A 1 97  ? 6.751   8.198   12.740  1.00 44.66 ? 107 ARG A NH1 1 
ATOM   742  N NH2 . ARG A 1 97  ? 5.131   9.692   12.153  1.00 44.97 ? 107 ARG A NH2 1 
ATOM   743  N N   . GLN A 1 98  ? 5.665   8.056   6.427   1.00 29.44 ? 108 GLN A N   1 
ATOM   744  C CA  . GLN A 1 98  ? 6.353   9.259   6.117   1.00 30.16 ? 108 GLN A CA  1 
ATOM   745  C C   . GLN A 1 98  ? 5.394   10.407  5.791   1.00 30.76 ? 108 GLN A C   1 
ATOM   746  O O   . GLN A 1 98  ? 5.765   11.558  5.926   1.00 30.70 ? 108 GLN A O   1 
ATOM   747  C CB  . GLN A 1 98  ? 7.327   8.989   4.969   1.00 31.75 ? 108 GLN A CB  1 
ATOM   748  C CG  . GLN A 1 98  ? 8.189   10.142  4.522   1.00 34.24 ? 108 GLN A CG  1 
ATOM   749  C CD  . GLN A 1 98  ? 9.428   9.621   3.798   1.00 40.43 ? 108 GLN A CD  1 
ATOM   750  O OE1 . GLN A 1 98  ? 9.325   8.852   2.829   1.00 42.51 ? 108 GLN A OE1 1 
ATOM   751  N NE2 . GLN A 1 98  ? 10.599  10.000  4.290   1.00 39.31 ? 108 GLN A NE2 1 
ATOM   752  N N   . ASN A 1 99  ? 4.172   10.100  5.360   1.00 30.37 ? 109 ASN A N   1 
ATOM   753  C CA  . ASN A 1 99  ? 3.211   11.119  4.952   1.00 30.95 ? 109 ASN A CA  1 
ATOM   754  C C   . ASN A 1 99  ? 1.953   11.197  5.833   1.00 31.20 ? 109 ASN A C   1 
ATOM   755  O O   . ASN A 1 99  ? 0.933   11.737  5.398   1.00 31.33 ? 109 ASN A O   1 
ATOM   756  C CB  . ASN A 1 99  ? 2.811   10.907  3.490   1.00 30.22 ? 109 ASN A CB  1 
ATOM   757  C CG  . ASN A 1 99  ? 3.993   11.023  2.565   1.00 31.67 ? 109 ASN A CG  1 
ATOM   758  O OD1 . ASN A 1 99  ? 4.444   12.123  2.276   1.00 33.95 ? 109 ASN A OD1 1 
ATOM   759  N ND2 . ASN A 1 99  ? 4.540   9.897   2.144   1.00 30.86 ? 109 ASN A ND2 1 
ATOM   760  N N   . LEU A 1 100 ? 2.021   10.647  7.040   1.00 32.76 ? 110 LEU A N   1 
ATOM   761  C CA  . LEU A 1 100 ? 0.924   10.748  8.011   1.00 35.83 ? 110 LEU A CA  1 
ATOM   762  C C   . LEU A 1 100 ? 0.507   12.184  8.294   1.00 37.84 ? 110 LEU A C   1 
ATOM   763  O O   . LEU A 1 100 ? -0.654  12.424  8.625   1.00 39.11 ? 110 LEU A O   1 
ATOM   764  C CB  . LEU A 1 100 ? 1.316   10.137  9.332   1.00 35.00 ? 110 LEU A CB  1 
ATOM   765  C CG  . LEU A 1 100 ? 0.791   8.729   9.589   1.00 36.26 ? 110 LEU A CG  1 
ATOM   766  C CD1 . LEU A 1 100 ? 1.276   8.213   10.954  1.00 35.48 ? 110 LEU A CD1 1 
ATOM   767  C CD2 . LEU A 1 100 ? -0.712  8.702   9.519   1.00 37.03 ? 110 LEU A CD2 1 
ATOM   768  N N   . ASN A 1 101 ? 1.456   13.116  8.188   1.00 38.62 ? 111 ASN A N   1 
ATOM   769  C CA  . ASN A 1 101 ? 1.212   14.531  8.498   1.00 40.32 ? 111 ASN A CA  1 
ATOM   770  C C   . ASN A 1 101 ? 0.269   15.216  7.516   1.00 39.70 ? 111 ASN A C   1 
ATOM   771  O O   . ASN A 1 101 ? -0.459  16.125  7.911   1.00 40.17 ? 111 ASN A O   1 
ATOM   772  C CB  . ASN A 1 101 ? 2.522   15.353  8.711   1.00 41.68 ? 111 ASN A CB  1 
ATOM   773  C CG  . ASN A 1 101 ? 3.467   15.387  7.456   1.00 47.07 ? 111 ASN A CG  1 
ATOM   774  O OD1 . ASN A 1 101 ? 4.367   16.256  7.368   1.00 54.35 ? 111 ASN A OD1 1 
ATOM   775  N ND2 . ASN A 1 101 ? 3.308   14.421  6.524   1.00 49.62 ? 111 ASN A ND2 1 
ATOM   776  N N   . THR A 1 102 ? 0.272   14.777  6.256   1.00 38.28 ? 112 THR A N   1 
ATOM   777  C CA  . THR A 1 102 ? -0.628  15.304  5.259   1.00 36.89 ? 112 THR A CA  1 
ATOM   778  C C   . THR A 1 102 ? -1.842  14.387  4.994   1.00 36.66 ? 112 THR A C   1 
ATOM   779  O O   . THR A 1 102 ? -2.623  14.658  4.118   1.00 36.06 ? 112 THR A O   1 
ATOM   780  C CB  . THR A 1 102 ? 0.086   15.630  3.943   1.00 36.09 ? 112 THR A CB  1 
ATOM   781  O OG1 . THR A 1 102 ? 0.627   14.427  3.390   1.00 37.39 ? 112 THR A OG1 1 
ATOM   782  C CG2 . THR A 1 102 ? 1.213   16.678  4.160   1.00 34.72 ? 112 THR A CG2 1 
ATOM   783  N N   . TYR A 1 103 ? -2.011  13.327  5.761   1.00 37.55 ? 113 TYR A N   1 
ATOM   784  C CA  . TYR A 1 103 ? -3.159  12.464  5.569   1.00 38.53 ? 113 TYR A CA  1 
ATOM   785  C C   . TYR A 1 103 ? -4.418  13.317  5.778   1.00 39.71 ? 113 TYR A C   1 
ATOM   786  O O   . TYR A 1 103 ? -4.504  14.057  6.756   1.00 41.07 ? 113 TYR A O   1 
ATOM   787  C CB  . TYR A 1 103 ? -3.094  11.260  6.551   1.00 38.84 ? 113 TYR A CB  1 
ATOM   788  C CG  . TYR A 1 103 ? -4.294  10.328  6.476   1.00 37.20 ? 113 TYR A CG  1 
ATOM   789  C CD1 . TYR A 1 103 ? -5.525  10.704  7.032   1.00 37.47 ? 113 TYR A CD1 1 
ATOM   790  C CD2 . TYR A 1 103 ? -4.215  9.101   5.841   1.00 35.91 ? 113 TYR A CD2 1 
ATOM   791  C CE1 . TYR A 1 103 ? -6.675  9.884   6.956   1.00 37.51 ? 113 TYR A CE1 1 
ATOM   792  C CE2 . TYR A 1 103 ? -5.364  8.231   5.757   1.00 34.38 ? 113 TYR A CE2 1 
ATOM   793  C CZ  . TYR A 1 103 ? -6.590  8.642   6.324   1.00 39.08 ? 113 TYR A CZ  1 
ATOM   794  O OH  . TYR A 1 103 ? -7.735  7.839   6.277   1.00 38.57 ? 113 TYR A OH  1 
ATOM   795  N N   . SER A 1 104 ? -5.391  13.209  4.871   1.00 40.70 ? 114 SER A N   1 
ATOM   796  C CA  . SER A 1 104 ? -6.610  14.041  4.876   1.00 41.58 ? 114 SER A CA  1 
ATOM   797  C C   . SER A 1 104 ? -7.938  13.222  4.796   1.00 42.24 ? 114 SER A C   1 
ATOM   798  O O   . SER A 1 104 ? -8.221  12.574  3.784   1.00 39.74 ? 114 SER A O   1 
ATOM   799  C CB  . SER A 1 104 ? -6.528  15.013  3.711   1.00 42.32 ? 114 SER A CB  1 
ATOM   800  O OG  . SER A 1 104 ? -7.588  15.947  3.733   1.00 45.23 ? 114 SER A OG  1 
ATOM   801  N N   . LYS A 1 105 ? -8.739  13.277  5.874   1.00 43.23 ? 115 LYS A N   1 
ATOM   802  C CA  . LYS A 1 105 ? -10.087 12.671  5.910   1.00 45.26 ? 115 LYS A CA  1 
ATOM   803  C C   . LYS A 1 105 ? -10.973 13.066  4.706   1.00 44.46 ? 115 LYS A C   1 
ATOM   804  O O   . LYS A 1 105 ? -11.796 12.300  4.266   1.00 44.82 ? 115 LYS A O   1 
ATOM   805  C CB  . LYS A 1 105 ? -10.814 13.015  7.222   1.00 45.35 ? 115 LYS A CB  1 
ATOM   806  C CG  . LYS A 1 105 ? -10.209 12.404  8.502   1.00 47.46 ? 115 LYS A CG  1 
ATOM   807  C CD  . LYS A 1 105 ? -11.132 12.659  9.681   1.00 49.12 ? 115 LYS A CD  1 
ATOM   808  C CE  . LYS A 1 105 ? -10.432 12.480  11.028  1.00 55.38 ? 115 LYS A CE  1 
ATOM   809  N NZ  . LYS A 1 105 ? -11.352 12.813  12.172  1.00 59.28 ? 115 LYS A NZ  1 
ATOM   810  N N   . LYS A 1 106 ? -10.802 14.273  4.199   1.00 44.29 ? 116 LYS A N   1 
ATOM   811  C CA  . LYS A 1 106 ? -11.394 14.698  2.933   1.00 44.56 ? 116 LYS A CA  1 
ATOM   812  C C   . LYS A 1 106 ? -11.266 13.681  1.775   1.00 44.34 ? 116 LYS A C   1 
ATOM   813  O O   . LYS A 1 106 ? -12.061 13.720  0.809   1.00 44.02 ? 116 LYS A O   1 
ATOM   814  C CB  . LYS A 1 106 ? -10.747 16.027  2.524   1.00 44.58 ? 116 LYS A CB  1 
ATOM   815  C CG  . LYS A 1 106 ? -11.131 16.548  1.172   1.00 47.81 ? 116 LYS A CG  1 
ATOM   816  C CD  . LYS A 1 106 ? -10.330 17.782  0.864   1.00 53.76 ? 116 LYS A CD  1 
ATOM   817  C CE  . LYS A 1 106 ? -10.589 18.264  -0.565  1.00 58.19 ? 116 LYS A CE  1 
ATOM   818  N NZ  . LYS A 1 106 ? -9.685  19.417  -0.890  1.00 61.40 ? 116 LYS A NZ  1 
ATOM   819  N N   . TYR A 1 107 ? -10.251 12.810  1.849   1.00 42.94 ? 117 TYR A N   1 
ATOM   820  C CA  . TYR A 1 107 ? -10.016 11.863  0.774   1.00 42.05 ? 117 TYR A CA  1 
ATOM   821  C C   . TYR A 1 107 ? -10.543 10.470  1.074   1.00 40.80 ? 117 TYR A C   1 
ATOM   822  O O   . TYR A 1 107 ? -10.508 9.613   0.200   1.00 39.66 ? 117 TYR A O   1 
ATOM   823  C CB  . TYR A 1 107 ? -8.542  11.835  0.361   1.00 42.09 ? 117 TYR A CB  1 
ATOM   824  C CG  . TYR A 1 107 ? -8.091  13.119  -0.304  1.00 43.02 ? 117 TYR A CG  1 
ATOM   825  C CD1 . TYR A 1 107 ? -8.733  13.587  -1.469  1.00 44.12 ? 117 TYR A CD1 1 
ATOM   826  C CD2 . TYR A 1 107 ? -7.040  13.894  0.234   1.00 43.60 ? 117 TYR A CD2 1 
ATOM   827  C CE1 . TYR A 1 107 ? -8.328  14.785  -2.092  1.00 44.28 ? 117 TYR A CE1 1 
ATOM   828  C CE2 . TYR A 1 107 ? -6.606  15.102  -0.403  1.00 42.76 ? 117 TYR A CE2 1 
ATOM   829  C CZ  . TYR A 1 107 ? -7.255  15.525  -1.562  1.00 43.73 ? 117 TYR A CZ  1 
ATOM   830  O OH  . TYR A 1 107 ? -6.883  16.683  -2.211  1.00 42.95 ? 117 TYR A OH  1 
ATOM   831  N N   . MET A 1 108 ? -11.019 10.230  2.294   1.00 39.78 ? 118 MET A N   1 
ATOM   832  C CA  . MET A 1 108 ? -11.682 8.959   2.598   1.00 41.42 ? 118 MET A CA  1 
ATOM   833  C C   . MET A 1 108 ? -12.972 8.808   1.754   1.00 40.29 ? 118 MET A C   1 
ATOM   834  O O   . MET A 1 108 ? -13.724 9.779   1.607   1.00 40.01 ? 118 MET A O   1 
ATOM   835  C CB  . MET A 1 108 ? -12.071 8.909   4.062   1.00 41.00 ? 118 MET A CB  1 
ATOM   836  C CG  . MET A 1 108 ? -10.900 8.846   4.972   1.00 42.95 ? 118 MET A CG  1 
ATOM   837  S SD  . MET A 1 108 ? -11.448 8.697   6.661   1.00 46.75 ? 118 MET A SD  1 
ATOM   838  C CE  . MET A 1 108 ? -11.400 6.928   6.791   1.00 42.88 ? 118 MET A CE  1 
ATOM   839  N N   . LEU A 1 109 ? -13.216 7.625   1.195   1.00 39.34 ? 119 LEU A N   1 
ATOM   840  C CA  . LEU A 1 109 ? -14.443 7.407   0.382   1.00 39.82 ? 119 LEU A CA  1 
ATOM   841  C C   . LEU A 1 109 ? -14.544 8.318   -0.846  1.00 38.57 ? 119 LEU A C   1 
ATOM   842  O O   . LEU A 1 109 ? -15.666 8.649   -1.295  1.00 39.29 ? 119 LEU A O   1 
ATOM   843  C CB  . LEU A 1 109 ? -15.740 7.600   1.224   1.00 40.49 ? 119 LEU A CB  1 
ATOM   844  C CG  . LEU A 1 109 ? -16.083 6.642   2.364   1.00 41.13 ? 119 LEU A CG  1 
ATOM   845  C CD1 . LEU A 1 109 ? -17.095 7.282   3.286   1.00 41.21 ? 119 LEU A CD1 1 
ATOM   846  C CD2 . LEU A 1 109 ? -16.660 5.385   1.800   1.00 41.79 ? 119 LEU A CD2 1 
ATOM   847  N N   . TYR A 1 110 ? -13.393 8.700   -1.401  1.00 35.82 ? 120 TYR A N   1 
ATOM   848  C CA  . TYR A 1 110 ? -13.366 9.607   -2.512  1.00 33.88 ? 120 TYR A CA  1 
ATOM   849  C C   . TYR A 1 110 ? -14.159 9.064   -3.736  1.00 32.90 ? 120 TYR A C   1 
ATOM   850  O O   . TYR A 1 110 ? -14.072 7.898   -4.078  1.00 30.40 ? 120 TYR A O   1 
ATOM   851  C CB  . TYR A 1 110 ? -11.931 9.923   -2.841  1.00 33.46 ? 120 TYR A CB  1 
ATOM   852  C CG  . TYR A 1 110 ? -11.704 11.130  -3.672  1.00 32.93 ? 120 TYR A CG  1 
ATOM   853  C CD1 . TYR A 1 110 ? -11.788 12.416  -3.123  1.00 34.52 ? 120 TYR A CD1 1 
ATOM   854  C CD2 . TYR A 1 110 ? -11.307 10.995  -4.997  1.00 31.77 ? 120 TYR A CD2 1 
ATOM   855  C CE1 . TYR A 1 110 ? -11.529 13.535  -3.904  1.00 34.42 ? 120 TYR A CE1 1 
ATOM   856  C CE2 . TYR A 1 110 ? -11.028 12.085  -5.762  1.00 32.20 ? 120 TYR A CE2 1 
ATOM   857  C CZ  . TYR A 1 110 ? -11.123 13.346  -5.216  1.00 34.40 ? 120 TYR A CZ  1 
ATOM   858  O OH  . TYR A 1 110 ? -10.865 14.421  -6.025  1.00 37.85 ? 120 TYR A OH  1 
ATOM   859  N N   . PRO A 1 111 ? -14.983 9.919   -4.362  1.00 32.80 ? 121 PRO A N   1 
ATOM   860  C CA  . PRO A 1 111 ? -15.822 9.429   -5.465  1.00 33.30 ? 121 PRO A CA  1 
ATOM   861  C C   . PRO A 1 111 ? -14.980 9.135   -6.694  1.00 32.72 ? 121 PRO A C   1 
ATOM   862  O O   . PRO A 1 111 ? -14.045 9.905   -7.000  1.00 33.16 ? 121 PRO A O   1 
ATOM   863  C CB  . PRO A 1 111 ? -16.780 10.609  -5.774  1.00 33.52 ? 121 PRO A CB  1 
ATOM   864  C CG  . PRO A 1 111 ? -16.370 11.734  -4.939  1.00 32.62 ? 121 PRO A CG  1 
ATOM   865  C CD  . PRO A 1 111 ? -15.170 11.360  -4.104  1.00 33.76 ? 121 PRO A CD  1 
ATOM   866  N N   . ASP A 1 112 ? -15.320 8.047   -7.376  1.00 32.52 ? 122 ASP A N   1 
ATOM   867  C CA  . ASP A 1 112 ? -14.612 7.601   -8.540  1.00 33.41 ? 122 ASP A CA  1 
ATOM   868  C C   . ASP A 1 112 ? -14.483 8.717   -9.577  1.00 34.82 ? 122 ASP A C   1 
ATOM   869  O O   . ASP A 1 112 ? -13.474 8.842   -10.321 1.00 34.91 ? 122 ASP A O   1 
ATOM   870  C CB  . ASP A 1 112 ? -15.359 6.453   -9.140  1.00 33.54 ? 122 ASP A CB  1 
ATOM   871  C CG  . ASP A 1 112 ? -14.727 5.948   -10.426 1.00 34.43 ? 122 ASP A CG  1 
ATOM   872  O OD1 . ASP A 1 112 ? -15.109 6.413   -11.506 1.00 35.81 ? 122 ASP A OD1 1 
ATOM   873  O OD2 . ASP A 1 112 ? -13.916 5.013   -10.352 1.00 35.76 ? 122 ASP A OD2 1 
ATOM   874  N N   . PHE A 1 113 ? -15.545 9.482   -10.406 1.00 41.12 ? 124 PHE A N   1 
ATOM   875  C CA  . PHE A 1 113 ? -15.650 10.469  -11.433 1.00 40.71 ? 124 PHE A CA  1 
ATOM   876  C C   . PHE A 1 113 ? -14.653 11.625  -11.162 1.00 40.94 ? 124 PHE A C   1 
ATOM   877  O O   . PHE A 1 113 ? -14.291 12.353  -12.071 1.00 41.93 ? 124 PHE A O   1 
ATOM   878  C CB  . PHE A 1 113 ? -17.120 10.929  -11.521 1.00 40.29 ? 124 PHE A CB  1 
ATOM   879  C CG  . PHE A 1 113 ? -17.461 12.030  -10.582 1.00 39.92 ? 124 PHE A CG  1 
ATOM   880  C CD1 . PHE A 1 113 ? -17.560 11.799  -9.215  1.00 41.02 ? 124 PHE A CD1 1 
ATOM   881  C CD2 . PHE A 1 113 ? -17.670 13.318  -11.054 1.00 44.01 ? 124 PHE A CD2 1 
ATOM   882  C CE1 . PHE A 1 113 ? -17.868 12.836  -8.332  1.00 40.01 ? 124 PHE A CE1 1 
ATOM   883  C CE2 . PHE A 1 113 ? -17.980 14.363  -10.178 1.00 41.30 ? 124 PHE A CE2 1 
ATOM   884  C CZ  . PHE A 1 113 ? -18.053 14.117  -8.808  1.00 41.08 ? 124 PHE A CZ  1 
ATOM   885  N N   . LEU A 1 114 ? -14.202 11.820  -9.927  1.00 41.22 ? 125 LEU A N   1 
ATOM   886  C CA  . LEU A 1 114 ? -13.143 12.836  -9.684  1.00 41.66 ? 125 LEU A CA  1 
ATOM   887  C C   . LEU A 1 114 ? -11.687 12.276  -9.891  1.00 42.68 ? 125 LEU A C   1 
ATOM   888  O O   . LEU A 1 114 ? -10.678 12.995  -9.678  1.00 42.34 ? 125 LEU A O   1 
ATOM   889  C CB  . LEU A 1 114 ? -13.283 13.458  -8.295  1.00 41.13 ? 125 LEU A CB  1 
ATOM   890  C CG  . LEU A 1 114 ? -14.482 14.375  -8.053  1.00 41.96 ? 125 LEU A CG  1 
ATOM   891  C CD1 . LEU A 1 114 ? -14.687 14.565  -6.566  1.00 42.04 ? 125 LEU A CD1 1 
ATOM   892  C CD2 . LEU A 1 114 ? -14.336 15.721  -8.766  1.00 40.65 ? 125 LEU A CD2 1 
ATOM   893  N N   . CYS A 1 115 ? -11.580 10.999  -10.269 1.00 42.65 ? 126 CYS A N   1 
ATOM   894  C CA  . CYS A 1 115 ? -10.272 10.429  -10.523 1.00 43.89 ? 126 CYS A CA  1 
ATOM   895  C C   . CYS A 1 115 ? -9.969  10.527  -12.014 1.00 47.03 ? 126 CYS A C   1 
ATOM   896  O O   . CYS A 1 115 ? -10.243 9.601   -12.786 1.00 47.58 ? 126 CYS A O   1 
ATOM   897  C CB  . CYS A 1 115 ? -10.171 9.016   -9.950  1.00 41.95 ? 126 CYS A CB  1 
ATOM   898  S SG  . CYS A 1 115 ? -10.184 9.110   -8.184  1.00 33.36 ? 126 CYS A SG  1 
ATOM   899  N N   . LYS A 1 116 ? -9.455  11.699  -12.398 1.00 51.08 ? 127 LYS A N   1 
ATOM   900  C CA  . LYS A 1 116 ? -9.183  12.046  -13.794 1.00 55.16 ? 127 LYS A CA  1 
ATOM   901  C C   . LYS A 1 116 ? -7.692  12.281  -14.052 1.00 57.08 ? 127 LYS A C   1 
ATOM   902  O O   . LYS A 1 116 ? -6.980  12.869  -13.214 1.00 57.13 ? 127 LYS A O   1 
ATOM   903  C CB  . LYS A 1 116 ? -9.954  13.292  -14.229 1.00 55.52 ? 127 LYS A CB  1 
ATOM   904  C CG  . LYS A 1 116 ? -11.303 13.055  -14.909 1.00 59.47 ? 127 LYS A CG  1 
ATOM   905  C CD  . LYS A 1 116 ? -12.030 14.394  -15.020 1.00 63.15 ? 127 LYS A CD  1 
ATOM   906  C CE  . LYS A 1 116 ? -13.469 14.282  -14.506 1.00 67.56 ? 127 LYS A CE  1 
ATOM   907  N NZ  . LYS A 1 116 ? -13.903 15.393  -13.581 1.00 67.83 ? 127 LYS A NZ  1 
ATOM   908  N N   . GLY A 1 117 ? -7.251  11.832  -15.232 1.00 59.15 ? 128 GLY A N   1 
ATOM   909  C CA  . GLY A 1 117 ? -5.878  12.001  -15.677 1.00 61.86 ? 128 GLY A CA  1 
ATOM   910  C C   . GLY A 1 117 ? -5.299  10.669  -16.118 1.00 63.95 ? 128 GLY A C   1 
ATOM   911  O O   . GLY A 1 117 ? -5.925  9.596   -15.948 1.00 64.18 ? 128 GLY A O   1 
ATOM   912  N N   . GLU A 1 118 ? -4.120  10.744  -16.737 1.00 65.13 ? 129 GLU A N   1 
ATOM   913  C CA  . GLU A 1 118 ? -3.312  9.561   -17.027 1.00 66.88 ? 129 GLU A CA  1 
ATOM   914  C C   . GLU A 1 118 ? -2.069  9.594   -16.119 1.00 66.02 ? 129 GLU A C   1 
ATOM   915  O O   . GLU A 1 118 ? -1.422  10.646  -15.979 1.00 66.46 ? 129 GLU A O   1 
ATOM   916  C CB  . GLU A 1 118 ? -2.898  9.502   -18.515 1.00 66.91 ? 129 GLU A CB  1 
ATOM   917  C CG  . GLU A 1 118 ? -3.858  8.675   -19.400 1.00 69.57 ? 129 GLU A CG  1 
ATOM   918  C CD  . GLU A 1 118 ? -3.591  8.805   -20.925 1.00 70.34 ? 129 GLU A CD  1 
ATOM   919  O OE1 . GLU A 1 118 ? -3.201  9.918   -21.367 1.00 74.81 ? 129 GLU A OE1 1 
ATOM   920  O OE2 . GLU A 1 118 ? -3.794  7.807   -21.678 1.00 72.33 ? 129 GLU A OE2 1 
ATOM   921  N N   . LEU A 1 119 ? -1.765  8.464   -15.475 1.00 64.88 ? 130 LEU A N   1 
ATOM   922  C CA  . LEU A 1 119 ? -0.469  8.285   -14.829 1.00 63.12 ? 130 LEU A CA  1 
ATOM   923  C C   . LEU A 1 119 ? 0.050   6.873   -15.109 1.00 62.25 ? 130 LEU A C   1 
ATOM   924  O O   . LEU A 1 119 ? -0.552  5.881   -14.706 1.00 61.79 ? 130 LEU A O   1 
ATOM   925  C CB  . LEU A 1 119 ? -0.526  8.587   -13.334 1.00 62.75 ? 130 LEU A CB  1 
ATOM   926  C CG  . LEU A 1 119 ? 0.573   9.523   -12.785 1.00 63.45 ? 130 LEU A CG  1 
ATOM   927  C CD1 . LEU A 1 119 ? 0.884   9.225   -11.307 1.00 62.45 ? 130 LEU A CD1 1 
ATOM   928  C CD2 . LEU A 1 119 ? 1.885   9.524   -13.583 1.00 62.72 ? 130 LEU A CD2 1 
ATOM   929  N N   . LYS A 1 120 ? 1.147   6.800   -15.852 1.00 61.14 ? 131 LYS A N   1 
ATOM   930  C CA  . LYS A 1 120 ? 1.845   5.545   -16.087 1.00 60.38 ? 131 LYS A CA  1 
ATOM   931  C C   . LYS A 1 120 ? 2.781   5.229   -14.914 1.00 58.53 ? 131 LYS A C   1 
ATOM   932  O O   . LYS A 1 120 ? 3.513   6.077   -14.399 1.00 56.34 ? 131 LYS A O   1 
ATOM   933  C CB  . LYS A 1 120 ? 2.647   5.601   -17.382 1.00 60.70 ? 131 LYS A CB  1 
ATOM   934  C CG  . LYS A 1 120 ? 1.801   5.645   -18.595 1.00 63.34 ? 131 LYS A CG  1 
ATOM   935  C CD  . LYS A 1 120 ? 2.585   5.197   -19.817 1.00 68.28 ? 131 LYS A CD  1 
ATOM   936  C CE  . LYS A 1 120 ? 1.648   5.177   -21.047 1.00 70.47 ? 131 LYS A CE  1 
ATOM   937  N NZ  . LYS A 1 120 ? 1.290   6.520   -21.622 1.00 71.36 ? 131 LYS A NZ  1 
ATOM   938  N N   . CYS A 1 121 ? 2.992   3.701   -14.586 1.00 32.07 ? 133 CYS A N   1 
ATOM   939  C CA  . CYS A 1 121 ? 3.972   3.246   -13.594 1.00 32.67 ? 133 CYS A CA  1 
ATOM   940  C C   . CYS A 1 121 ? 5.375   3.561   -14.063 1.00 33.39 ? 133 CYS A C   1 
ATOM   941  O O   . CYS A 1 121 ? 6.222   4.044   -13.291 1.00 34.05 ? 133 CYS A O   1 
ATOM   942  C CB  . CYS A 1 121 ? 3.787   1.761   -13.337 1.00 32.88 ? 133 CYS A CB  1 
ATOM   943  S SG  . CYS A 1 121 ? 2.228   1.490   -12.568 1.00 30.28 ? 133 CYS A SG  1 
ATOM   944  O OXT . CYS A 1 121 ? 5.625   3.388   -15.252 1.00 34.35 ? 133 CYS A OXT 1 
HETATM 945  S S   . SO4 B 2 .   ? -8.800  16.643  7.366   0.50 70.97 ? 301 SO4 A S   1 
HETATM 946  O O1  . SO4 B 2 .   ? -10.127 16.213  6.927   0.50 70.35 ? 301 SO4 A O1  1 
HETATM 947  O O2  . SO4 B 2 .   ? -8.141  15.586  8.135   0.50 68.85 ? 301 SO4 A O2  1 
HETATM 948  O O3  . SO4 B 2 .   ? -8.978  17.807  8.228   0.50 70.73 ? 301 SO4 A O3  1 
HETATM 949  O O4  . SO4 B 2 .   ? -8.007  17.008  6.193   0.50 69.19 ? 301 SO4 A O4  1 
HETATM 950  C C1  . EUG C 3 .   ? -4.574  -0.518  0.299   0.50 52.61 ? 302 EUG A C1  1 
HETATM 951  C C2  . EUG C 3 .   ? -5.002  -1.021  -0.933  0.50 53.96 ? 302 EUG A C2  1 
HETATM 952  C C3  . EUG C 3 .   ? -4.294  -0.768  -2.113  0.50 53.47 ? 302 EUG A C3  1 
HETATM 953  C C4  . EUG C 3 .   ? -3.048  0.051   -2.017  0.50 52.36 ? 302 EUG A C4  1 
HETATM 954  C C5  . EUG C 3 .   ? -2.652  0.522   -0.762  0.50 52.36 ? 302 EUG A C5  1 
HETATM 955  C C6  . EUG C 3 .   ? -3.410  0.248   0.384   0.50 52.59 ? 302 EUG A C6  1 
HETATM 956  C C7  . EUG C 3 .   ? -5.370  -0.835  1.511   0.50 53.06 ? 302 EUG A C7  1 
HETATM 957  C C8  . EUG C 3 .   ? -5.362  -2.067  2.006   0.50 52.06 ? 302 EUG A C8  1 
HETATM 958  C C9  . EUG C 3 .   ? -4.878  -2.688  -3.554  0.50 54.93 ? 302 EUG A C9  1 
HETATM 959  O O3  . EUG C 3 .   ? -4.748  -1.274  -3.327  0.50 55.10 ? 302 EUG A O3  1 
HETATM 960  O O4  . EUG C 3 .   ? -2.303  0.322   -3.130  0.50 49.24 ? 302 EUG A O4  1 
HETATM 961  O O   . HOH D 4 .   ? -5.488  0.288   -6.206  1.00 40.20 ? 303 HOH A O   1 
HETATM 962  O O   . HOH D 4 .   ? 1.886   -17.194 -7.457  1.00 23.59 ? 304 HOH A O   1 
HETATM 963  O O   . HOH D 4 .   ? 4.476   2.541   -1.950  1.00 17.70 ? 305 HOH A O   1 
HETATM 964  O O   . HOH D 4 .   ? 2.375   -15.271 -5.007  1.00 24.57 ? 306 HOH A O   1 
HETATM 965  O O   . HOH D 4 .   ? -9.391  -3.550  -2.523  1.00 70.69 ? 307 HOH A O   1 
HETATM 966  O O   . HOH D 4 .   ? 4.674   -18.048 -3.618  1.00 25.62 ? 308 HOH A O   1 
HETATM 967  O O   . HOH D 4 .   ? 10.442  -19.090 -5.623  1.00 27.46 ? 309 HOH A O   1 
HETATM 968  O O   . HOH D 4 .   ? 5.392   -17.198 -10.406 1.00 31.25 ? 310 HOH A O   1 
HETATM 969  O O   . HOH D 4 .   ? 8.656   3.588   -13.795 1.00 34.31 ? 311 HOH A O   1 
HETATM 970  O O   . HOH D 4 .   ? -1.118  12.499  2.337   1.00 25.75 ? 312 HOH A O   1 
HETATM 971  O O   . HOH D 4 .   ? -0.474  8.280   5.388   1.00 29.03 ? 313 HOH A O   1 
HETATM 972  O O   . HOH D 4 .   ? 11.133  0.076   -1.903  1.00 62.73 ? 314 HOH A O   1 
HETATM 973  O O   . HOH D 4 .   ? 9.532   -6.055  -4.977  1.00 30.18 ? 315 HOH A O   1 
HETATM 974  O O   . HOH D 4 .   ? 4.289   9.610   -1.849  1.00 29.31 ? 316 HOH A O   1 
HETATM 975  O O   . HOH D 4 .   ? 0.460   15.651  0.372   1.00 34.45 ? 317 HOH A O   1 
HETATM 976  O O   . HOH D 4 .   ? -2.005  -13.059 -13.728 1.00 86.09 ? 318 HOH A O   1 
HETATM 977  O O   . HOH D 4 .   ? 13.695  -6.314  4.133   1.00 36.54 ? 319 HOH A O   1 
HETATM 978  O O   . HOH D 4 .   ? 8.159   7.552   0.803   1.00 36.09 ? 320 HOH A O   1 
HETATM 979  O O   . HOH D 4 .   ? 3.296   14.340  3.350   1.00 34.19 ? 321 HOH A O   1 
HETATM 980  O O   . HOH D 4 .   ? 10.940  -2.139  0.348   1.00 27.25 ? 322 HOH A O   1 
HETATM 981  O O   . HOH D 4 .   ? 0.730   -18.359 1.493   1.00 37.04 ? 323 HOH A O   1 
HETATM 982  O O   . HOH D 4 .   ? 5.773   -12.246 -11.570 1.00 31.68 ? 324 HOH A O   1 
HETATM 983  O O   . HOH D 4 .   ? -3.573  15.621  1.872   1.00 36.30 ? 325 HOH A O   1 
HETATM 984  O O   . HOH D 4 .   ? -9.507  4.616   -3.620  1.00 30.66 ? 326 HOH A O   1 
HETATM 985  O O   . HOH D 4 .   ? -17.378 7.628   -12.327 1.00 36.13 ? 327 HOH A O   1 
HETATM 986  O O   . HOH D 4 .   ? -4.695  -2.488  9.774   1.00 50.66 ? 328 HOH A O   1 
HETATM 987  O O   . HOH D 4 .   ? 15.250  -12.658 7.600   1.00 63.51 ? 329 HOH A O   1 
HETATM 988  O O   . HOH D 4 .   ? 6.645   9.721   -0.083  1.00 38.91 ? 330 HOH A O   1 
HETATM 989  O O   . HOH D 4 .   ? -7.238  12.795  -10.178 1.00 40.16 ? 331 HOH A O   1 
HETATM 990  O O   . HOH D 4 .   ? 14.299  -3.058  1.644   1.00 44.31 ? 332 HOH A O   1 
HETATM 991  O O   . HOH D 4 .   ? 16.515  -14.187 13.208  1.00 63.39 ? 333 HOH A O   1 
HETATM 992  O O   . HOH D 4 .   ? 4.305   -1.737  -12.795 1.00 38.25 ? 334 HOH A O   1 
HETATM 993  O O   . HOH D 4 .   ? 8.339   -15.189 3.772   1.00 37.90 ? 335 HOH A O   1 
HETATM 994  O O   . HOH D 4 .   ? -4.152  -14.371 3.719   1.00 78.00 ? 336 HOH A O   1 
HETATM 995  O O   . HOH D 4 .   ? 14.714  -15.505 6.687   1.00 42.78 ? 337 HOH A O   1 
HETATM 996  O O   . HOH D 4 .   ? 5.949   -6.793  13.783  1.00 55.99 ? 338 HOH A O   1 
HETATM 997  O O   . HOH D 4 .   ? 13.136  -17.645 6.023   1.00 44.16 ? 339 HOH A O   1 
HETATM 998  O O   . HOH D 4 .   ? 12.848  -11.767 1.645   1.00 41.09 ? 340 HOH A O   1 
HETATM 999  O O   . HOH D 4 .   ? 6.865   -16.519 -13.913 1.00 62.96 ? 341 HOH A O   1 
HETATM 1000 O O   . HOH D 4 .   ? -11.217 16.949  -4.314  1.00 62.56 ? 342 HOH A O   1 
HETATM 1001 O O   . HOH D 4 .   ? 0.586   -8.897  0.522   1.00 20.16 ? 343 HOH A O   1 
HETATM 1002 O O   . HOH D 4 .   ? 9.204   -12.883 2.320   1.00 52.37 ? 344 HOH A O   1 
HETATM 1003 O O   . HOH D 4 .   ? 7.996   0.538   -3.925  1.00 28.67 ? 345 HOH A O   1 
HETATM 1004 O O   . HOH D 4 .   ? 5.213   15.817  4.802   1.00 58.14 ? 346 HOH A O   1 
HETATM 1005 O O   . HOH D 4 .   ? 4.996   -17.447 4.278   1.00 50.33 ? 347 HOH A O   1 
HETATM 1006 O O   . HOH D 4 .   ? 11.502  -0.352  8.029   1.00 48.90 ? 348 HOH A O   1 
HETATM 1007 O O   . HOH D 4 .   ? 9.871   -9.271  15.177  1.00 54.75 ? 349 HOH A O   1 
HETATM 1008 O O   . HOH D 4 .   ? 8.808   -13.743 -8.436  1.00 36.11 ? 350 HOH A O   1 
HETATM 1009 O O   . HOH D 4 .   ? -10.585 4.964   -8.502  1.00 57.34 ? 351 HOH A O   1 
HETATM 1010 O O   . HOH D 4 .   ? 7.649   -5.171  -7.767  1.00 75.21 ? 352 HOH A O   1 
HETATM 1011 O O   . HOH D 4 .   ? 9.313   -1.625  -2.999  1.00 28.05 ? 353 HOH A O   1 
HETATM 1012 O O   . HOH D 4 .   ? -2.853  13.931  9.792   1.00 52.07 ? 354 HOH A O   1 
HETATM 1013 O O   . HOH D 4 .   ? -9.007  9.596   -15.401 1.00 61.53 ? 355 HOH A O   1 
HETATM 1014 O O   . HOH D 4 .   ? 5.791   -9.218  12.728  1.00 60.21 ? 356 HOH A O   1 
HETATM 1015 O O   . HOH D 4 .   ? -1.621  -3.669  -9.481  1.00 42.73 ? 357 HOH A O   1 
HETATM 1016 O O   . HOH D 4 .   ? 12.983  -8.969  -2.798  1.00 53.65 ? 358 HOH A O   1 
HETATM 1017 O O   . HOH D 4 .   ? 7.489   -17.707 4.241   1.00 48.49 ? 359 HOH A O   1 
HETATM 1018 O O   . HOH D 4 .   ? -5.633  -11.881 2.308   1.00 88.59 ? 360 HOH A O   1 
HETATM 1019 O O   . HOH D 4 .   ? -10.186 5.210   3.342   1.00 47.63 ? 361 HOH A O   1 
HETATM 1020 O O   . HOH D 4 .   ? 4.589   11.834  -3.221  1.00 41.32 ? 362 HOH A O   1 
HETATM 1021 O O   . HOH D 4 .   ? 12.685  -9.562  0.134   1.00 80.57 ? 363 HOH A O   1 
HETATM 1022 O O   . HOH D 4 .   ? 6.230   -14.445 -10.845 1.00 48.02 ? 364 HOH A O   1 
HETATM 1023 O O   . HOH D 4 .   ? 2.092   9.412   -16.703 1.00 67.95 ? 365 HOH A O   1 
HETATM 1024 O O   . HOH D 4 .   ? 17.459  -2.404  11.959  1.00 60.69 ? 366 HOH A O   1 
HETATM 1025 O O   . HOH D 4 .   ? -6.687  13.754  9.021   1.00 48.87 ? 367 HOH A O   1 
HETATM 1026 O O   . HOH D 4 .   ? 3.994   -20.394 -2.092  1.00 26.13 ? 368 HOH A O   1 
HETATM 1027 O O   . HOH D 4 .   ? 2.576   -16.097 7.652   1.00 57.61 ? 369 HOH A O   1 
HETATM 1028 O O   . HOH D 4 .   ? -10.468 15.542  9.556   1.00 80.08 ? 370 HOH A O   1 
HETATM 1029 O O   . HOH D 4 .   ? -0.151  -12.791 -15.374 1.00 70.10 ? 371 HOH A O   1 
HETATM 1030 O O   . HOH D 4 .   ? -3.085  6.867   -17.254 1.00 61.94 ? 372 HOH A O   1 
HETATM 1031 O O   . HOH D 4 .   ? -10.138 3.693   -6.003  1.00 61.26 ? 373 HOH A O   1 
HETATM 1032 O O   . HOH D 4 .   ? -8.130  10.698  10.256  1.00 60.36 ? 374 HOH A O   1 
HETATM 1033 O O   . HOH D 4 .   ? -11.332 1.934   -3.090  1.00 46.54 ? 375 HOH A O   1 
# 
